data_8Z0J
#
_entry.id   8Z0J
#
_cell.length_a   1.00
_cell.length_b   1.00
_cell.length_c   1.00
_cell.angle_alpha   90.00
_cell.angle_beta   90.00
_cell.angle_gamma   90.00
#
_symmetry.space_group_name_H-M   'P 1'
#
loop_
_entity.id
_entity.type
_entity.pdbx_description
1 polymer 'ABC transporter G family member 23-like Protein'
2 non-polymer "ADENOSINE-5'-TRIPHOSPHATE"
3 non-polymer 'MAGNESIUM ION'
#
_entity_poly.entity_id   1
_entity_poly.type   'polypeptide(L)'
_entity_poly.pdbx_seq_one_letter_code
;MGEDDKLKRMFSWSSNALSEGSAMGERVEPVVPGPDLVGVNVERPPAPLVHQQSTVWSKRQHAVCVRHAFKQYGSKKNPN
HVLSDLNMTVAKGTIYGLLGASGCGKTTLLSCIVGRRRLNTGEIWVLGGKPGTKGSGVPGKRVGYMPQEIALYGEFSIKE
TMMYFGWIFGMESSEINERLQFLLNFLDLPSQNRLVKNLSGGQQRRVSFAVALMHDPELLILDQPTVGVDPLLRQSIWNH
LVQITKDGNKTVIITTHYIEEARQAHTIGLMRSGKLLAEESPHVLLSMYGCQSLEEVFLKLSRKQGQANQNDINISNNIS
LATLNWGKKDSISVTEESGVVGLNFHQSKEILIADSTNGHIDLNGLGKPSSSKSSMADACDDCSCSDMTSWGKIKALLQK
NFLRMWRNVGVMLFIFALPVMQVILFCLAIGRDPTGLKLAIVNHEKNYTNQSYQECSFDYGCKFSYLSCRYLNNLRNSTI
LKEYYPDPESAVDAVKQGHAWGALYFTENFTDALVARMALGKDADPETLDQSEVRVWLDMSNQQIGIILQRDLQLSYQDF
AKDLLGACEQNPDLAEIPISFKEPIYGSNKPSFTDFVAPGVILTIVFFLAVALTSSALIIERMEGLLDRSWVAGVTPGEI
LFSHVVTQFVVMCGQTALVLIFMILVFGVQCKGDIGWVIVLTILQGLCGMCFGFVISAICELERNAIQLALGSFYPTLLL
SGVIWPIEGMPTVLRYVSTFLPLTLATTSLRAMLTRGWSIAEPAVYYGFLATIIWIVAFLTISMLVLRFKR
;
_entity_poly.pdbx_strand_id   A,B
#
loop_
_chem_comp.id
_chem_comp.type
_chem_comp.name
_chem_comp.formula
ATP non-polymer ADENOSINE-5'-TRIPHOSPHATE 'C10 H16 N5 O13 P3'
MG non-polymer 'MAGNESIUM ION' 'Mg 2'
#
# COMPACT_ATOMS: atom_id res chain seq x y z
N HIS A 62 -0.14 -22.21 48.30
CA HIS A 62 1.23 -21.77 48.54
C HIS A 62 1.73 -20.90 47.38
N ALA A 63 2.49 -21.53 46.47
CA ALA A 63 2.99 -20.79 45.31
C ALA A 63 1.85 -20.38 44.38
N VAL A 64 0.98 -21.32 44.03
CA VAL A 64 -0.15 -21.07 43.14
C VAL A 64 -1.38 -21.70 43.75
N CYS A 65 -2.49 -20.95 43.79
CA CYS A 65 -3.75 -21.49 44.28
C CYS A 65 -4.89 -20.69 43.67
N VAL A 66 -5.91 -21.39 43.19
CA VAL A 66 -7.10 -20.78 42.59
C VAL A 66 -8.32 -21.22 43.39
N ARG A 67 -9.17 -20.25 43.75
CA ARG A 67 -10.35 -20.51 44.56
C ARG A 67 -11.59 -20.13 43.78
N HIS A 68 -12.45 -21.12 43.52
CA HIS A 68 -13.76 -20.92 42.88
C HIS A 68 -13.61 -20.22 41.53
N ALA A 69 -12.91 -20.88 40.62
CA ALA A 69 -12.70 -20.34 39.29
C ALA A 69 -13.91 -20.61 38.40
N PHE A 70 -14.32 -19.58 37.65
CA PHE A 70 -15.45 -19.66 36.73
C PHE A 70 -15.02 -19.12 35.38
N LYS A 71 -15.34 -19.85 34.32
CA LYS A 71 -15.02 -19.41 32.96
C LYS A 71 -15.91 -20.14 31.97
N GLN A 72 -16.35 -19.43 30.94
CA GLN A 72 -17.09 -20.02 29.83
C GLN A 72 -16.66 -19.35 28.54
N TYR A 73 -16.81 -20.07 27.44
CA TYR A 73 -16.33 -19.62 26.14
C TYR A 73 -17.44 -19.22 25.18
N GLY A 74 -18.53 -19.99 25.11
CA GLY A 74 -19.60 -19.71 24.19
C GLY A 74 -20.41 -18.50 24.59
N SER A 75 -21.24 -18.05 23.65
CA SER A 75 -22.11 -16.91 23.87
C SER A 75 -23.28 -17.30 24.78
N LYS A 76 -24.16 -16.34 25.03
CA LYS A 76 -25.32 -16.59 25.88
C LYS A 76 -26.31 -17.52 25.18
N LYS A 77 -27.09 -18.22 25.99
CA LYS A 77 -28.09 -19.23 25.59
C LYS A 77 -27.44 -20.48 25.00
N ASN A 78 -26.12 -20.53 24.87
CA ASN A 78 -25.41 -21.72 24.41
C ASN A 78 -23.96 -21.66 24.88
N PRO A 79 -23.71 -21.71 26.19
CA PRO A 79 -22.34 -21.57 26.69
C PRO A 79 -21.58 -22.89 26.60
N ASN A 80 -20.27 -22.79 26.80
CA ASN A 80 -19.41 -23.97 26.79
C ASN A 80 -19.21 -24.55 28.18
N HIS A 81 -19.16 -23.71 29.20
CA HIS A 81 -18.96 -24.12 30.59
C HIS A 81 -17.71 -24.99 30.73
N VAL A 82 -16.58 -24.39 30.34
CA VAL A 82 -15.32 -25.12 30.34
C VAL A 82 -14.84 -25.40 31.77
N LEU A 83 -14.96 -24.41 32.65
CA LEU A 83 -14.52 -24.53 34.04
C LEU A 83 -15.67 -24.14 34.97
N SER A 84 -15.84 -24.91 36.05
CA SER A 84 -16.94 -24.69 36.98
C SER A 84 -16.47 -24.25 38.36
N ASP A 85 -15.64 -25.05 39.03
CA ASP A 85 -15.13 -24.68 40.35
C ASP A 85 -13.62 -24.52 40.34
N LEU A 86 -12.87 -25.54 39.94
CA LEU A 86 -11.42 -25.46 39.73
C LEU A 86 -10.70 -25.01 41.02
N ASN A 87 -10.78 -25.87 42.03
CA ASN A 87 -10.07 -25.66 43.28
C ASN A 87 -8.83 -26.55 43.31
N MET A 88 -7.66 -25.92 43.40
CA MET A 88 -6.40 -26.67 43.47
C MET A 88 -5.40 -25.87 44.29
N THR A 89 -4.29 -26.52 44.62
CA THR A 89 -3.24 -25.90 45.43
C THR A 89 -1.90 -26.51 45.05
N VAL A 90 -0.98 -25.66 44.59
CA VAL A 90 0.38 -26.09 44.28
C VAL A 90 1.26 -25.85 45.49
N ALA A 91 2.06 -26.87 45.85
CA ALA A 91 2.80 -26.84 47.10
C ALA A 91 4.07 -25.99 46.95
N LYS A 92 4.95 -26.06 47.96
CA LYS A 92 6.09 -25.16 48.02
C LYS A 92 7.17 -25.53 47.01
N GLY A 93 7.47 -26.82 46.86
CA GLY A 93 8.53 -27.23 45.97
C GLY A 93 8.26 -28.53 45.23
N THR A 94 6.97 -28.82 44.99
CA THR A 94 6.57 -30.08 44.40
C THR A 94 6.37 -29.95 42.89
N ILE A 95 6.44 -31.09 42.20
CA ILE A 95 6.24 -31.14 40.75
C ILE A 95 4.77 -31.49 40.53
N TYR A 96 3.99 -30.46 40.17
CA TYR A 96 2.55 -30.62 39.97
C TYR A 96 2.29 -31.13 38.55
N GLY A 97 1.86 -32.38 38.45
CA GLY A 97 1.50 -32.97 37.17
C GLY A 97 0.01 -32.85 36.93
N LEU A 98 -0.35 -32.09 35.89
CA LEU A 98 -1.74 -31.81 35.58
C LEU A 98 -2.15 -32.66 34.38
N LEU A 99 -2.60 -33.88 34.66
CA LEU A 99 -3.10 -34.77 33.63
C LEU A 99 -4.61 -34.65 33.50
N GLY A 100 -5.14 -35.16 32.39
CA GLY A 100 -6.56 -35.11 32.16
C GLY A 100 -6.90 -35.61 30.77
N ALA A 101 -8.19 -35.54 30.46
CA ALA A 101 -8.69 -35.99 29.17
C ALA A 101 -8.44 -34.93 28.09
N SER A 102 -8.51 -35.37 26.84
CA SER A 102 -8.33 -34.47 25.69
C SER A 102 -9.68 -33.87 25.34
N GLY A 103 -9.91 -32.64 25.78
CA GLY A 103 -11.15 -31.95 25.49
C GLY A 103 -11.63 -31.10 26.63
N CYS A 104 -11.18 -31.40 27.84
CA CYS A 104 -11.49 -30.59 29.01
C CYS A 104 -10.60 -29.34 29.00
N GLY A 105 -10.84 -28.44 29.96
CA GLY A 105 -10.08 -27.21 29.99
C GLY A 105 -8.78 -27.34 30.76
N LYS A 106 -7.70 -27.59 30.04
CA LYS A 106 -6.38 -27.79 30.64
C LYS A 106 -5.40 -26.70 30.21
N THR A 107 -5.26 -26.46 28.90
CA THR A 107 -4.43 -25.35 28.43
C THR A 107 -5.02 -24.01 28.86
N THR A 108 -6.35 -23.89 28.89
CA THR A 108 -6.96 -22.64 29.31
C THR A 108 -6.65 -22.32 30.77
N LEU A 109 -6.53 -23.35 31.63
CA LEU A 109 -6.16 -23.10 33.02
C LEU A 109 -4.75 -22.53 33.12
N LEU A 110 -3.80 -23.12 32.40
CA LEU A 110 -2.43 -22.61 32.41
C LEU A 110 -2.38 -21.19 31.83
N SER A 111 -3.13 -20.94 30.76
CA SER A 111 -3.17 -19.62 30.17
C SER A 111 -3.80 -18.59 31.10
N CYS A 112 -4.75 -19.00 31.94
CA CYS A 112 -5.33 -18.11 32.93
C CYS A 112 -4.42 -17.89 34.12
N ILE A 113 -3.56 -18.87 34.44
CA ILE A 113 -2.61 -18.70 35.54
C ILE A 113 -1.58 -17.63 35.21
N VAL A 114 -1.06 -17.65 33.98
CA VAL A 114 -0.04 -16.68 33.57
C VAL A 114 -0.62 -15.34 33.18
N GLY A 115 -1.93 -15.15 33.30
CA GLY A 115 -2.55 -13.88 33.00
C GLY A 115 -2.89 -13.66 31.54
N ARG A 116 -2.67 -14.65 30.68
CA ARG A 116 -3.02 -14.50 29.27
C ARG A 116 -4.53 -14.43 29.07
N ARG A 117 -5.30 -15.15 29.89
CA ARG A 117 -6.74 -15.12 29.83
C ARG A 117 -7.29 -14.77 31.21
N ARG A 118 -8.41 -14.05 31.23
CA ARG A 118 -9.00 -13.56 32.46
C ARG A 118 -10.23 -14.38 32.82
N LEU A 119 -10.30 -14.79 34.09
CA LEU A 119 -11.45 -15.54 34.57
C LEU A 119 -12.70 -14.66 34.57
N ASN A 120 -13.87 -15.31 34.56
CA ASN A 120 -15.12 -14.57 34.56
C ASN A 120 -15.49 -14.11 35.96
N THR A 121 -15.75 -15.04 36.87
CA THR A 121 -16.08 -14.74 38.27
C THR A 121 -15.29 -15.72 39.14
N GLY A 122 -14.08 -15.35 39.52
CA GLY A 122 -13.26 -16.25 40.31
C GLY A 122 -12.15 -15.52 41.03
N GLU A 123 -11.50 -16.26 41.93
CA GLU A 123 -10.38 -15.76 42.71
C GLU A 123 -9.12 -16.50 42.31
N ILE A 124 -8.07 -15.74 41.98
CA ILE A 124 -6.79 -16.29 41.58
C ILE A 124 -5.71 -15.76 42.51
N TRP A 125 -4.67 -16.55 42.75
CA TRP A 125 -3.61 -16.19 43.67
C TRP A 125 -2.36 -16.97 43.28
N VAL A 126 -1.39 -16.28 42.68
CA VAL A 126 -0.17 -16.92 42.18
C VAL A 126 1.03 -16.10 42.63
N LEU A 127 1.96 -16.75 43.34
CA LEU A 127 3.20 -16.12 43.82
C LEU A 127 2.91 -14.86 44.62
N GLY A 128 1.86 -14.91 45.44
CA GLY A 128 1.53 -13.79 46.29
C GLY A 128 0.69 -12.72 45.62
N GLY A 129 -0.45 -13.11 45.06
CA GLY A 129 -1.36 -12.18 44.42
C GLY A 129 -1.81 -12.68 43.07
N LYS A 130 -2.55 -11.81 42.37
CA LYS A 130 -3.10 -12.09 41.05
C LYS A 130 -2.19 -11.53 39.96
N PRO A 131 -2.20 -12.16 38.78
CA PRO A 131 -1.36 -11.66 37.68
C PRO A 131 -1.78 -10.27 37.24
N GLY A 132 -0.79 -9.51 36.76
CA GLY A 132 -1.02 -8.14 36.34
C GLY A 132 -1.04 -7.13 37.46
N THR A 133 -0.77 -7.54 38.69
CA THR A 133 -0.75 -6.66 39.84
C THR A 133 0.66 -6.59 40.42
N LYS A 134 1.02 -5.42 40.96
CA LYS A 134 2.36 -5.22 41.48
C LYS A 134 2.69 -6.14 42.64
N GLY A 135 1.68 -6.74 43.29
CA GLY A 135 1.94 -7.66 44.39
C GLY A 135 2.40 -9.03 43.97
N SER A 136 2.10 -9.45 42.73
CA SER A 136 2.45 -10.77 42.24
C SER A 136 3.39 -10.64 41.05
N GLY A 137 4.44 -11.46 41.05
CA GLY A 137 5.44 -11.40 40.00
C GLY A 137 5.23 -12.36 38.85
N VAL A 138 4.04 -12.36 38.27
CA VAL A 138 3.78 -13.16 37.07
C VAL A 138 4.38 -12.49 35.84
N PRO A 139 4.08 -11.21 35.54
CA PRO A 139 4.73 -10.59 34.38
C PRO A 139 6.13 -10.10 34.71
N GLY A 140 6.99 -11.03 35.13
CA GLY A 140 8.35 -10.71 35.51
C GLY A 140 9.34 -11.79 35.12
N LYS A 141 10.52 -11.76 35.74
CA LYS A 141 11.60 -12.69 35.43
C LYS A 141 11.58 -13.94 36.30
N ARG A 142 10.64 -14.04 37.25
CA ARG A 142 10.60 -15.15 38.18
C ARG A 142 9.54 -16.19 37.81
N VAL A 143 8.99 -16.12 36.60
CA VAL A 143 7.99 -17.07 36.13
C VAL A 143 8.45 -17.61 34.78
N GLY A 144 8.69 -18.92 34.71
CA GLY A 144 8.95 -19.55 33.44
C GLY A 144 7.68 -19.88 32.70
N TYR A 145 7.79 -19.95 31.37
CA TYR A 145 6.62 -20.20 30.54
C TYR A 145 7.07 -20.74 29.19
N MET A 146 6.71 -21.98 28.90
CA MET A 146 6.90 -22.57 27.58
C MET A 146 5.53 -22.86 26.99
N PRO A 147 5.18 -22.33 25.83
CA PRO A 147 3.85 -22.52 25.28
C PRO A 147 3.68 -23.91 24.68
N GLN A 148 2.41 -24.28 24.46
CA GLN A 148 2.11 -25.58 23.85
C GLN A 148 2.68 -25.67 22.45
N GLU A 149 2.52 -24.62 21.65
CA GLU A 149 3.09 -24.55 20.32
C GLU A 149 4.42 -23.81 20.34
N ILE A 150 5.23 -24.06 19.31
CA ILE A 150 6.56 -23.46 19.22
C ILE A 150 6.43 -21.99 18.81
N ALA A 151 6.53 -21.09 19.78
CA ALA A 151 6.50 -19.66 19.51
C ALA A 151 7.93 -19.13 19.42
N LEU A 152 8.59 -19.51 18.34
CA LEU A 152 9.99 -19.18 18.10
C LEU A 152 10.13 -18.45 16.78
N TYR A 153 10.90 -17.37 16.77
CA TYR A 153 11.19 -16.65 15.54
C TYR A 153 12.12 -17.48 14.67
N GLY A 154 11.74 -17.65 13.40
CA GLY A 154 12.52 -18.49 12.50
C GLY A 154 13.73 -17.83 11.88
N GLU A 155 13.82 -16.50 11.93
CA GLU A 155 14.94 -15.78 11.34
C GLU A 155 16.07 -15.52 12.32
N PHE A 156 15.96 -16.02 13.55
CA PHE A 156 16.98 -15.85 14.56
C PHE A 156 17.72 -17.17 14.77
N SER A 157 19.04 -17.12 14.79
CA SER A 157 19.83 -18.29 15.13
C SER A 157 19.65 -18.62 16.61
N ILE A 158 20.21 -19.76 17.01
CA ILE A 158 20.08 -20.19 18.41
C ILE A 158 20.70 -19.17 19.35
N LYS A 159 21.90 -18.68 19.01
CA LYS A 159 22.55 -17.68 19.86
C LYS A 159 21.74 -16.39 19.91
N GLU A 160 21.23 -15.93 18.78
CA GLU A 160 20.45 -14.69 18.75
C GLU A 160 19.13 -14.87 19.49
N THR A 161 18.44 -16.00 19.26
CA THR A 161 17.16 -16.21 19.92
C THR A 161 17.32 -16.50 21.41
N MET A 162 18.53 -16.86 21.85
CA MET A 162 18.79 -16.99 23.28
C MET A 162 19.20 -15.67 23.92
N MET A 163 19.94 -14.84 23.20
CA MET A 163 20.32 -13.54 23.75
C MET A 163 19.17 -12.55 23.74
N TYR A 164 18.21 -12.70 22.81
CA TYR A 164 17.04 -11.83 22.84
C TYR A 164 16.24 -12.03 24.12
N PHE A 165 16.05 -13.29 24.53
CA PHE A 165 15.45 -13.58 25.82
C PHE A 165 16.44 -13.53 26.96
N GLY A 166 17.73 -13.41 26.66
CA GLY A 166 18.76 -13.35 27.68
C GLY A 166 18.67 -12.11 28.53
N TRP A 167 18.87 -10.94 27.91
CA TRP A 167 18.87 -9.66 28.64
C TRP A 167 17.51 -8.98 28.63
N ILE A 168 16.44 -9.76 28.51
CA ILE A 168 15.11 -9.25 28.84
C ILE A 168 14.85 -9.36 30.33
N PHE A 169 15.29 -10.46 30.94
CA PHE A 169 15.19 -10.65 32.38
C PHE A 169 16.33 -9.99 33.15
N GLY A 170 17.29 -9.38 32.45
CA GLY A 170 18.39 -8.72 33.11
C GLY A 170 19.58 -9.64 33.35
N MET A 171 20.08 -10.26 32.29
CA MET A 171 21.24 -11.14 32.37
C MET A 171 22.43 -10.52 31.67
N GLU A 172 23.60 -10.60 32.31
CA GLU A 172 24.81 -10.06 31.73
C GLU A 172 25.19 -10.80 30.46
N SER A 173 25.70 -10.06 29.47
CA SER A 173 26.10 -10.66 28.21
C SER A 173 27.23 -11.66 28.37
N SER A 174 28.08 -11.49 29.38
CA SER A 174 29.17 -12.43 29.63
C SER A 174 28.72 -13.64 30.44
N GLU A 175 27.48 -13.66 30.91
CA GLU A 175 26.93 -14.79 31.65
C GLU A 175 26.02 -15.67 30.82
N ILE A 176 25.37 -15.10 29.79
CA ILE A 176 24.46 -15.87 28.95
C ILE A 176 25.20 -16.95 28.19
N ASN A 177 26.44 -16.68 27.77
CA ASN A 177 27.18 -17.62 26.94
C ASN A 177 27.46 -18.93 27.67
N GLU A 178 27.82 -18.85 28.96
CA GLU A 178 28.11 -20.06 29.72
C GLU A 178 26.86 -20.93 29.85
N ARG A 179 25.72 -20.31 30.16
CA ARG A 179 24.48 -21.08 30.25
C ARG A 179 24.08 -21.66 28.91
N LEU A 180 24.30 -20.91 27.83
CA LEU A 180 24.01 -21.43 26.49
C LEU A 180 24.87 -22.65 26.19
N GLN A 181 26.16 -22.60 26.51
CA GLN A 181 27.04 -23.74 26.28
C GLN A 181 26.61 -24.94 27.12
N PHE A 182 26.26 -24.70 28.39
CA PHE A 182 25.84 -25.80 29.25
C PHE A 182 24.56 -26.45 28.74
N LEU A 183 23.59 -25.63 28.30
CA LEU A 183 22.34 -26.18 27.79
C LEU A 183 22.54 -26.91 26.48
N LEU A 184 23.42 -26.40 25.61
CA LEU A 184 23.70 -27.08 24.36
C LEU A 184 24.41 -28.40 24.59
N ASN A 185 25.27 -28.47 25.62
CA ASN A 185 25.94 -29.72 25.93
C ASN A 185 24.99 -30.73 26.55
N PHE A 186 24.11 -30.27 27.45
CA PHE A 186 23.16 -31.14 28.14
C PHE A 186 22.22 -31.81 27.14
N LEU A 187 21.41 -31.01 26.45
CA LEU A 187 20.51 -31.51 25.41
C LEU A 187 21.16 -31.28 24.05
N ASP A 188 21.26 -32.34 23.25
CA ASP A 188 22.01 -32.29 22.01
C ASP A 188 21.39 -31.31 21.03
N LEU A 189 22.23 -30.49 20.41
CA LEU A 189 21.80 -29.48 19.44
C LEU A 189 22.93 -29.23 18.47
N PRO A 190 22.63 -28.75 17.26
CA PRO A 190 23.70 -28.41 16.31
C PRO A 190 24.43 -27.13 16.69
N SER A 191 25.29 -26.64 15.79
CA SER A 191 26.07 -25.45 16.05
C SER A 191 25.17 -24.27 16.42
N GLN A 192 25.69 -23.42 17.30
CA GLN A 192 24.91 -22.32 17.87
C GLN A 192 24.53 -21.24 16.85
N ASN A 193 25.15 -21.23 15.68
CA ASN A 193 24.88 -20.22 14.67
C ASN A 193 23.93 -20.72 13.58
N ARG A 194 23.35 -21.90 13.74
CA ARG A 194 22.42 -22.45 12.76
C ARG A 194 21.03 -21.87 12.99
N LEU A 195 20.37 -21.49 11.90
CA LEU A 195 19.08 -20.84 11.99
C LEU A 195 18.03 -21.78 12.59
N VAL A 196 17.11 -21.20 13.36
CA VAL A 196 16.05 -21.98 13.98
C VAL A 196 15.13 -22.59 12.93
N LYS A 197 14.76 -21.80 11.92
CA LYS A 197 13.88 -22.29 10.86
C LYS A 197 14.53 -23.40 10.03
N ASN A 198 15.84 -23.53 10.08
CA ASN A 198 16.54 -24.60 9.39
C ASN A 198 16.64 -25.88 10.21
N LEU A 199 16.11 -25.88 11.44
CA LEU A 199 16.15 -27.04 12.30
C LEU A 199 14.99 -27.98 11.99
N SER A 200 15.05 -29.17 12.56
CA SER A 200 14.01 -30.17 12.35
C SER A 200 12.82 -29.88 13.25
N GLY A 201 11.84 -30.78 13.26
CA GLY A 201 10.66 -30.60 14.08
C GLY A 201 10.88 -31.03 15.52
N GLY A 202 11.98 -31.73 15.77
CA GLY A 202 12.29 -32.17 17.13
C GLY A 202 13.32 -31.29 17.80
N GLN A 203 14.22 -30.70 17.00
CA GLN A 203 15.20 -29.76 17.52
C GLN A 203 14.64 -28.35 17.68
N GLN A 204 13.46 -28.07 17.12
CA GLN A 204 12.80 -26.79 17.34
C GLN A 204 12.05 -26.74 18.66
N ARG A 205 11.82 -27.89 19.30
CA ARG A 205 11.20 -27.93 20.62
C ARG A 205 12.23 -27.87 21.74
N ARG A 206 13.41 -28.44 21.53
CA ARG A 206 14.47 -28.35 22.53
C ARG A 206 14.93 -26.92 22.74
N VAL A 207 15.00 -26.14 21.65
CA VAL A 207 15.37 -24.73 21.77
C VAL A 207 14.33 -23.98 22.60
N SER A 208 13.05 -24.25 22.33
CA SER A 208 11.98 -23.61 23.10
C SER A 208 12.05 -24.00 24.57
N PHE A 209 12.35 -25.28 24.84
CA PHE A 209 12.50 -25.72 26.22
C PHE A 209 13.67 -25.02 26.91
N ALA A 210 14.78 -24.85 26.20
CA ALA A 210 15.95 -24.21 26.79
C ALA A 210 15.72 -22.72 27.01
N VAL A 211 14.93 -22.09 26.13
CA VAL A 211 14.70 -20.64 26.25
C VAL A 211 13.97 -20.32 27.54
N ALA A 212 12.95 -21.10 27.89
CA ALA A 212 12.14 -20.85 29.08
C ALA A 212 12.71 -21.52 30.33
N LEU A 213 14.01 -21.83 30.34
CA LEU A 213 14.63 -22.48 31.49
C LEU A 213 15.96 -21.85 31.92
N MET A 214 16.63 -21.09 31.06
CA MET A 214 17.99 -20.64 31.36
C MET A 214 18.02 -19.59 32.48
N HIS A 215 17.01 -18.73 32.56
CA HIS A 215 17.05 -17.62 33.51
C HIS A 215 16.75 -18.05 34.95
N ASP A 216 16.54 -19.35 35.17
CA ASP A 216 16.35 -19.92 36.51
C ASP A 216 15.19 -19.27 37.25
N PRO A 217 13.96 -19.49 36.83
CA PRO A 217 12.81 -18.95 37.57
C PRO A 217 12.47 -19.85 38.75
N GLU A 218 11.63 -19.32 39.64
CA GLU A 218 11.18 -20.06 40.81
C GLU A 218 9.87 -20.78 40.58
N LEU A 219 9.32 -20.71 39.37
CA LEU A 219 8.08 -21.41 39.04
C LEU A 219 8.09 -21.69 37.54
N LEU A 220 8.11 -22.97 37.18
CA LEU A 220 8.15 -23.39 35.78
C LEU A 220 6.77 -23.86 35.35
N ILE A 221 6.24 -23.25 34.30
CA ILE A 221 4.95 -23.61 33.74
C ILE A 221 5.19 -24.14 32.33
N LEU A 222 5.02 -25.44 32.15
CA LEU A 222 5.22 -26.09 30.86
C LEU A 222 4.01 -26.96 30.54
N ASP A 223 3.59 -26.93 29.28
CA ASP A 223 2.51 -27.80 28.80
C ASP A 223 3.02 -28.58 27.60
N GLN A 224 3.02 -29.90 27.72
CA GLN A 224 3.49 -30.77 26.63
C GLN A 224 4.87 -30.31 26.24
N PRO A 225 5.92 -30.58 27.02
CA PRO A 225 7.28 -30.26 26.59
C PRO A 225 8.06 -31.43 25.99
N THR A 226 7.41 -32.57 25.73
CA THR A 226 8.11 -33.76 25.25
C THR A 226 7.35 -34.39 24.08
N VAL A 227 6.73 -33.56 23.25
CA VAL A 227 6.01 -34.02 22.07
C VAL A 227 6.92 -33.80 20.87
N GLY A 228 7.33 -34.89 20.22
CA GLY A 228 8.22 -34.83 19.09
C GLY A 228 9.67 -35.12 19.38
N VAL A 229 9.97 -35.88 20.43
CA VAL A 229 11.33 -36.24 20.79
C VAL A 229 11.38 -37.72 21.09
N ASP A 230 12.53 -38.34 20.82
CA ASP A 230 12.70 -39.77 21.05
C ASP A 230 12.66 -40.07 22.54
N PRO A 231 12.24 -41.28 22.93
CA PRO A 231 12.15 -41.60 24.36
C PRO A 231 13.48 -41.49 25.09
N LEU A 232 14.60 -41.75 24.41
CA LEU A 232 15.90 -41.65 25.07
C LEU A 232 16.16 -40.23 25.55
N LEU A 233 15.84 -39.24 24.73
CA LEU A 233 15.98 -37.84 25.12
C LEU A 233 14.84 -37.36 26.00
N ARG A 234 13.65 -37.93 25.84
CA ARG A 234 12.53 -37.58 26.71
C ARG A 234 12.80 -37.98 28.15
N GLN A 235 13.45 -39.13 28.35
CA GLN A 235 13.82 -39.53 29.71
C GLN A 235 14.78 -38.52 30.34
N SER A 236 15.76 -38.05 29.58
CA SER A 236 16.69 -37.05 30.09
C SER A 236 15.97 -35.74 30.39
N ILE A 237 15.03 -35.35 29.53
CA ILE A 237 14.28 -34.11 29.77
C ILE A 237 13.47 -34.23 31.05
N TRP A 238 12.80 -35.37 31.26
CA TRP A 238 12.06 -35.59 32.48
C TRP A 238 12.96 -35.87 33.69
N ASN A 239 14.23 -36.20 33.46
CA ASN A 239 15.18 -36.38 34.54
C ASN A 239 15.85 -35.08 34.97
N HIS A 240 15.57 -33.99 34.26
CA HIS A 240 16.14 -32.68 34.60
C HIS A 240 15.24 -31.86 35.51
N LEU A 241 13.92 -31.99 35.37
CA LEU A 241 13.00 -31.27 36.24
C LEU A 241 13.00 -31.80 37.66
N VAL A 242 13.58 -32.98 37.90
CA VAL A 242 13.67 -33.53 39.25
C VAL A 242 14.95 -33.10 39.95
N GLN A 243 16.07 -33.10 39.22
CA GLN A 243 17.34 -32.71 39.82
C GLN A 243 17.34 -31.25 40.26
N ILE A 244 16.77 -30.36 39.43
CA ILE A 244 16.71 -28.95 39.79
C ILE A 244 15.60 -28.64 40.79
N THR A 245 14.84 -29.64 41.23
CA THR A 245 13.77 -29.44 42.20
C THR A 245 14.02 -30.23 43.49
N LYS A 246 15.20 -30.81 43.66
CA LYS A 246 15.50 -31.56 44.87
C LYS A 246 15.42 -30.65 46.10
N ASP A 247 16.09 -29.50 46.05
CA ASP A 247 15.96 -28.51 47.10
C ASP A 247 14.65 -27.76 46.98
N GLY A 248 14.18 -27.22 48.10
CA GLY A 248 12.93 -26.49 48.12
C GLY A 248 13.04 -25.10 47.54
N ASN A 249 13.27 -25.02 46.22
CA ASN A 249 13.48 -23.74 45.55
C ASN A 249 12.43 -23.44 44.49
N LYS A 250 12.11 -24.41 43.64
CA LYS A 250 11.27 -24.16 42.47
C LYS A 250 10.09 -25.11 42.45
N THR A 251 9.06 -24.72 41.70
CA THR A 251 7.89 -25.55 41.44
C THR A 251 7.73 -25.74 39.94
N VAL A 252 7.39 -26.96 39.54
CA VAL A 252 7.21 -27.32 38.14
C VAL A 252 5.78 -27.78 37.93
N ILE A 253 5.07 -27.15 37.01
CA ILE A 253 3.70 -27.50 36.66
C ILE A 253 3.73 -27.99 35.22
N ILE A 254 3.74 -29.30 35.04
CA ILE A 254 3.91 -29.92 33.72
C ILE A 254 2.66 -30.73 33.40
N THR A 255 2.09 -30.47 32.22
CA THR A 255 0.96 -31.25 31.70
C THR A 255 1.41 -32.02 30.48
N THR A 256 1.22 -33.34 30.51
CA THR A 256 1.67 -34.19 29.43
C THR A 256 0.61 -35.25 29.15
N HIS A 257 0.59 -35.73 27.90
CA HIS A 257 -0.29 -36.81 27.49
C HIS A 257 0.39 -38.17 27.54
N TYR A 258 1.66 -38.22 27.95
CA TYR A 258 2.38 -39.47 28.12
C TYR A 258 2.34 -39.87 29.59
N ILE A 259 1.23 -40.49 29.97
CA ILE A 259 0.93 -40.76 31.37
C ILE A 259 1.94 -41.68 32.02
N GLU A 260 2.62 -42.53 31.23
CA GLU A 260 3.60 -43.44 31.80
C GLU A 260 4.79 -42.70 32.42
N GLU A 261 5.09 -41.50 31.92
CA GLU A 261 6.23 -40.73 32.41
C GLU A 261 5.87 -39.78 33.55
N ALA A 262 4.59 -39.66 33.90
CA ALA A 262 4.17 -38.75 34.95
C ALA A 262 4.29 -39.35 36.34
N ARG A 263 4.66 -40.62 36.46
CA ARG A 263 4.76 -41.25 37.77
C ARG A 263 5.89 -40.67 38.62
N GLN A 264 6.85 -40.00 37.99
CA GLN A 264 7.99 -39.46 38.74
C GLN A 264 7.63 -38.26 39.59
N ALA A 265 6.52 -37.58 39.29
CA ALA A 265 6.06 -36.47 40.10
C ALA A 265 5.51 -36.99 41.43
N HIS A 266 5.05 -36.08 42.28
CA HIS A 266 4.48 -36.48 43.56
C HIS A 266 3.24 -35.66 43.94
N THR A 267 2.66 -34.91 43.00
CA THR A 267 1.43 -34.18 43.25
C THR A 267 0.52 -34.28 42.03
N ILE A 268 0.36 -35.51 41.51
CA ILE A 268 -0.41 -35.73 40.28
C ILE A 268 -1.83 -35.23 40.46
N GLY A 269 -2.29 -34.42 39.50
CA GLY A 269 -3.66 -33.98 39.45
C GLY A 269 -4.47 -34.76 38.43
N LEU A 270 -5.78 -34.52 38.46
CA LEU A 270 -6.69 -35.19 37.53
C LEU A 270 -7.95 -34.35 37.39
N MET A 271 -8.46 -34.28 36.16
CA MET A 271 -9.63 -33.48 35.84
C MET A 271 -10.64 -34.32 35.08
N ARG A 272 -11.90 -34.11 35.41
CA ARG A 272 -12.97 -34.83 34.70
C ARG A 272 -13.63 -33.70 33.94
N SER A 273 -14.57 -33.03 34.59
CA SER A 273 -15.31 -32.00 33.86
C SER A 273 -15.20 -30.66 34.58
N GLY A 274 -14.25 -29.84 34.12
CA GLY A 274 -14.09 -28.50 34.67
C GLY A 274 -13.79 -28.45 36.15
N LYS A 275 -13.26 -29.53 36.72
CA LYS A 275 -12.98 -29.59 38.16
C LYS A 275 -11.87 -30.57 38.42
N LEU A 276 -10.97 -30.21 39.33
CA LEU A 276 -9.95 -31.14 39.77
C LEU A 276 -10.58 -32.32 40.52
N LEU A 277 -10.11 -33.52 40.22
CA LEU A 277 -10.64 -34.73 40.83
C LEU A 277 -9.74 -35.25 41.96
N ALA A 278 -8.44 -35.33 41.73
CA ALA A 278 -7.51 -35.82 42.74
C ALA A 278 -6.27 -34.94 42.76
N GLU A 279 -5.67 -34.83 43.95
CA GLU A 279 -4.42 -34.10 44.17
C GLU A 279 -3.49 -34.93 45.05
N GLU A 280 -3.42 -36.23 44.80
CA GLU A 280 -2.70 -37.16 45.66
C GLU A 280 -1.40 -37.60 44.99
N SER A 281 -0.51 -38.17 45.80
CA SER A 281 0.74 -38.71 45.29
C SER A 281 0.45 -39.91 44.40
N PRO A 282 1.26 -40.13 43.35
CA PRO A 282 1.01 -41.29 42.47
C PRO A 282 1.04 -42.62 43.19
N HIS A 283 1.96 -42.81 44.15
CA HIS A 283 2.00 -44.05 44.90
C HIS A 283 0.85 -44.18 45.90
N VAL A 284 0.14 -43.09 46.17
CA VAL A 284 -1.08 -43.13 46.96
C VAL A 284 -2.32 -43.27 46.08
N LEU A 285 -2.33 -42.56 44.94
CA LEU A 285 -3.43 -42.69 43.99
C LEU A 285 -3.52 -44.11 43.44
N LEU A 286 -2.37 -44.74 43.16
CA LEU A 286 -2.36 -46.10 42.64
C LEU A 286 -2.83 -47.11 43.67
N SER A 287 -2.95 -46.73 44.95
CA SER A 287 -3.38 -47.62 46.01
C SER A 287 -4.60 -47.08 46.74
N MET A 288 -5.45 -46.30 46.04
CA MET A 288 -6.64 -45.73 46.65
C MET A 288 -7.91 -46.30 46.04
N TYR A 289 -8.11 -46.15 44.74
CA TYR A 289 -9.29 -46.71 44.06
C TYR A 289 -8.90 -47.32 42.72
N GLY A 290 -7.79 -48.04 42.68
CA GLY A 290 -7.37 -48.67 41.45
C GLY A 290 -6.07 -49.43 41.64
N CYS A 291 -5.63 -50.06 40.56
CA CYS A 291 -4.36 -50.78 40.54
C CYS A 291 -3.40 -50.22 39.50
N GLN A 292 -3.86 -50.02 38.27
CA GLN A 292 -3.02 -49.47 37.21
C GLN A 292 -3.93 -48.90 36.13
N SER A 293 -3.34 -48.03 35.29
CA SER A 293 -4.05 -47.37 34.20
C SER A 293 -5.25 -46.58 34.73
N LEU A 294 -4.94 -45.58 35.55
CA LEU A 294 -5.93 -44.75 36.22
C LEU A 294 -6.49 -43.65 35.31
N GLU A 295 -6.33 -43.78 33.99
CA GLU A 295 -6.81 -42.79 33.03
C GLU A 295 -6.21 -41.41 33.31
N SER A 390 14.57 -0.97 33.13
CA SER A 390 13.92 -1.27 31.84
C SER A 390 14.95 -1.15 30.72
N TRP A 391 16.13 -0.63 31.02
CA TRP A 391 17.07 -0.43 29.93
C TRP A 391 17.38 -1.75 29.22
N GLY A 392 17.42 -2.86 29.96
CA GLY A 392 17.70 -4.14 29.33
C GLY A 392 16.65 -4.54 28.32
N LYS A 393 15.38 -4.31 28.64
CA LYS A 393 14.30 -4.64 27.71
C LYS A 393 14.41 -3.83 26.42
N ILE A 394 14.69 -2.53 26.55
CA ILE A 394 14.74 -1.65 25.37
C ILE A 394 15.83 -2.12 24.41
N LYS A 395 17.01 -2.44 24.96
CA LYS A 395 18.11 -2.91 24.12
C LYS A 395 17.80 -4.26 23.48
N ALA A 396 16.91 -5.04 24.11
CA ALA A 396 16.61 -6.38 23.60
C ALA A 396 15.91 -6.31 22.25
N LEU A 397 14.73 -5.69 22.19
CA LEU A 397 14.02 -5.54 20.93
C LEU A 397 14.37 -4.23 20.23
N LEU A 398 15.67 -3.98 20.12
CA LEU A 398 16.19 -2.87 19.33
C LEU A 398 17.29 -3.39 18.42
N GLN A 399 17.94 -4.47 18.85
CA GLN A 399 18.86 -5.23 18.00
C GLN A 399 18.12 -6.29 17.20
N LYS A 400 16.83 -6.50 17.46
CA LYS A 400 16.00 -7.38 16.66
C LYS A 400 15.34 -6.64 15.51
N ASN A 401 14.86 -5.42 15.76
CA ASN A 401 14.36 -4.58 14.67
C ASN A 401 15.48 -4.23 13.70
N PHE A 402 16.67 -3.93 14.23
CA PHE A 402 17.83 -3.66 13.38
C PHE A 402 18.36 -4.91 12.69
N LEU A 403 17.91 -6.09 13.11
CA LEU A 403 18.36 -7.34 12.51
C LEU A 403 17.49 -7.76 11.32
N ARG A 404 16.17 -7.57 11.43
CA ARG A 404 15.28 -7.88 10.32
C ARG A 404 15.46 -6.93 9.14
N MET A 405 16.11 -5.79 9.34
CA MET A 405 16.41 -4.87 8.26
C MET A 405 17.78 -5.11 7.65
N TRP A 406 18.53 -6.09 8.14
CA TRP A 406 19.83 -6.44 7.59
C TRP A 406 19.82 -7.72 6.78
N ARG A 407 18.75 -8.50 6.84
CA ARG A 407 18.61 -9.70 6.03
C ARG A 407 17.94 -9.43 4.70
N ASN A 408 17.63 -8.18 4.39
CA ASN A 408 16.98 -7.77 3.15
C ASN A 408 17.75 -6.64 2.50
N VAL A 409 19.07 -6.84 2.36
CA VAL A 409 19.95 -5.80 1.81
C VAL A 409 19.51 -5.41 0.40
N GLY A 410 18.99 -6.37 -0.37
CA GLY A 410 18.46 -6.02 -1.69
C GLY A 410 17.28 -5.09 -1.62
N VAL A 411 16.45 -5.23 -0.59
CA VAL A 411 15.29 -4.36 -0.40
C VAL A 411 15.67 -3.07 0.31
N MET A 412 16.55 -3.15 1.31
CA MET A 412 16.95 -1.96 2.05
C MET A 412 17.61 -0.93 1.14
N LEU A 413 18.40 -1.39 0.15
CA LEU A 413 18.94 -0.47 -0.83
C LEU A 413 17.86 0.09 -1.75
N PHE A 414 16.74 -0.62 -1.90
CA PHE A 414 15.67 -0.15 -2.78
C PHE A 414 14.94 1.03 -2.15
N ILE A 415 14.73 1.02 -0.83
CA ILE A 415 14.03 2.11 -0.18
C ILE A 415 14.84 3.39 -0.21
N PHE A 416 16.16 3.30 -0.41
CA PHE A 416 17.00 4.47 -0.56
C PHE A 416 17.09 4.96 -1.99
N ALA A 417 16.53 4.22 -2.95
CA ALA A 417 16.50 4.64 -4.34
C ALA A 417 15.13 5.17 -4.78
N LEU A 418 14.07 4.88 -4.02
CA LEU A 418 12.77 5.44 -4.34
C LEU A 418 12.74 6.97 -4.24
N PRO A 419 13.27 7.60 -3.18
CA PRO A 419 13.25 9.08 -3.16
C PRO A 419 14.00 9.73 -4.31
N VAL A 420 15.11 9.13 -4.75
CA VAL A 420 15.87 9.71 -5.85
C VAL A 420 15.24 9.42 -7.20
N MET A 421 14.28 8.50 -7.27
CA MET A 421 13.57 8.22 -8.51
C MET A 421 12.26 8.98 -8.59
N GLN A 422 11.56 9.14 -7.47
CA GLN A 422 10.32 9.91 -7.46
C GLN A 422 10.57 11.41 -7.62
N VAL A 423 11.79 11.87 -7.36
CA VAL A 423 12.11 13.29 -7.46
C VAL A 423 12.65 13.65 -8.84
N ILE A 424 13.53 12.81 -9.39
CA ILE A 424 14.08 13.07 -10.72
C ILE A 424 12.97 13.06 -11.77
N LEU A 425 12.04 12.12 -11.66
CA LEU A 425 10.92 12.07 -12.60
C LEU A 425 10.06 13.32 -12.48
N PHE A 426 9.80 13.78 -11.26
CA PHE A 426 8.97 14.97 -11.07
C PHE A 426 9.61 16.20 -11.66
N CYS A 427 10.92 16.39 -11.43
CA CYS A 427 11.61 17.60 -11.88
C CYS A 427 11.89 17.60 -13.37
N LEU A 428 11.72 16.47 -14.05
CA LEU A 428 12.02 16.35 -15.48
C LEU A 428 10.77 16.21 -16.34
N ALA A 429 9.58 16.24 -15.75
CA ALA A 429 8.36 16.01 -16.51
C ALA A 429 7.33 17.12 -16.32
N ILE A 430 7.30 17.71 -15.13
CA ILE A 430 6.29 18.70 -14.77
C ILE A 430 6.93 20.08 -14.73
N GLY A 431 6.32 21.03 -15.42
CA GLY A 431 6.78 22.40 -15.40
C GLY A 431 7.34 22.89 -16.72
N ARG A 432 8.04 22.01 -17.43
CA ARG A 432 8.65 22.39 -18.69
C ARG A 432 7.60 22.69 -19.75
N ASP A 433 7.82 23.78 -20.49
CA ASP A 433 6.88 24.14 -21.54
C ASP A 433 6.98 23.18 -22.71
N PRO A 434 5.85 22.85 -23.35
CA PRO A 434 5.92 21.99 -24.54
C PRO A 434 6.75 22.63 -25.64
N THR A 435 7.50 21.79 -26.35
CA THR A 435 8.39 22.25 -27.41
C THR A 435 7.99 21.77 -28.80
N GLY A 436 7.32 20.64 -28.92
CA GLY A 436 6.94 20.12 -30.22
C GLY A 436 5.47 20.25 -30.53
N LEU A 437 5.11 21.21 -31.38
CA LEU A 437 3.74 21.35 -31.87
C LEU A 437 3.78 22.14 -33.17
N LYS A 438 2.93 21.76 -34.11
CA LYS A 438 2.93 22.34 -35.45
C LYS A 438 1.76 23.30 -35.62
N LEU A 439 1.77 24.00 -36.76
CA LEU A 439 0.70 24.94 -37.09
C LEU A 439 0.49 24.90 -38.60
N ALA A 440 -0.70 25.30 -39.02
CA ALA A 440 -1.09 25.30 -40.43
C ALA A 440 -1.13 26.75 -40.90
N ILE A 441 0.00 27.22 -41.42
CA ILE A 441 0.13 28.59 -41.90
C ILE A 441 -0.16 28.59 -43.40
N VAL A 442 -1.17 29.38 -43.80
CA VAL A 442 -1.63 29.39 -45.19
C VAL A 442 -1.53 30.79 -45.76
N ASN A 443 -0.51 31.55 -45.34
CA ASN A 443 -0.30 32.92 -45.79
C ASN A 443 -0.47 33.05 -47.30
N HIS A 444 -1.47 33.82 -47.70
CA HIS A 444 -1.84 33.97 -49.11
C HIS A 444 -1.14 35.17 -49.76
N GLU A 445 0.18 35.25 -49.62
CA GLU A 445 0.94 36.33 -50.25
C GLU A 445 2.22 35.85 -50.90
N LYS A 446 2.55 34.57 -50.84
CA LYS A 446 3.74 34.02 -51.47
C LYS A 446 3.38 32.75 -52.20
N ASN A 447 4.17 32.43 -53.23
CA ASN A 447 3.91 31.22 -54.01
C ASN A 447 4.12 29.98 -53.15
N TYR A 448 3.29 28.97 -53.38
CA TYR A 448 3.31 27.74 -52.58
C TYR A 448 4.21 26.73 -53.26
N THR A 449 5.40 26.51 -52.69
CA THR A 449 6.33 25.48 -53.15
C THR A 449 6.63 24.53 -52.00
N ASN A 450 6.64 23.23 -52.30
CA ASN A 450 6.89 22.19 -51.31
C ASN A 450 5.87 22.26 -50.18
N GLN A 451 6.16 21.59 -49.07
CA GLN A 451 5.30 21.62 -47.89
C GLN A 451 5.98 22.25 -46.68
N SER A 452 7.26 22.59 -46.77
CA SER A 452 8.00 23.21 -45.67
C SER A 452 8.85 24.36 -46.19
N TYR A 453 8.28 25.17 -47.08
CA TYR A 453 9.01 26.28 -47.66
C TYR A 453 8.01 27.34 -48.12
N GLN A 454 8.31 28.60 -47.81
CA GLN A 454 7.44 29.70 -48.21
C GLN A 454 8.20 30.93 -48.68
N GLU A 455 9.53 30.87 -48.79
CA GLU A 455 10.36 32.00 -49.22
C GLU A 455 10.12 33.22 -48.34
N CYS A 456 10.47 33.08 -47.06
CA CYS A 456 10.25 34.13 -46.08
C CYS A 456 11.30 35.22 -46.25
N SER A 457 10.88 36.37 -46.78
CA SER A 457 11.75 37.53 -46.92
C SER A 457 10.86 38.77 -46.90
N PHE A 458 10.86 39.49 -45.79
CA PHE A 458 9.88 40.53 -45.51
C PHE A 458 10.45 41.94 -45.63
N ASP A 459 11.54 42.10 -46.38
CA ASP A 459 12.09 43.43 -46.70
C ASP A 459 12.39 44.21 -45.42
N TYR A 460 13.38 43.70 -44.68
CA TYR A 460 13.76 44.31 -43.40
C TYR A 460 14.11 45.78 -43.59
N GLY A 461 13.57 46.62 -42.71
CA GLY A 461 13.80 48.04 -42.73
C GLY A 461 12.52 48.78 -42.41
N CYS A 462 12.52 50.09 -42.72
CA CYS A 462 11.36 50.93 -42.44
C CYS A 462 10.23 50.68 -43.43
N LYS A 463 10.54 50.23 -44.63
CA LYS A 463 9.51 49.99 -45.64
C LYS A 463 8.56 48.88 -45.19
N PHE A 464 7.26 49.14 -45.31
CA PHE A 464 6.24 48.19 -44.89
C PHE A 464 5.90 47.29 -46.07
N SER A 465 6.34 46.04 -46.00
CA SER A 465 6.06 45.06 -47.05
C SER A 465 6.04 43.67 -46.44
N TYR A 466 5.08 42.86 -46.88
CA TYR A 466 4.94 41.49 -46.40
C TYR A 466 4.84 41.43 -44.87
N LEU A 467 3.92 42.24 -44.33
CA LEU A 467 3.72 42.26 -42.89
C LEU A 467 3.27 40.91 -42.34
N SER A 468 2.60 40.09 -43.16
CA SER A 468 2.28 38.73 -42.74
C SER A 468 3.54 37.91 -42.51
N CYS A 469 4.52 38.06 -43.40
CA CYS A 469 5.81 37.40 -43.19
C CYS A 469 6.56 37.99 -42.00
N ARG A 470 6.39 39.30 -41.76
CA ARG A 470 7.03 39.92 -40.61
C ARG A 470 6.47 39.40 -39.30
N TYR A 471 5.15 39.17 -39.24
CA TYR A 471 4.57 38.58 -38.04
C TYR A 471 5.08 37.15 -37.84
N LEU A 472 5.23 36.41 -38.93
CA LEU A 472 5.88 35.10 -38.84
C LEU A 472 7.35 35.27 -38.50
N ASN A 473 7.96 34.19 -38.03
CA ASN A 473 9.33 34.14 -37.51
C ASN A 473 9.47 35.03 -36.27
N ASN A 474 8.36 35.62 -35.83
CA ASN A 474 8.31 36.44 -34.63
C ASN A 474 7.49 35.79 -33.52
N LEU A 475 7.03 34.55 -33.72
CA LEU A 475 6.27 33.86 -32.69
C LEU A 475 7.19 33.13 -31.72
N ARG A 476 7.96 32.17 -32.23
CA ARG A 476 8.99 31.48 -31.47
C ARG A 476 9.79 30.61 -32.43
N ASN A 477 11.11 30.64 -32.28
CA ASN A 477 11.98 29.84 -33.13
C ASN A 477 12.21 28.43 -32.58
N SER A 478 11.68 28.12 -31.40
CA SER A 478 11.94 26.85 -30.75
C SER A 478 10.68 26.02 -30.54
N THR A 479 9.65 26.59 -29.92
CA THR A 479 8.51 25.81 -29.48
C THR A 479 7.45 25.58 -30.56
N ILE A 480 7.51 26.31 -31.67
CA ILE A 480 6.46 26.25 -32.70
C ILE A 480 7.10 25.80 -34.00
N LEU A 481 6.53 24.77 -34.62
CA LEU A 481 6.92 24.33 -35.95
C LEU A 481 5.95 24.90 -36.98
N LYS A 482 6.44 25.07 -38.20
CA LYS A 482 5.67 25.70 -39.27
C LYS A 482 5.48 24.71 -40.42
N GLU A 483 4.22 24.55 -40.83
CA GLU A 483 3.86 23.76 -41.99
C GLU A 483 2.85 24.54 -42.81
N TYR A 484 2.99 24.49 -44.14
CA TYR A 484 2.26 25.37 -45.03
C TYR A 484 1.27 24.60 -45.89
N TYR A 485 0.08 25.17 -46.04
CA TYR A 485 -1.00 24.66 -46.86
C TYR A 485 -1.52 25.76 -47.78
N PRO A 486 -2.10 25.40 -48.92
CA PRO A 486 -2.46 26.43 -49.90
C PRO A 486 -3.86 27.02 -49.72
N ASP A 487 -4.74 26.31 -49.02
CA ASP A 487 -6.14 26.69 -48.95
C ASP A 487 -6.63 26.58 -47.51
N PRO A 488 -7.34 27.58 -47.00
CA PRO A 488 -7.90 27.48 -45.64
C PRO A 488 -8.86 26.31 -45.47
N GLU A 489 -9.57 25.91 -46.53
CA GLU A 489 -10.40 24.71 -46.47
C GLU A 489 -9.57 23.44 -46.34
N SER A 490 -8.26 23.52 -46.58
CA SER A 490 -7.35 22.40 -46.35
C SER A 490 -6.61 22.49 -45.03
N ALA A 491 -6.37 23.71 -44.54
CA ALA A 491 -5.73 23.87 -43.24
C ALA A 491 -6.65 23.42 -42.12
N VAL A 492 -7.92 23.82 -42.17
CA VAL A 492 -8.90 23.36 -41.18
C VAL A 492 -9.19 21.88 -41.30
N ASP A 493 -8.78 21.26 -42.41
CA ASP A 493 -8.95 19.82 -42.58
C ASP A 493 -7.82 19.08 -41.86
N ALA A 494 -6.57 19.54 -42.05
CA ALA A 494 -5.44 18.85 -41.44
C ALA A 494 -5.52 18.88 -39.91
N VAL A 495 -5.85 20.02 -39.33
CA VAL A 495 -5.95 20.11 -37.88
C VAL A 495 -7.12 19.27 -37.37
N LYS A 496 -8.18 19.14 -38.18
CA LYS A 496 -9.35 18.38 -37.76
C LYS A 496 -9.03 16.90 -37.55
N GLN A 497 -8.11 16.35 -38.34
CA GLN A 497 -7.74 14.94 -38.24
C GLN A 497 -6.39 14.77 -37.53
N GLY A 498 -6.09 15.66 -36.59
CA GLY A 498 -4.92 15.49 -35.74
C GLY A 498 -3.59 15.56 -36.44
N HIS A 499 -3.43 16.46 -37.41
CA HIS A 499 -2.16 16.68 -38.09
C HIS A 499 -1.52 18.01 -37.73
N ALA A 500 -2.12 18.76 -36.82
CA ALA A 500 -1.59 20.05 -36.37
C ALA A 500 -2.35 20.43 -35.09
N TRP A 501 -2.09 21.64 -34.60
CA TRP A 501 -2.78 22.14 -33.42
C TRP A 501 -3.51 23.46 -33.67
N GLY A 502 -3.47 23.97 -34.88
CA GLY A 502 -4.13 25.22 -35.21
C GLY A 502 -3.98 25.52 -36.68
N ALA A 503 -4.57 26.65 -37.09
CA ALA A 503 -4.52 27.03 -38.50
C ALA A 503 -4.64 28.54 -38.60
N LEU A 504 -3.52 29.21 -38.88
CA LEU A 504 -3.55 30.64 -39.15
C LEU A 504 -4.07 30.88 -40.57
N TYR A 505 -4.37 32.15 -40.87
CA TYR A 505 -4.88 32.50 -42.19
C TYR A 505 -4.63 33.99 -42.41
N PHE A 506 -3.83 34.32 -43.43
CA PHE A 506 -3.56 35.69 -43.82
C PHE A 506 -4.20 35.96 -45.18
N THR A 507 -5.02 36.99 -45.26
CA THR A 507 -5.70 37.34 -46.49
C THR A 507 -4.68 37.87 -47.51
N GLU A 508 -5.03 37.77 -48.80
CA GLU A 508 -4.14 38.18 -49.87
C GLU A 508 -3.74 39.65 -49.78
N ASN A 509 -4.53 40.47 -49.09
CA ASN A 509 -4.21 41.88 -48.93
C ASN A 509 -3.98 42.21 -47.47
N PHE A 510 -3.21 41.36 -46.78
CA PHE A 510 -2.96 41.59 -45.36
C PHE A 510 -2.15 42.87 -45.12
N THR A 511 -1.07 43.05 -45.88
CA THR A 511 -0.24 44.24 -45.70
C THR A 511 -1.00 45.51 -46.04
N ASP A 512 -1.78 45.48 -47.13
CA ASP A 512 -2.55 46.66 -47.51
C ASP A 512 -3.60 46.99 -46.46
N ALA A 513 -4.30 45.97 -45.94
CA ALA A 513 -5.34 46.19 -44.95
C ALA A 513 -4.78 46.52 -43.58
N LEU A 514 -3.53 46.17 -43.30
CA LEU A 514 -2.91 46.47 -42.01
C LEU A 514 -2.17 47.80 -42.01
N VAL A 515 -1.60 48.22 -43.15
CA VAL A 515 -0.94 49.50 -43.22
C VAL A 515 -1.93 50.65 -43.12
N ALA A 516 -3.22 50.39 -43.37
CA ALA A 516 -4.25 51.41 -43.25
C ALA A 516 -4.88 51.43 -41.86
N ARG A 517 -5.04 50.25 -41.24
CA ARG A 517 -5.64 50.21 -39.91
C ARG A 517 -4.83 51.02 -38.90
N MET A 518 -3.51 51.06 -39.06
CA MET A 518 -2.66 51.89 -38.23
C MET A 518 -2.50 53.30 -38.76
N ALA A 519 -3.15 53.64 -39.89
CA ALA A 519 -3.05 54.97 -40.47
C ALA A 519 -4.24 55.84 -40.11
N LEU A 520 -5.45 55.42 -40.47
CA LEU A 520 -6.63 56.18 -40.07
C LEU A 520 -6.96 55.96 -38.59
N GLY A 521 -6.80 54.73 -38.11
CA GLY A 521 -7.05 54.45 -36.71
C GLY A 521 -8.53 54.45 -36.36
N LYS A 522 -8.96 55.48 -35.64
CA LYS A 522 -10.35 55.57 -35.22
C LYS A 522 -11.30 55.63 -36.41
N ASP A 523 -10.88 56.25 -37.51
CA ASP A 523 -11.71 56.43 -38.68
C ASP A 523 -11.68 55.22 -39.62
N ALA A 524 -11.27 54.07 -39.12
CA ALA A 524 -11.24 52.87 -39.97
C ALA A 524 -12.65 52.40 -40.28
N ASP A 525 -12.86 51.96 -41.53
CA ASP A 525 -14.14 51.46 -41.99
C ASP A 525 -14.27 49.97 -41.69
N PRO A 526 -15.50 49.47 -41.53
CA PRO A 526 -15.67 48.02 -41.27
C PRO A 526 -15.14 47.14 -42.39
N GLU A 527 -15.11 47.63 -43.63
CA GLU A 527 -14.59 46.81 -44.73
C GLU A 527 -13.11 46.50 -44.54
N THR A 528 -12.32 47.49 -44.15
CA THR A 528 -10.90 47.28 -43.92
C THR A 528 -10.61 46.66 -42.55
N LEU A 529 -11.58 46.67 -41.63
CA LEU A 529 -11.37 46.07 -40.32
C LEU A 529 -11.23 44.56 -40.44
N ASP A 530 -12.16 43.91 -41.14
CA ASP A 530 -12.13 42.46 -41.30
C ASP A 530 -11.40 42.06 -42.58
N GLN A 531 -10.21 42.61 -42.78
CA GLN A 531 -9.31 42.18 -43.85
C GLN A 531 -7.86 42.15 -43.42
N SER A 532 -7.56 42.49 -42.17
CA SER A 532 -6.20 42.45 -41.64
C SER A 532 -6.15 41.65 -40.34
N GLU A 533 -7.03 40.66 -40.22
CA GLU A 533 -7.13 39.83 -39.03
C GLU A 533 -6.52 38.46 -39.31
N VAL A 534 -5.69 37.99 -38.36
CA VAL A 534 -5.05 36.68 -38.49
C VAL A 534 -6.04 35.65 -37.96
N ARG A 535 -6.90 35.17 -38.85
CA ARG A 535 -7.89 34.17 -38.46
C ARG A 535 -7.20 32.87 -38.07
N VAL A 536 -7.45 32.41 -36.85
CA VAL A 536 -6.85 31.19 -36.34
C VAL A 536 -7.94 30.33 -35.74
N TRP A 537 -8.02 29.07 -36.17
CA TRP A 537 -8.89 28.07 -35.58
C TRP A 537 -8.04 27.16 -34.70
N LEU A 538 -8.33 27.16 -33.40
CA LEU A 538 -7.50 26.44 -32.43
C LEU A 538 -8.18 25.14 -32.02
N ASP A 539 -7.42 24.05 -32.06
CA ASP A 539 -7.91 22.75 -31.58
C ASP A 539 -7.64 22.68 -30.08
N MET A 540 -8.52 23.32 -29.32
CA MET A 540 -8.38 23.39 -27.87
C MET A 540 -9.03 22.20 -27.18
N SER A 541 -8.66 20.99 -27.63
CA SER A 541 -9.13 19.76 -27.01
C SER A 541 -8.22 19.28 -25.89
N ASN A 542 -7.08 19.94 -25.67
CA ASN A 542 -6.17 19.59 -24.60
C ASN A 542 -6.31 20.51 -23.40
N GLN A 543 -6.76 21.75 -23.59
CA GLN A 543 -7.03 22.70 -22.52
C GLN A 543 -5.78 23.08 -21.74
N GLN A 544 -4.62 22.57 -22.15
CA GLN A 544 -3.34 22.96 -21.60
C GLN A 544 -2.34 23.37 -22.67
N ILE A 545 -2.35 22.70 -23.82
CA ILE A 545 -1.55 23.15 -24.95
C ILE A 545 -2.25 24.28 -25.69
N GLY A 546 -3.58 24.19 -25.84
CA GLY A 546 -4.33 25.25 -26.46
C GLY A 546 -4.34 26.56 -25.70
N ILE A 547 -3.98 26.53 -24.42
CA ILE A 547 -3.81 27.76 -23.65
C ILE A 547 -2.46 28.41 -23.94
N ILE A 548 -1.40 27.62 -24.00
CA ILE A 548 -0.08 28.14 -24.34
C ILE A 548 -0.08 28.71 -25.75
N LEU A 549 -0.70 28.00 -26.70
CA LEU A 549 -0.81 28.51 -28.06
C LEU A 549 -1.60 29.81 -28.11
N GLN A 550 -2.71 29.88 -27.35
CA GLN A 550 -3.49 31.10 -27.30
C GLN A 550 -2.74 32.21 -26.58
N ARG A 551 -1.88 31.85 -25.62
CA ARG A 551 -1.09 32.84 -24.89
C ARG A 551 0.19 33.24 -25.62
N ASP A 552 0.46 32.64 -26.79
CA ASP A 552 1.66 32.94 -27.56
C ASP A 552 1.39 33.71 -28.83
N LEU A 553 0.27 33.43 -29.52
CA LEU A 553 -0.04 34.15 -30.75
C LEU A 553 -0.27 35.63 -30.48
N GLN A 554 -0.99 35.96 -29.40
CA GLN A 554 -1.23 37.37 -29.08
C GLN A 554 -0.04 38.00 -28.38
N LEU A 555 0.70 37.23 -27.59
CA LEU A 555 1.87 37.79 -26.91
C LEU A 555 2.99 38.09 -27.90
N SER A 556 3.14 37.27 -28.94
CA SER A 556 4.13 37.55 -29.98
C SER A 556 3.73 38.73 -30.86
N TYR A 557 2.46 39.11 -30.87
CA TYR A 557 2.04 40.30 -31.60
C TYR A 557 2.55 41.57 -30.93
N GLN A 558 2.80 41.53 -29.62
CA GLN A 558 3.34 42.70 -28.93
C GLN A 558 4.72 43.07 -29.47
N ASP A 559 5.57 42.08 -29.68
CA ASP A 559 6.88 42.33 -30.28
C ASP A 559 6.73 42.86 -31.69
N PHE A 560 5.79 42.31 -32.46
CA PHE A 560 5.54 42.80 -33.81
C PHE A 560 5.04 44.24 -33.79
N ALA A 561 4.16 44.58 -32.84
CA ALA A 561 3.67 45.95 -32.74
C ALA A 561 4.80 46.91 -32.37
N LYS A 562 5.66 46.51 -31.41
CA LYS A 562 6.79 47.36 -31.06
C LYS A 562 7.81 47.43 -32.19
N ASP A 563 7.97 46.35 -32.95
CA ASP A 563 8.88 46.36 -34.09
C ASP A 563 8.43 47.34 -35.18
N LEU A 564 7.13 47.61 -35.27
CA LEU A 564 6.62 48.59 -36.23
C LEU A 564 6.70 50.02 -35.70
N LEU A 565 6.37 50.21 -34.42
CA LEU A 565 6.42 51.54 -33.84
C LEU A 565 7.85 52.05 -33.74
N GLY A 566 8.75 51.23 -33.23
CA GLY A 566 10.12 51.64 -33.01
C GLY A 566 11.04 51.53 -34.19
N ALA A 567 10.50 51.32 -35.40
CA ALA A 567 11.35 51.14 -36.57
C ALA A 567 11.70 52.47 -37.25
N CYS A 568 10.70 53.18 -37.75
CA CYS A 568 10.97 54.42 -38.50
C CYS A 568 11.11 55.61 -37.57
N GLU A 569 9.99 56.03 -36.95
CA GLU A 569 9.97 57.21 -36.08
C GLU A 569 8.81 57.06 -35.12
N GLN A 570 9.08 56.61 -33.89
CA GLN A 570 8.13 56.59 -32.79
C GLN A 570 8.84 56.03 -31.57
N ASN A 571 8.15 56.06 -30.43
CA ASN A 571 8.63 55.52 -29.18
C ASN A 571 7.85 54.25 -28.83
N PRO A 572 8.52 53.15 -28.52
CA PRO A 572 7.80 51.90 -28.22
C PRO A 572 7.18 51.90 -26.84
N ASP A 573 6.26 52.82 -26.58
CA ASP A 573 5.59 52.87 -25.29
C ASP A 573 4.07 52.90 -25.43
N LEU A 574 3.57 53.50 -26.51
CA LEU A 574 2.13 53.57 -26.74
C LEU A 574 1.62 52.34 -27.48
N ALA A 575 1.96 51.17 -26.94
CA ALA A 575 1.46 49.91 -27.48
C ALA A 575 0.93 48.98 -26.39
N GLU A 576 0.83 49.45 -25.16
CA GLU A 576 0.35 48.65 -24.04
C GLU A 576 -0.91 49.26 -23.46
N ILE A 577 -1.71 48.42 -22.81
CA ILE A 577 -2.97 48.86 -22.19
C ILE A 577 -2.64 49.73 -20.99
N PRO A 578 -3.56 50.60 -20.54
CA PRO A 578 -3.27 51.46 -19.39
C PRO A 578 -2.98 50.71 -18.09
N ILE A 579 -3.04 49.39 -18.11
CA ILE A 579 -2.74 48.59 -16.93
C ILE A 579 -1.26 48.22 -16.97
N SER A 580 -0.51 48.67 -15.96
CA SER A 580 0.90 48.35 -15.82
C SER A 580 1.10 47.56 -14.54
N PHE A 581 1.77 46.42 -14.66
CA PHE A 581 1.86 45.47 -13.55
C PHE A 581 3.08 45.69 -12.66
N LYS A 582 3.91 46.69 -12.96
CA LYS A 582 5.05 47.06 -12.12
C LYS A 582 5.94 45.87 -11.80
N GLU A 583 6.46 45.83 -10.57
CA GLU A 583 7.33 44.75 -10.13
C GLU A 583 6.66 44.00 -8.98
N PRO A 584 6.58 42.66 -9.04
CA PRO A 584 5.93 41.92 -7.96
C PRO A 584 6.67 42.08 -6.64
N ILE A 585 5.89 42.10 -5.56
CA ILE A 585 6.47 42.27 -4.23
C ILE A 585 7.24 41.02 -3.81
N TYR A 586 6.65 39.84 -4.00
CA TYR A 586 7.27 38.59 -3.57
C TYR A 586 7.62 37.67 -4.72
N GLY A 587 6.68 37.42 -5.64
CA GLY A 587 6.88 36.47 -6.71
C GLY A 587 7.66 37.05 -7.87
N SER A 588 7.69 36.29 -8.96
CA SER A 588 8.37 36.69 -10.18
C SER A 588 7.34 37.01 -11.26
N ASN A 589 7.73 37.86 -12.21
CA ASN A 589 6.81 38.29 -13.26
C ASN A 589 6.48 37.18 -14.25
N LYS A 590 7.17 36.04 -14.18
CA LYS A 590 6.94 34.90 -15.07
C LYS A 590 6.69 33.68 -14.20
N PRO A 591 5.47 33.50 -13.71
CA PRO A 591 5.17 32.32 -12.89
C PRO A 591 5.20 31.04 -13.72
N SER A 592 5.56 29.94 -13.04
CA SER A 592 5.63 28.62 -13.66
C SER A 592 4.94 27.60 -12.76
N PHE A 593 4.44 26.53 -13.39
CA PHE A 593 3.74 25.50 -12.65
C PHE A 593 4.68 24.66 -11.80
N THR A 594 5.97 24.63 -12.12
CA THR A 594 6.91 23.81 -11.36
C THR A 594 7.25 24.42 -10.00
N ASP A 595 7.23 25.75 -9.89
CA ASP A 595 7.53 26.41 -8.63
C ASP A 595 6.35 26.44 -7.67
N PHE A 596 5.15 26.10 -8.12
CA PHE A 596 3.99 26.08 -7.26
C PHE A 596 3.75 24.72 -6.62
N VAL A 597 4.00 23.64 -7.37
CA VAL A 597 3.79 22.30 -6.83
C VAL A 597 5.01 21.78 -6.07
N ALA A 598 6.18 22.38 -6.26
CA ALA A 598 7.37 21.94 -5.53
C ALA A 598 7.21 22.05 -4.02
N PRO A 599 6.77 23.19 -3.43
CA PRO A 599 6.55 23.21 -1.99
C PRO A 599 5.21 22.62 -1.60
N GLY A 600 5.15 21.29 -1.49
CA GLY A 600 3.90 20.60 -1.26
C GLY A 600 3.90 19.21 -1.86
N VAL A 601 4.86 18.94 -2.74
CA VAL A 601 5.12 17.59 -3.22
C VAL A 601 6.26 17.03 -2.39
N ILE A 602 7.18 17.90 -1.97
CA ILE A 602 8.28 17.49 -1.10
C ILE A 602 7.73 16.99 0.24
N LEU A 603 6.68 17.63 0.75
CA LEU A 603 6.07 17.16 1.99
C LEU A 603 5.29 15.88 1.77
N THR A 604 4.60 15.76 0.63
CA THR A 604 3.81 14.57 0.37
C THR A 604 4.69 13.35 0.14
N ILE A 605 5.83 13.53 -0.53
CA ILE A 605 6.73 12.41 -0.77
C ILE A 605 7.25 11.85 0.55
N VAL A 606 7.65 12.73 1.46
CA VAL A 606 8.13 12.29 2.77
C VAL A 606 7.00 11.65 3.56
N PHE A 607 5.80 12.26 3.50
CA PHE A 607 4.67 11.74 4.27
C PHE A 607 4.27 10.34 3.81
N PHE A 608 4.23 10.12 2.48
CA PHE A 608 3.78 8.83 1.97
C PHE A 608 4.85 7.75 2.13
N LEU A 609 6.13 8.12 2.04
CA LEU A 609 7.19 7.13 2.24
C LEU A 609 7.23 6.65 3.69
N ALA A 610 6.96 7.56 4.64
CA ALA A 610 6.92 7.17 6.05
C ALA A 610 5.78 6.20 6.31
N VAL A 611 4.63 6.40 5.66
CA VAL A 611 3.50 5.49 5.81
C VAL A 611 3.88 4.09 5.31
N ALA A 612 4.58 4.02 4.18
CA ALA A 612 5.00 2.73 3.64
C ALA A 612 5.93 2.00 4.59
N LEU A 613 6.67 2.73 5.42
CA LEU A 613 7.63 2.10 6.32
C LEU A 613 6.93 1.48 7.53
N THR A 614 6.22 2.29 8.30
CA THR A 614 5.56 1.83 9.53
C THR A 614 4.09 1.55 9.28
N SER A 615 3.83 0.56 8.43
CA SER A 615 2.46 0.13 8.17
C SER A 615 2.31 -1.35 8.49
N SER A 616 3.38 -2.11 8.27
CA SER A 616 3.42 -3.54 8.56
C SER A 616 4.30 -3.85 9.77
N ALA A 617 4.31 -2.97 10.76
CA ALA A 617 5.14 -3.15 11.95
C ALA A 617 4.37 -3.86 13.07
N LEU A 618 3.26 -3.27 13.50
CA LEU A 618 2.48 -3.85 14.59
C LEU A 618 1.66 -5.06 14.18
N ILE A 619 1.46 -5.29 12.88
CA ILE A 619 0.75 -6.47 12.41
C ILE A 619 1.67 -7.63 12.12
N ILE A 620 3.00 -7.41 12.14
CA ILE A 620 3.94 -8.48 11.91
C ILE A 620 4.41 -9.16 13.20
N GLU A 621 4.19 -8.54 14.36
CA GLU A 621 4.66 -9.12 15.61
C GLU A 621 3.98 -10.45 15.89
N ARG A 622 2.67 -10.54 15.64
CA ARG A 622 1.94 -11.77 15.90
C ARG A 622 2.13 -12.83 14.82
N MET A 623 2.68 -12.46 13.66
CA MET A 623 2.83 -13.44 12.59
C MET A 623 3.93 -14.43 12.89
N GLU A 624 5.09 -13.96 13.35
CA GLU A 624 6.23 -14.84 13.64
C GLU A 624 6.31 -15.20 15.12
N GLY A 625 5.19 -15.12 15.84
CA GLY A 625 5.20 -15.48 17.24
C GLY A 625 6.05 -14.54 18.06
N LEU A 626 6.65 -15.09 19.12
CA LEU A 626 7.51 -14.34 20.05
C LEU A 626 6.77 -13.16 20.67
N LEU A 627 5.44 -13.26 20.78
CA LEU A 627 4.64 -12.22 21.40
C LEU A 627 3.81 -12.73 22.56
N ASP A 628 3.18 -13.90 22.43
CA ASP A 628 2.40 -14.46 23.53
C ASP A 628 3.29 -14.75 24.74
N ARG A 629 4.48 -15.28 24.50
CA ARG A 629 5.44 -15.53 25.56
C ARG A 629 6.32 -14.32 25.84
N SER A 630 6.14 -13.23 25.09
CA SER A 630 6.84 -11.99 25.37
C SER A 630 6.06 -11.08 26.32
N TRP A 631 4.73 -11.10 26.25
CA TRP A 631 3.92 -10.37 27.22
C TRP A 631 4.18 -10.86 28.63
N VAL A 632 4.43 -12.17 28.80
CA VAL A 632 4.70 -12.72 30.12
C VAL A 632 6.02 -12.19 30.65
N ALA A 633 7.01 -12.01 29.77
CA ALA A 633 8.34 -11.61 30.21
C ALA A 633 8.44 -10.11 30.43
N GLY A 634 7.50 -9.55 31.17
CA GLY A 634 7.59 -8.17 31.63
C GLY A 634 7.64 -7.12 30.55
N VAL A 635 7.27 -7.47 29.32
CA VAL A 635 7.34 -6.53 28.21
C VAL A 635 5.97 -5.87 28.06
N THR A 636 5.89 -4.59 28.44
CA THR A 636 4.65 -3.84 28.35
C THR A 636 4.40 -3.39 26.90
N PRO A 637 3.14 -3.16 26.55
CA PRO A 637 2.85 -2.67 25.18
C PRO A 637 3.47 -1.33 24.87
N GLY A 638 3.79 -0.52 25.88
CA GLY A 638 4.33 0.80 25.61
C GLY A 638 5.70 0.78 24.96
N GLU A 639 6.57 -0.11 25.41
CA GLU A 639 7.94 -0.16 24.90
C GLU A 639 8.06 -0.89 23.56
N ILE A 640 7.05 -1.66 23.16
CA ILE A 640 7.10 -2.31 21.85
C ILE A 640 6.98 -1.28 20.73
N LEU A 641 6.01 -0.36 20.87
CA LEU A 641 5.84 0.69 19.87
C LEU A 641 6.94 1.73 19.96
N PHE A 642 7.38 2.05 21.18
CA PHE A 642 8.47 3.01 21.35
C PHE A 642 9.75 2.51 20.70
N SER A 643 10.05 1.22 20.87
CA SER A 643 11.20 0.63 20.17
C SER A 643 10.98 0.57 18.66
N HIS A 644 9.72 0.62 18.22
CA HIS A 644 9.41 0.65 16.79
C HIS A 644 9.53 2.05 16.19
N VAL A 645 9.63 3.09 17.03
CA VAL A 645 9.75 4.45 16.53
C VAL A 645 11.20 4.84 16.31
N VAL A 646 12.08 4.48 17.24
CA VAL A 646 13.49 4.84 17.13
C VAL A 646 14.13 4.17 15.91
N THR A 647 13.82 2.89 15.70
CA THR A 647 14.45 2.16 14.61
C THR A 647 14.03 2.68 13.23
N GLN A 648 12.80 3.17 13.11
CA GLN A 648 12.31 3.68 11.84
C GLN A 648 12.57 5.16 11.66
N PHE A 649 12.70 5.93 12.74
CA PHE A 649 13.05 7.34 12.61
C PHE A 649 14.48 7.51 12.11
N VAL A 650 15.36 6.58 12.44
CA VAL A 650 16.75 6.66 11.97
C VAL A 650 16.81 6.48 10.45
N VAL A 651 16.09 5.49 9.93
CA VAL A 651 16.10 5.24 8.49
C VAL A 651 15.23 6.26 7.75
N MET A 652 14.24 6.84 8.44
CA MET A 652 13.44 7.89 7.80
C MET A 652 14.30 9.11 7.48
N CYS A 653 15.18 9.50 8.40
CA CYS A 653 16.07 10.63 8.15
C CYS A 653 17.08 10.34 7.05
N GLY A 654 17.35 9.06 6.77
CA GLY A 654 18.29 8.73 5.72
C GLY A 654 17.75 9.00 4.33
N GLN A 655 16.42 9.00 4.18
CA GLN A 655 15.78 9.30 2.90
C GLN A 655 15.15 10.68 2.84
N THR A 656 14.87 11.29 3.99
CA THR A 656 14.39 12.67 4.00
C THR A 656 15.46 13.62 3.48
N ALA A 657 16.71 13.42 3.92
CA ALA A 657 17.80 14.26 3.43
C ALA A 657 18.06 14.04 1.96
N LEU A 658 17.86 12.81 1.47
CA LEU A 658 18.02 12.54 0.04
C LEU A 658 17.00 13.31 -0.79
N VAL A 659 15.77 13.44 -0.29
CA VAL A 659 14.76 14.23 -0.99
C VAL A 659 15.18 15.69 -1.05
N LEU A 660 15.64 16.24 0.08
CA LEU A 660 16.04 17.65 0.12
C LEU A 660 17.28 17.90 -0.74
N ILE A 661 18.27 17.01 -0.68
CA ILE A 661 19.51 17.23 -1.42
C ILE A 661 19.25 17.20 -2.91
N PHE A 662 18.48 16.21 -3.38
CA PHE A 662 18.21 16.06 -4.80
C PHE A 662 17.21 17.07 -5.33
N MET A 663 16.54 17.83 -4.46
CA MET A 663 15.57 18.82 -4.90
C MET A 663 16.11 20.24 -4.86
N ILE A 664 17.02 20.54 -3.94
CA ILE A 664 17.56 21.88 -3.77
C ILE A 664 18.96 22.00 -4.34
N LEU A 665 19.86 21.08 -3.97
CA LEU A 665 21.25 21.19 -4.40
C LEU A 665 21.39 20.87 -5.88
N VAL A 666 20.77 19.79 -6.34
CA VAL A 666 21.00 19.32 -7.71
C VAL A 666 20.13 20.07 -8.71
N PHE A 667 18.81 19.94 -8.58
CA PHE A 667 17.92 20.55 -9.56
C PHE A 667 17.79 22.06 -9.36
N GLY A 668 17.84 22.53 -8.12
CA GLY A 668 17.89 23.96 -7.89
C GLY A 668 16.55 24.61 -7.55
N VAL A 669 15.80 24.02 -6.63
CA VAL A 669 14.59 24.67 -6.13
C VAL A 669 14.99 25.79 -5.18
N GLN A 670 14.50 26.99 -5.45
CA GLN A 670 14.92 28.16 -4.68
C GLN A 670 14.42 28.08 -3.24
N CYS A 671 15.20 28.65 -2.33
CA CYS A 671 14.86 28.68 -0.91
C CYS A 671 15.43 29.98 -0.34
N LYS A 672 14.59 31.01 -0.25
CA LYS A 672 15.03 32.33 0.18
C LYS A 672 14.98 32.52 1.69
N GLY A 673 13.99 31.93 2.36
CA GLY A 673 13.77 32.23 3.76
C GLY A 673 14.84 31.71 4.71
N ASP A 674 14.90 30.40 4.89
CA ASP A 674 15.86 29.80 5.81
C ASP A 674 15.95 28.31 5.54
N ILE A 675 17.15 27.83 5.24
CA ILE A 675 17.34 26.40 5.00
C ILE A 675 17.33 25.61 6.30
N GLY A 676 17.63 26.24 7.42
CA GLY A 676 17.65 25.52 8.69
C GLY A 676 16.28 25.04 9.12
N TRP A 677 15.27 25.90 9.00
CA TRP A 677 13.94 25.55 9.48
C TRP A 677 13.14 24.70 8.50
N VAL A 678 13.57 24.63 7.23
CA VAL A 678 12.91 23.73 6.29
C VAL A 678 13.19 22.28 6.65
N ILE A 679 14.41 21.99 7.09
CA ILE A 679 14.76 20.62 7.48
C ILE A 679 13.94 20.18 8.69
N VAL A 680 13.79 21.06 9.67
CA VAL A 680 13.02 20.71 10.86
C VAL A 680 11.56 20.44 10.52
N LEU A 681 10.96 21.30 9.69
CA LEU A 681 9.55 21.12 9.34
C LEU A 681 9.33 19.84 8.55
N THR A 682 10.20 19.55 7.58
CA THR A 682 10.02 18.37 6.74
C THR A 682 10.43 17.08 7.46
N ILE A 683 11.22 17.16 8.52
CA ILE A 683 11.54 15.98 9.30
C ILE A 683 10.43 15.71 10.32
N LEU A 684 9.96 16.75 11.00
CA LEU A 684 8.90 16.60 11.98
C LEU A 684 7.54 16.32 11.35
N GLN A 685 7.38 16.61 10.05
CA GLN A 685 6.17 16.23 9.32
C GLN A 685 6.18 14.76 8.93
N GLY A 686 7.33 14.24 8.51
CA GLY A 686 7.43 12.82 8.22
C GLY A 686 7.19 11.96 9.44
N LEU A 687 7.57 12.47 10.62
CA LEU A 687 7.28 11.74 11.86
C LEU A 687 5.79 11.57 12.05
N CYS A 688 5.00 12.57 11.67
CA CYS A 688 3.55 12.42 11.69
C CYS A 688 3.09 11.35 10.71
N GLY A 689 3.76 11.23 9.55
CA GLY A 689 3.40 10.19 8.60
C GLY A 689 3.66 8.79 9.13
N MET A 690 4.79 8.60 9.81
CA MET A 690 5.09 7.29 10.37
C MET A 690 4.22 6.97 11.57
N CYS A 691 3.75 8.01 12.28
CA CYS A 691 2.80 7.79 13.37
C CYS A 691 1.39 7.51 12.84
N PHE A 692 1.07 8.02 11.66
CA PHE A 692 -0.22 7.73 11.05
C PHE A 692 -0.34 6.26 10.64
N GLY A 693 0.76 5.67 10.16
CA GLY A 693 0.74 4.27 9.79
C GLY A 693 0.64 3.33 10.98
N PHE A 694 1.05 3.78 12.17
CA PHE A 694 0.89 2.95 13.36
C PHE A 694 -0.57 2.83 13.75
N VAL A 695 -1.38 3.86 13.48
CA VAL A 695 -2.81 3.77 13.73
C VAL A 695 -3.44 2.72 12.83
N ILE A 696 -3.01 2.67 11.57
CA ILE A 696 -3.56 1.69 10.62
C ILE A 696 -3.26 0.28 11.09
N SER A 697 -2.02 0.02 11.50
CA SER A 697 -1.64 -1.31 11.95
C SER A 697 -2.27 -1.67 13.29
N ALA A 698 -2.58 -0.69 14.13
CA ALA A 698 -3.15 -0.98 15.43
C ALA A 698 -4.60 -1.44 15.31
N ILE A 699 -5.39 -0.77 14.47
CA ILE A 699 -6.82 -1.06 14.36
C ILE A 699 -7.12 -2.16 13.34
N CYS A 700 -6.12 -2.61 12.59
CA CYS A 700 -6.30 -3.68 11.60
C CYS A 700 -5.68 -4.96 12.13
N GLU A 701 -6.49 -6.01 12.21
CA GLU A 701 -6.00 -7.32 12.63
C GLU A 701 -5.47 -8.11 11.45
N LEU A 702 -6.31 -8.32 10.44
CA LEU A 702 -5.87 -8.98 9.22
C LEU A 702 -4.95 -8.07 8.42
N GLU A 703 -3.89 -8.65 7.85
CA GLU A 703 -2.92 -7.86 7.10
C GLU A 703 -3.50 -7.39 5.78
N ARG A 704 -4.51 -8.10 5.25
CA ARG A 704 -5.09 -7.74 3.96
C ARG A 704 -5.73 -6.36 3.99
N ASN A 705 -6.18 -5.90 5.16
CA ASN A 705 -6.81 -4.60 5.29
C ASN A 705 -5.82 -3.48 5.50
N ALA A 706 -4.52 -3.77 5.54
CA ALA A 706 -3.51 -2.75 5.75
C ALA A 706 -3.13 -2.06 4.44
N ILE A 707 -2.85 -2.84 3.39
CA ILE A 707 -2.50 -2.26 2.10
C ILE A 707 -3.68 -1.50 1.52
N GLN A 708 -4.88 -2.06 1.62
CA GLN A 708 -6.06 -1.43 1.04
C GLN A 708 -6.37 -0.10 1.71
N LEU A 709 -6.26 -0.04 3.05
CA LEU A 709 -6.58 1.18 3.76
C LEU A 709 -5.50 2.25 3.53
N ALA A 710 -4.23 1.86 3.60
CA ALA A 710 -3.14 2.83 3.47
C ALA A 710 -3.07 3.39 2.05
N LEU A 711 -3.09 2.51 1.05
CA LEU A 711 -2.99 2.96 -0.34
C LEU A 711 -4.26 3.67 -0.79
N GLY A 712 -5.41 3.28 -0.23
CA GLY A 712 -6.67 3.87 -0.59
C GLY A 712 -6.96 5.22 0.03
N SER A 713 -6.07 5.71 0.88
CA SER A 713 -6.22 7.01 1.54
C SER A 713 -5.15 7.99 1.08
N PHE A 714 -4.82 7.96 -0.22
CA PHE A 714 -3.81 8.83 -0.80
C PHE A 714 -4.40 9.87 -1.74
N TYR A 715 -5.27 9.46 -2.66
CA TYR A 715 -5.98 10.44 -3.47
C TYR A 715 -6.79 11.44 -2.63
N PRO A 716 -7.50 11.03 -1.57
CA PRO A 716 -8.14 12.05 -0.70
C PRO A 716 -7.16 12.98 -0.01
N THR A 717 -5.85 12.72 -0.09
CA THR A 717 -4.85 13.63 0.45
C THR A 717 -4.37 14.63 -0.59
N LEU A 718 -4.10 14.17 -1.81
CA LEU A 718 -3.66 15.08 -2.87
C LEU A 718 -4.75 16.07 -3.24
N LEU A 719 -6.01 15.62 -3.26
CA LEU A 719 -7.13 16.45 -3.68
C LEU A 719 -7.72 17.29 -2.57
N LEU A 720 -7.17 17.21 -1.35
CA LEU A 720 -7.72 17.94 -0.22
C LEU A 720 -6.63 18.69 0.56
N SER A 721 -5.43 18.81 0.00
CA SER A 721 -4.33 19.48 0.69
C SER A 721 -3.82 20.72 -0.04
N GLY A 722 -4.22 20.95 -1.28
CA GLY A 722 -3.73 22.11 -2.01
C GLY A 722 -2.39 21.86 -2.66
N VAL A 723 -2.23 20.71 -3.30
CA VAL A 723 -0.96 20.35 -3.95
C VAL A 723 -0.93 20.81 -5.40
N ILE A 724 -2.00 20.53 -6.15
CA ILE A 724 -2.08 20.90 -7.56
C ILE A 724 -3.12 21.98 -7.79
N TRP A 725 -3.66 22.57 -6.73
CA TRP A 725 -4.67 23.62 -6.85
C TRP A 725 -4.75 24.37 -5.53
N PRO A 726 -4.75 25.70 -5.54
CA PRO A 726 -4.80 26.45 -4.27
C PRO A 726 -6.12 26.19 -3.55
N ILE A 727 -6.07 26.29 -2.23
CA ILE A 727 -7.27 26.02 -1.44
C ILE A 727 -8.08 27.31 -1.34
N GLU A 728 -8.78 27.63 -2.42
CA GLU A 728 -9.76 28.72 -2.41
C GLU A 728 -10.98 28.42 -3.27
N GLY A 729 -11.02 27.29 -3.97
CA GLY A 729 -12.09 27.00 -4.89
C GLY A 729 -13.18 26.13 -4.30
N MET A 730 -12.84 25.36 -3.27
CA MET A 730 -13.84 24.54 -2.61
C MET A 730 -14.85 25.42 -1.87
N PRO A 731 -16.06 24.91 -1.65
CA PRO A 731 -17.06 25.70 -0.91
C PRO A 731 -16.59 26.01 0.50
N THR A 732 -17.39 26.85 1.17
CA THR A 732 -17.01 27.32 2.51
C THR A 732 -16.91 26.17 3.49
N VAL A 733 -17.83 25.21 3.42
CA VAL A 733 -17.83 24.10 4.36
C VAL A 733 -16.61 23.21 4.14
N LEU A 734 -16.34 22.85 2.89
CA LEU A 734 -15.22 21.96 2.61
C LEU A 734 -13.88 22.63 2.92
N ARG A 735 -13.73 23.90 2.56
CA ARG A 735 -12.48 24.60 2.83
C ARG A 735 -12.24 24.76 4.33
N TYR A 736 -13.28 25.09 5.08
CA TYR A 736 -13.12 25.26 6.53
C TYR A 736 -12.71 23.97 7.21
N VAL A 737 -13.30 22.84 6.79
CA VAL A 737 -12.95 21.55 7.38
C VAL A 737 -11.54 21.15 6.98
N SER A 738 -11.15 21.43 5.74
CA SER A 738 -9.86 20.96 5.22
C SER A 738 -8.68 21.56 5.95
N THR A 739 -8.83 22.74 6.56
CA THR A 739 -7.71 23.36 7.26
C THR A 739 -7.27 22.57 8.48
N PHE A 740 -8.14 21.72 9.02
CA PHE A 740 -7.81 20.88 10.18
C PHE A 740 -7.26 19.52 9.76
N LEU A 741 -6.24 19.54 8.91
CA LEU A 741 -5.63 18.32 8.39
C LEU A 741 -4.12 18.45 8.50
N PRO A 742 -3.41 17.31 8.58
CA PRO A 742 -1.95 17.39 8.79
C PRO A 742 -1.19 18.11 7.70
N LEU A 743 -1.63 18.04 6.44
CA LEU A 743 -0.84 18.54 5.33
C LEU A 743 -1.32 19.86 4.75
N THR A 744 -2.59 20.22 4.92
CA THR A 744 -3.09 21.45 4.33
C THR A 744 -2.57 22.70 5.04
N LEU A 745 -2.29 22.60 6.34
CA LEU A 745 -1.74 23.72 7.09
C LEU A 745 -0.21 23.70 7.13
N ALA A 746 0.42 22.69 6.53
CA ALA A 746 1.87 22.60 6.49
C ALA A 746 2.44 23.06 5.15
N THR A 747 1.78 22.74 4.04
CA THR A 747 2.24 23.23 2.73
C THR A 747 2.14 24.74 2.65
N THR A 748 1.07 25.31 3.19
CA THR A 748 0.93 26.77 3.23
C THR A 748 2.04 27.40 4.05
N SER A 749 2.39 26.78 5.18
CA SER A 749 3.51 27.27 5.98
C SER A 749 4.82 27.16 5.21
N LEU A 750 5.03 26.05 4.49
CA LEU A 750 6.25 25.87 3.73
C LEU A 750 6.28 26.78 2.50
N ARG A 751 5.12 26.98 1.85
CA ARG A 751 5.06 27.86 0.70
C ARG A 751 5.40 29.30 1.05
N ALA A 752 5.25 29.69 2.30
CA ALA A 752 5.57 31.04 2.75
C ALA A 752 7.01 31.17 3.22
N MET A 753 7.84 30.15 3.02
CA MET A 753 9.23 30.17 3.42
C MET A 753 10.20 30.07 2.26
N LEU A 754 9.91 29.23 1.27
CA LEU A 754 10.76 29.17 0.08
C LEU A 754 10.55 30.35 -0.85
N THR A 755 9.34 30.88 -0.92
CA THR A 755 9.00 31.94 -1.87
C THR A 755 9.03 33.32 -1.24
N ARG A 756 8.26 33.52 -0.17
CA ARG A 756 8.17 34.85 0.44
C ARG A 756 9.44 35.20 1.21
N GLY A 757 10.02 34.23 1.90
CA GLY A 757 11.18 34.48 2.73
C GLY A 757 10.89 34.77 4.18
N TRP A 758 9.67 34.50 4.64
CA TRP A 758 9.29 34.79 6.02
C TRP A 758 10.04 33.89 6.99
N SER A 759 9.88 34.18 8.28
CA SER A 759 10.51 33.45 9.36
C SER A 759 9.45 32.81 10.26
N ILE A 760 9.90 32.15 11.32
CA ILE A 760 9.00 31.45 12.22
C ILE A 760 8.12 32.42 13.00
N ALA A 761 8.65 33.60 13.35
CA ALA A 761 7.90 34.54 14.17
C ALA A 761 6.64 35.04 13.50
N GLU A 762 6.58 34.98 12.16
CA GLU A 762 5.35 35.36 11.47
C GLU A 762 4.24 34.36 11.80
N PRO A 763 3.00 34.82 12.01
CA PRO A 763 1.96 33.91 12.46
C PRO A 763 1.22 33.14 11.37
N ALA A 764 1.72 33.13 10.14
CA ALA A 764 1.29 32.16 9.14
C ALA A 764 2.27 31.01 8.98
N VAL A 765 3.39 31.04 9.69
CA VAL A 765 4.44 30.04 9.54
C VAL A 765 4.44 29.04 10.69
N TYR A 766 4.40 29.52 11.94
CA TYR A 766 4.43 28.59 13.07
C TYR A 766 3.11 27.86 13.27
N TYR A 767 2.05 28.23 12.55
CA TYR A 767 0.81 27.46 12.59
C TYR A 767 1.04 26.06 12.06
N GLY A 768 1.85 25.91 11.00
CA GLY A 768 2.14 24.59 10.48
C GLY A 768 2.85 23.71 11.49
N PHE A 769 3.80 24.28 12.22
CA PHE A 769 4.47 23.53 13.29
C PHE A 769 3.49 23.17 14.40
N LEU A 770 2.60 24.09 14.76
CA LEU A 770 1.68 23.85 15.87
C LEU A 770 0.56 22.91 15.47
N ALA A 771 0.08 22.99 14.23
CA ALA A 771 -1.06 22.20 13.80
C ALA A 771 -0.67 20.80 13.32
N THR A 772 0.62 20.49 13.25
CA THR A 772 1.07 19.14 12.92
C THR A 772 1.75 18.44 14.09
N ILE A 773 2.19 19.18 15.10
CA ILE A 773 2.65 18.55 16.33
C ILE A 773 1.47 17.93 17.07
N ILE A 774 0.31 18.60 17.04
CA ILE A 774 -0.89 18.07 17.69
C ILE A 774 -1.29 16.74 17.07
N TRP A 775 -1.24 16.64 15.74
CA TRP A 775 -1.60 15.39 15.08
C TRP A 775 -0.62 14.27 15.41
N ILE A 776 0.64 14.61 15.71
CA ILE A 776 1.58 13.59 16.16
C ILE A 776 1.15 13.02 17.50
N VAL A 777 0.74 13.88 18.43
CA VAL A 777 0.26 13.41 19.72
C VAL A 777 -1.05 12.64 19.56
N ALA A 778 -1.97 13.18 18.75
CA ALA A 778 -3.26 12.52 18.56
C ALA A 778 -3.12 11.16 17.90
N PHE A 779 -2.12 10.99 17.03
CA PHE A 779 -1.88 9.71 16.39
C PHE A 779 -1.11 8.74 17.28
N LEU A 780 -0.63 9.20 18.43
CA LEU A 780 0.09 8.35 19.37
C LEU A 780 -0.79 7.82 20.49
N THR A 781 -1.63 8.68 21.08
CA THR A 781 -2.55 8.22 22.11
C THR A 781 -3.58 7.26 21.54
N ILE A 782 -4.05 7.52 20.32
CA ILE A 782 -5.00 6.62 19.67
C ILE A 782 -4.35 5.25 19.46
N SER A 783 -3.09 5.24 19.02
CA SER A 783 -2.37 3.98 18.89
C SER A 783 -2.06 3.36 20.25
N MET A 784 -1.94 4.17 21.29
CA MET A 784 -1.73 3.64 22.63
C MET A 784 -2.99 2.96 23.16
N LEU A 785 -4.14 3.62 23.00
CA LEU A 785 -5.37 3.09 23.57
C LEU A 785 -5.78 1.77 22.94
N VAL A 786 -5.67 1.68 21.60
CA VAL A 786 -6.06 0.45 20.91
C VAL A 786 -5.10 -0.68 21.26
N LEU A 787 -3.79 -0.39 21.26
CA LEU A 787 -2.80 -1.43 21.55
C LEU A 787 -2.89 -1.91 22.99
N ARG A 788 -3.14 -1.00 23.93
CA ARG A 788 -3.17 -1.37 25.34
C ARG A 788 -4.39 -2.24 25.65
N PHE A 789 -5.59 -1.72 25.40
CA PHE A 789 -6.83 -2.45 25.62
C PHE A 789 -7.60 -2.54 24.30
N LYS A 790 -8.15 -3.72 24.03
CA LYS A 790 -8.88 -3.96 22.79
C LYS A 790 -10.38 -3.87 23.01
N HIS B 62 4.67 -53.47 -4.69
CA HIS B 62 5.67 -52.41 -4.62
C HIS B 62 5.03 -51.03 -4.78
N ALA B 63 4.34 -50.57 -3.74
CA ALA B 63 3.72 -49.25 -3.79
C ALA B 63 4.76 -48.15 -3.83
N VAL B 64 5.77 -48.23 -2.96
CA VAL B 64 6.85 -47.25 -2.89
C VAL B 64 8.18 -47.98 -2.88
N CYS B 65 9.12 -47.53 -3.71
CA CYS B 65 10.45 -48.13 -3.77
C CYS B 65 11.43 -47.08 -4.24
N VAL B 66 12.40 -46.74 -3.37
CA VAL B 66 13.44 -45.77 -3.69
C VAL B 66 14.78 -46.48 -3.71
N ARG B 67 15.60 -46.16 -4.71
CA ARG B 67 16.91 -46.77 -4.90
C ARG B 67 17.97 -45.69 -4.97
N HIS B 68 18.98 -45.79 -4.10
CA HIS B 68 20.16 -44.93 -4.13
C HIS B 68 19.78 -43.45 -4.04
N ALA B 69 19.17 -43.09 -2.91
CA ALA B 69 18.83 -41.69 -2.65
C ALA B 69 20.07 -40.94 -2.18
N PHE B 70 20.19 -39.68 -2.62
CA PHE B 70 21.36 -38.87 -2.30
C PHE B 70 20.89 -37.43 -2.12
N LYS B 71 20.75 -37.00 -0.87
CA LYS B 71 20.33 -35.64 -0.57
C LYS B 71 21.23 -35.03 0.49
N GLN B 72 21.39 -33.71 0.41
CA GLN B 72 22.21 -32.97 1.36
C GLN B 72 21.78 -31.51 1.35
N TYR B 73 21.90 -30.87 2.51
CA TYR B 73 21.59 -29.46 2.67
C TYR B 73 22.87 -28.66 2.83
N GLY B 74 22.73 -27.34 2.71
CA GLY B 74 23.85 -26.44 2.89
C GLY B 74 24.77 -26.38 1.68
N SER B 75 25.86 -25.65 1.86
CA SER B 75 26.85 -25.48 0.81
C SER B 75 27.82 -26.66 0.79
N LYS B 76 28.74 -26.64 -0.16
CA LYS B 76 29.72 -27.72 -0.28
C LYS B 76 30.77 -27.64 0.82
N LYS B 77 31.04 -26.43 1.34
CA LYS B 77 32.02 -26.28 2.40
C LYS B 77 31.58 -27.02 3.67
N ASN B 78 30.30 -26.93 4.01
CA ASN B 78 29.74 -27.57 5.20
C ASN B 78 28.51 -28.37 4.80
N PRO B 79 28.70 -29.51 4.14
CA PRO B 79 27.55 -30.34 3.75
C PRO B 79 26.89 -30.99 4.96
N ASN B 80 25.60 -31.29 4.80
CA ASN B 80 24.83 -31.92 5.87
C ASN B 80 24.78 -33.44 5.72
N HIS B 81 24.59 -33.93 4.50
CA HIS B 81 24.53 -35.36 4.20
C HIS B 81 23.44 -36.05 5.03
N VAL B 82 22.20 -35.61 4.80
CA VAL B 82 21.07 -36.16 5.54
C VAL B 82 20.78 -37.59 5.11
N LEU B 83 20.94 -37.89 3.82
CA LEU B 83 20.68 -39.22 3.29
C LEU B 83 21.86 -39.66 2.43
N SER B 84 22.24 -40.92 2.55
CA SER B 84 23.40 -41.45 1.84
C SER B 84 23.02 -42.49 0.79
N ASP B 85 22.37 -43.58 1.18
CA ASP B 85 21.93 -44.60 0.23
C ASP B 85 20.41 -44.74 0.20
N LEU B 86 19.79 -45.03 1.35
CA LEU B 86 18.33 -45.08 1.49
C LEU B 86 17.70 -46.06 0.49
N ASN B 87 18.04 -47.33 0.69
CA ASN B 87 17.45 -48.42 -0.07
C ASN B 87 16.36 -49.07 0.77
N MET B 88 15.11 -48.89 0.36
CA MET B 88 13.97 -49.43 1.09
C MET B 88 12.92 -49.92 0.10
N THR B 89 11.97 -50.70 0.61
CA THR B 89 10.91 -51.27 -0.23
C THR B 89 9.65 -51.36 0.60
N VAL B 90 8.58 -50.73 0.12
CA VAL B 90 7.28 -50.75 0.78
C VAL B 90 6.37 -51.67 -0.03
N ALA B 91 5.93 -52.77 0.59
CA ALA B 91 5.06 -53.70 -0.09
C ALA B 91 3.62 -53.17 -0.09
N LYS B 92 2.73 -53.93 -0.73
CA LYS B 92 1.32 -53.58 -0.80
C LYS B 92 0.53 -54.35 0.23
N GLY B 93 -0.27 -53.64 1.02
CA GLY B 93 -1.05 -54.26 2.07
C GLY B 93 -0.37 -54.38 3.41
N THR B 94 0.75 -53.70 3.61
CA THR B 94 1.51 -53.77 4.85
C THR B 94 1.62 -52.40 5.49
N ILE B 95 1.60 -52.38 6.82
CA ILE B 95 1.69 -51.13 7.59
C ILE B 95 3.18 -50.88 7.82
N TYR B 96 3.77 -50.06 6.97
CA TYR B 96 5.19 -49.73 7.08
C TYR B 96 5.42 -48.72 8.20
N GLY B 97 6.17 -49.13 9.23
CA GLY B 97 6.48 -48.23 10.31
C GLY B 97 7.89 -47.67 10.20
N LEU B 98 8.00 -46.37 9.98
CA LEU B 98 9.30 -45.71 9.79
C LEU B 98 9.79 -45.12 11.11
N LEU B 99 10.23 -46.01 11.99
CA LEU B 99 10.80 -45.56 13.25
C LEU B 99 12.23 -45.06 13.04
N GLY B 100 12.74 -44.34 14.03
CA GLY B 100 14.07 -43.78 13.92
C GLY B 100 14.44 -42.99 15.14
N ALA B 101 15.43 -42.10 14.97
CA ALA B 101 15.93 -41.26 16.05
C ALA B 101 15.75 -39.80 15.68
N SER B 102 15.47 -38.96 16.68
CA SER B 102 15.27 -37.54 16.46
C SER B 102 16.58 -36.90 16.03
N GLY B 103 16.66 -36.47 14.78
CA GLY B 103 17.86 -35.85 14.26
C GLY B 103 18.25 -36.34 12.88
N CYS B 104 17.96 -37.62 12.60
CA CYS B 104 18.24 -38.16 11.28
C CYS B 104 17.23 -37.63 10.27
N GLY B 105 17.48 -37.92 9.00
CA GLY B 105 16.59 -37.45 7.96
C GLY B 105 15.42 -38.39 7.72
N LYS B 106 14.29 -38.08 8.35
CA LYS B 106 13.10 -38.92 8.27
C LYS B 106 11.94 -38.19 7.63
N THR B 107 11.61 -36.98 8.10
CA THR B 107 10.59 -36.18 7.45
C THR B 107 11.03 -35.76 6.04
N THR B 108 12.33 -35.53 5.85
CA THR B 108 12.84 -35.20 4.52
C THR B 108 12.72 -36.35 3.54
N LEU B 109 12.45 -37.57 4.01
CA LEU B 109 12.20 -38.70 3.13
C LEU B 109 10.73 -38.82 2.76
N LEU B 110 9.83 -38.66 3.74
CA LEU B 110 8.40 -38.65 3.44
C LEU B 110 8.04 -37.48 2.53
N SER B 111 8.63 -36.31 2.79
CA SER B 111 8.43 -35.15 1.92
C SER B 111 9.05 -35.32 0.55
N CYS B 112 10.00 -36.26 0.39
CA CYS B 112 10.53 -36.58 -0.92
C CYS B 112 9.73 -37.65 -1.64
N ILE B 113 9.00 -38.48 -0.89
CA ILE B 113 8.13 -39.49 -1.51
C ILE B 113 6.95 -38.82 -2.20
N VAL B 114 6.37 -37.80 -1.56
CA VAL B 114 5.19 -37.13 -2.09
C VAL B 114 5.60 -36.05 -3.08
N GLY B 115 6.89 -36.02 -3.44
CA GLY B 115 7.38 -35.08 -4.42
C GLY B 115 7.33 -33.62 -4.01
N ARG B 116 7.65 -33.32 -2.76
CA ARG B 116 7.76 -31.94 -2.30
C ARG B 116 9.19 -31.40 -2.37
N ARG B 117 10.19 -32.27 -2.34
CA ARG B 117 11.59 -31.89 -2.47
C ARG B 117 12.25 -32.79 -3.50
N ARG B 118 13.11 -32.19 -4.32
CA ARG B 118 13.85 -32.97 -5.31
C ARG B 118 14.85 -33.89 -4.62
N LEU B 119 15.06 -35.06 -5.20
CA LEU B 119 15.90 -36.09 -4.58
C LEU B 119 17.38 -35.86 -4.82
N ASN B 120 17.76 -34.85 -5.60
CA ASN B 120 19.16 -34.47 -5.82
C ASN B 120 19.96 -35.64 -6.42
N THR B 121 19.60 -36.00 -7.65
CA THR B 121 20.27 -37.05 -8.42
C THR B 121 20.15 -38.41 -7.72
N GLY B 122 18.90 -38.84 -7.57
CA GLY B 122 18.58 -40.14 -7.04
C GLY B 122 17.48 -40.80 -7.85
N GLU B 123 17.27 -42.08 -7.58
CA GLU B 123 16.26 -42.87 -8.27
C GLU B 123 15.07 -43.09 -7.34
N ILE B 124 13.88 -42.76 -7.82
CA ILE B 124 12.66 -42.88 -7.03
C ILE B 124 11.61 -43.59 -7.88
N TRP B 125 10.68 -44.27 -7.20
CA TRP B 125 9.60 -44.99 -7.88
C TRP B 125 8.47 -45.19 -6.89
N VAL B 126 7.35 -44.51 -7.12
CA VAL B 126 6.20 -44.58 -6.22
C VAL B 126 4.94 -44.77 -7.04
N LEU B 127 4.19 -45.84 -6.74
CA LEU B 127 2.90 -46.13 -7.36
C LEU B 127 2.94 -46.15 -8.88
N GLY B 128 4.11 -46.42 -9.46
CA GLY B 128 4.22 -46.50 -10.90
C GLY B 128 5.37 -45.74 -11.50
N GLY B 129 5.73 -44.60 -10.90
CA GLY B 129 6.80 -43.80 -11.45
C GLY B 129 7.20 -42.68 -10.52
N LYS B 130 8.05 -41.80 -11.04
CA LYS B 130 8.53 -40.67 -10.26
C LYS B 130 7.40 -39.68 -10.00
N PRO B 131 7.35 -39.07 -8.81
CA PRO B 131 6.28 -38.12 -8.51
C PRO B 131 6.28 -36.94 -9.48
N GLY B 132 5.09 -36.45 -9.80
CA GLY B 132 4.94 -35.36 -10.75
C GLY B 132 5.04 -35.77 -12.19
N THR B 133 5.01 -37.06 -12.50
CA THR B 133 5.08 -37.56 -13.86
C THR B 133 3.78 -38.28 -14.20
N LYS B 134 3.43 -38.27 -15.49
CA LYS B 134 2.20 -38.89 -15.93
C LYS B 134 2.16 -40.39 -15.67
N GLY B 135 3.32 -41.02 -15.47
CA GLY B 135 3.38 -42.43 -15.16
C GLY B 135 3.25 -42.80 -13.70
N SER B 136 3.03 -41.82 -12.82
CA SER B 136 2.89 -42.05 -11.39
C SER B 136 1.52 -41.57 -10.94
N GLY B 137 1.30 -41.62 -9.62
CA GLY B 137 0.02 -41.21 -9.08
C GLY B 137 0.11 -40.44 -7.76
N VAL B 138 1.27 -39.85 -7.47
CA VAL B 138 1.42 -39.06 -6.25
C VAL B 138 0.52 -37.83 -6.29
N PRO B 139 0.56 -36.97 -7.32
CA PRO B 139 -0.40 -35.85 -7.36
C PRO B 139 -1.75 -36.32 -7.88
N GLY B 140 -2.71 -36.45 -6.99
CA GLY B 140 -4.01 -36.97 -7.35
C GLY B 140 -4.78 -37.40 -6.13
N LYS B 141 -5.88 -38.10 -6.39
CA LYS B 141 -6.79 -38.55 -5.34
C LYS B 141 -6.45 -39.93 -4.81
N ARG B 142 -5.41 -40.59 -5.34
CA ARG B 142 -5.05 -41.93 -4.94
C ARG B 142 -3.90 -41.97 -3.94
N VAL B 143 -3.47 -40.83 -3.44
CA VAL B 143 -2.37 -40.75 -2.47
C VAL B 143 -2.83 -39.89 -1.30
N GLY B 144 -2.85 -40.48 -0.10
CA GLY B 144 -3.12 -39.73 1.09
C GLY B 144 -1.91 -38.97 1.58
N TYR B 145 -2.15 -38.03 2.50
CA TYR B 145 -1.06 -37.23 3.03
C TYR B 145 -1.48 -36.67 4.39
N MET B 146 -0.49 -36.27 5.17
CA MET B 146 -0.72 -35.57 6.42
C MET B 146 0.59 -34.91 6.84
N PRO B 147 0.59 -33.60 7.10
CA PRO B 147 1.83 -32.93 7.50
C PRO B 147 2.14 -33.15 8.97
N GLN B 148 3.42 -32.92 9.30
CA GLN B 148 3.83 -33.01 10.69
C GLN B 148 3.12 -31.96 11.55
N GLU B 149 3.02 -30.74 11.04
CA GLU B 149 2.27 -29.67 11.69
C GLU B 149 0.87 -29.57 11.12
N ILE B 150 -0.02 -28.96 11.89
CA ILE B 150 -1.42 -28.83 11.49
C ILE B 150 -1.54 -27.78 10.41
N ALA B 151 -1.69 -28.22 9.16
CA ALA B 151 -1.86 -27.33 8.02
C ALA B 151 -3.36 -27.22 7.73
N LEU B 152 -4.05 -26.45 8.55
CA LEU B 152 -5.50 -26.28 8.46
C LEU B 152 -5.86 -24.81 8.50
N TYR B 153 -6.80 -24.43 7.64
CA TYR B 153 -7.29 -23.06 7.64
C TYR B 153 -8.08 -22.78 8.90
N GLY B 154 -7.84 -21.61 9.51
CA GLY B 154 -8.45 -21.28 10.78
C GLY B 154 -9.85 -20.71 10.69
N GLU B 155 -10.22 -20.15 9.54
CA GLU B 155 -11.52 -19.52 9.38
C GLU B 155 -12.57 -20.44 8.77
N PHE B 156 -12.25 -21.71 8.56
CA PHE B 156 -13.16 -22.68 7.98
C PHE B 156 -13.69 -23.61 9.07
N SER B 157 -15.00 -23.78 9.11
CA SER B 157 -15.60 -24.76 10.01
C SER B 157 -15.30 -26.17 9.53
N ILE B 158 -15.62 -27.15 10.37
CA ILE B 158 -15.37 -28.54 10.02
C ILE B 158 -16.17 -28.92 8.78
N LYS B 159 -17.44 -28.51 8.71
CA LYS B 159 -18.28 -28.80 7.55
C LYS B 159 -17.79 -28.11 6.29
N GLU B 160 -16.98 -27.05 6.41
CA GLU B 160 -16.42 -26.37 5.24
C GLU B 160 -15.01 -26.83 4.92
N THR B 161 -14.18 -27.11 5.93
CA THR B 161 -12.84 -27.63 5.68
C THR B 161 -12.87 -29.10 5.25
N MET B 162 -13.96 -29.81 5.50
CA MET B 162 -14.13 -31.16 4.98
C MET B 162 -14.80 -31.20 3.63
N MET B 163 -15.29 -30.06 3.13
CA MET B 163 -15.85 -29.97 1.79
C MET B 163 -14.93 -29.25 0.81
N TYR B 164 -14.04 -28.38 1.28
CA TYR B 164 -13.03 -27.82 0.41
C TYR B 164 -12.10 -28.91 -0.12
N PHE B 165 -11.67 -29.80 0.76
CA PHE B 165 -10.92 -30.99 0.34
C PHE B 165 -11.83 -32.10 -0.16
N GLY B 166 -13.14 -31.96 0.01
CA GLY B 166 -14.08 -32.97 -0.44
C GLY B 166 -14.10 -33.14 -1.94
N TRP B 167 -14.60 -32.13 -2.66
CA TRP B 167 -14.78 -32.22 -4.10
C TRP B 167 -13.57 -31.69 -4.87
N ILE B 168 -12.39 -31.68 -4.26
CA ILE B 168 -11.17 -31.59 -5.05
C ILE B 168 -10.87 -32.94 -5.69
N PHE B 169 -11.13 -34.04 -4.98
CA PHE B 169 -10.90 -35.38 -5.49
C PHE B 169 -12.10 -35.93 -6.25
N GLY B 170 -12.96 -35.05 -6.77
CA GLY B 170 -14.14 -35.48 -7.50
C GLY B 170 -15.12 -36.27 -6.66
N MET B 171 -15.43 -35.77 -5.46
CA MET B 171 -16.33 -36.42 -4.54
C MET B 171 -17.69 -35.73 -4.58
N GLU B 172 -18.75 -36.52 -4.71
CA GLU B 172 -20.10 -35.96 -4.80
C GLU B 172 -20.49 -35.29 -3.49
N SER B 173 -21.22 -34.18 -3.61
CA SER B 173 -21.64 -33.43 -2.43
C SER B 173 -22.65 -34.20 -1.58
N SER B 174 -23.32 -35.21 -2.14
CA SER B 174 -24.28 -36.01 -1.40
C SER B 174 -23.64 -37.19 -0.69
N GLU B 175 -22.34 -37.37 -0.84
CA GLU B 175 -21.61 -38.44 -0.17
C GLU B 175 -20.59 -37.93 0.84
N ILE B 176 -20.03 -36.74 0.62
CA ILE B 176 -19.16 -36.13 1.62
C ILE B 176 -19.91 -35.93 2.93
N ASN B 177 -21.13 -35.40 2.85
CA ASN B 177 -21.95 -35.22 4.04
C ASN B 177 -22.32 -36.57 4.65
N GLU B 178 -22.58 -37.58 3.80
CA GLU B 178 -22.96 -38.89 4.30
C GLU B 178 -21.85 -39.51 5.13
N ARG B 179 -20.60 -39.40 4.66
CA ARG B 179 -19.48 -39.99 5.37
C ARG B 179 -18.90 -39.08 6.46
N LEU B 180 -19.24 -37.79 6.43
CA LEU B 180 -18.80 -36.89 7.50
C LEU B 180 -19.39 -37.30 8.84
N GLN B 181 -20.64 -37.74 8.85
CA GLN B 181 -21.26 -38.19 10.09
C GLN B 181 -20.53 -39.41 10.66
N PHE B 182 -20.17 -40.37 9.80
CA PHE B 182 -19.43 -41.53 10.26
C PHE B 182 -18.05 -41.14 10.81
N LEU B 183 -17.36 -40.25 10.09
CA LEU B 183 -16.03 -39.82 10.56
C LEU B 183 -16.12 -39.03 11.86
N LEU B 184 -17.21 -38.29 12.06
CA LEU B 184 -17.39 -37.53 13.29
C LEU B 184 -17.78 -38.43 14.45
N ASN B 185 -18.53 -39.50 14.18
CA ASN B 185 -18.93 -40.42 15.25
C ASN B 185 -17.79 -41.34 15.65
N PHE B 186 -16.95 -41.74 14.70
CA PHE B 186 -15.84 -42.63 15.02
C PHE B 186 -14.87 -41.96 16.00
N LEU B 187 -14.27 -40.85 15.59
CA LEU B 187 -13.40 -40.07 16.45
C LEU B 187 -14.18 -38.88 16.99
N ASP B 188 -14.20 -38.74 18.32
CA ASP B 188 -15.05 -37.74 18.94
C ASP B 188 -14.65 -36.33 18.56
N LEU B 189 -15.64 -35.52 18.22
CA LEU B 189 -15.44 -34.13 17.83
C LEU B 189 -16.71 -33.35 18.14
N PRO B 190 -16.61 -32.03 18.32
CA PRO B 190 -17.81 -31.24 18.58
C PRO B 190 -18.68 -31.04 17.35
N SER B 191 -19.70 -30.19 17.46
CA SER B 191 -20.62 -29.96 16.36
C SER B 191 -19.88 -29.40 15.14
N GLN B 192 -20.34 -29.81 13.96
CA GLN B 192 -19.68 -29.45 12.71
C GLN B 192 -19.75 -27.95 12.39
N ASN B 193 -20.60 -27.20 13.09
CA ASN B 193 -20.71 -25.77 12.83
C ASN B 193 -19.54 -24.96 13.40
N ARG B 194 -18.80 -25.52 14.34
CA ARG B 194 -17.73 -24.78 15.00
C ARG B 194 -16.55 -24.61 14.05
N LEU B 195 -16.06 -23.38 13.94
CA LEU B 195 -14.88 -23.11 13.13
C LEU B 195 -13.66 -23.79 13.72
N VAL B 196 -12.73 -24.20 12.86
CA VAL B 196 -11.49 -24.76 13.37
C VAL B 196 -10.51 -23.63 13.62
N LYS B 197 -10.77 -22.84 14.66
CA LYS B 197 -9.77 -22.04 15.34
C LYS B 197 -9.96 -22.03 16.85
N ASN B 198 -11.16 -22.30 17.34
CA ASN B 198 -11.45 -22.44 18.77
C ASN B 198 -11.24 -23.86 19.27
N LEU B 199 -11.00 -24.82 18.38
CA LEU B 199 -10.76 -26.19 18.80
C LEU B 199 -9.45 -26.27 19.57
N SER B 200 -9.39 -27.22 20.50
CA SER B 200 -8.20 -27.39 21.33
C SER B 200 -7.05 -27.92 20.50
N GLY B 201 -5.90 -28.10 21.15
CA GLY B 201 -4.73 -28.62 20.47
C GLY B 201 -4.84 -30.08 20.07
N GLY B 202 -5.73 -30.83 20.72
CA GLY B 202 -5.93 -32.23 20.39
C GLY B 202 -7.06 -32.45 19.41
N GLN B 203 -8.05 -31.56 19.41
CA GLN B 203 -9.14 -31.65 18.45
C GLN B 203 -8.78 -31.02 17.10
N GLN B 204 -7.70 -30.25 17.04
CA GLN B 204 -7.21 -29.73 15.77
C GLN B 204 -6.38 -30.75 15.00
N ARG B 205 -5.95 -31.83 15.66
CA ARG B 205 -5.22 -32.89 15.00
C ARG B 205 -6.16 -33.96 14.45
N ARG B 206 -7.26 -34.23 15.15
CA ARG B 206 -8.26 -35.18 14.65
C ARG B 206 -8.91 -34.67 13.37
N VAL B 207 -9.16 -33.37 13.28
CA VAL B 207 -9.73 -32.80 12.06
C VAL B 207 -8.77 -32.99 10.90
N SER B 208 -7.47 -32.74 11.13
CA SER B 208 -6.48 -32.93 10.08
C SER B 208 -6.38 -34.40 9.68
N PHE B 209 -6.49 -35.31 10.66
CA PHE B 209 -6.48 -36.73 10.35
C PHE B 209 -7.69 -37.12 9.49
N ALA B 210 -8.86 -36.56 9.80
CA ALA B 210 -10.08 -36.92 9.09
C ALA B 210 -10.15 -36.29 7.70
N VAL B 211 -9.55 -35.12 7.51
CA VAL B 211 -9.65 -34.42 6.23
C VAL B 211 -9.02 -35.24 5.12
N ALA B 212 -7.83 -35.79 5.36
CA ALA B 212 -7.07 -36.49 4.33
C ALA B 212 -7.15 -38.01 4.52
N LEU B 213 -8.31 -38.50 4.95
CA LEU B 213 -8.59 -39.93 5.03
C LEU B 213 -9.93 -40.30 4.44
N MET B 214 -10.85 -39.35 4.27
CA MET B 214 -12.20 -39.67 3.83
C MET B 214 -12.25 -40.16 2.39
N HIS B 215 -11.37 -39.64 1.53
CA HIS B 215 -11.47 -39.98 0.11
C HIS B 215 -10.98 -41.38 -0.22
N ASP B 216 -10.60 -42.17 0.78
CA ASP B 216 -10.19 -43.56 0.60
C ASP B 216 -9.10 -43.72 -0.45
N PRO B 217 -7.87 -43.28 -0.16
CA PRO B 217 -6.77 -43.49 -1.10
C PRO B 217 -6.19 -44.90 -0.91
N GLU B 218 -5.21 -45.23 -1.76
CA GLU B 218 -4.53 -46.51 -1.68
C GLU B 218 -3.12 -46.39 -1.12
N LEU B 219 -2.73 -45.20 -0.66
CA LEU B 219 -1.41 -44.98 -0.09
C LEU B 219 -1.51 -43.85 0.93
N LEU B 220 -0.99 -44.08 2.13
CA LEU B 220 -1.06 -43.12 3.22
C LEU B 220 0.36 -42.73 3.65
N ILE B 221 0.59 -41.43 3.80
CA ILE B 221 1.91 -40.91 4.16
C ILE B 221 1.80 -40.24 5.52
N LEU B 222 0.98 -40.81 6.39
CA LEU B 222 0.81 -40.27 7.75
C LEU B 222 2.15 -40.18 8.46
N ASP B 223 2.38 -39.04 9.12
CA ASP B 223 3.56 -38.87 9.97
C ASP B 223 3.14 -38.21 11.28
N GLN B 224 3.56 -38.80 12.39
CA GLN B 224 3.15 -38.31 13.73
C GLN B 224 1.68 -38.00 13.66
N PRO B 225 0.77 -38.98 13.60
CA PRO B 225 -0.67 -38.65 13.62
C PRO B 225 -1.32 -38.78 14.99
N THR B 226 -0.56 -38.96 16.06
CA THR B 226 -1.13 -39.14 17.39
C THR B 226 -0.41 -38.30 18.44
N VAL B 227 0.15 -37.17 18.02
CA VAL B 227 0.86 -36.27 18.94
C VAL B 227 -0.17 -35.28 19.49
N GLY B 228 -0.44 -35.38 20.79
CA GLY B 228 -1.36 -34.49 21.45
C GLY B 228 -2.76 -35.03 21.69
N VAL B 229 -2.90 -36.34 21.91
CA VAL B 229 -4.19 -36.95 22.17
C VAL B 229 -4.06 -37.90 23.36
N ASP B 230 -5.19 -38.20 23.99
CA ASP B 230 -5.19 -39.09 25.14
C ASP B 230 -4.90 -40.52 24.71
N PRO B 231 -4.40 -41.35 25.62
CA PRO B 231 -4.02 -42.72 25.23
C PRO B 231 -5.16 -43.54 24.63
N LEU B 232 -6.39 -43.38 25.15
CA LEU B 232 -7.52 -44.12 24.58
C LEU B 232 -7.74 -43.75 23.12
N LEU B 233 -7.69 -42.46 22.82
CA LEU B 233 -7.84 -42.01 21.45
C LEU B 233 -6.67 -42.45 20.58
N ARG B 234 -5.47 -42.52 21.16
CA ARG B 234 -4.32 -43.04 20.42
C ARG B 234 -4.53 -44.50 20.04
N GLN B 235 -5.01 -45.32 20.98
CA GLN B 235 -5.31 -46.70 20.65
C GLN B 235 -6.42 -46.80 19.60
N SER B 236 -7.44 -45.96 19.71
CA SER B 236 -8.53 -45.98 18.74
C SER B 236 -8.02 -45.64 17.34
N ILE B 237 -7.14 -44.63 17.24
CA ILE B 237 -6.56 -44.27 15.95
C ILE B 237 -5.70 -45.40 15.41
N TRP B 238 -4.85 -45.98 16.27
CA TRP B 238 -3.98 -47.06 15.82
C TRP B 238 -4.75 -48.35 15.57
N ASN B 239 -5.98 -48.47 16.07
CA ASN B 239 -6.83 -49.61 15.79
C ASN B 239 -7.64 -49.46 14.50
N HIS B 240 -7.53 -48.30 13.84
CA HIS B 240 -8.24 -48.03 12.60
C HIS B 240 -7.40 -48.34 11.37
N LEU B 241 -6.11 -48.00 11.39
CA LEU B 241 -5.24 -48.30 10.25
C LEU B 241 -5.09 -49.79 10.03
N VAL B 242 -5.18 -50.58 11.10
CA VAL B 242 -5.07 -52.03 10.97
C VAL B 242 -6.29 -52.61 10.27
N GLN B 243 -7.49 -52.12 10.61
CA GLN B 243 -8.71 -52.70 10.08
C GLN B 243 -8.86 -52.43 8.58
N ILE B 244 -8.58 -51.20 8.15
CA ILE B 244 -8.72 -50.85 6.74
C ILE B 244 -7.65 -51.47 5.87
N THR B 245 -6.60 -52.03 6.46
CA THR B 245 -5.51 -52.65 5.72
C THR B 245 -5.64 -54.17 5.67
N LYS B 246 -6.68 -54.73 6.30
CA LYS B 246 -6.80 -56.19 6.40
C LYS B 246 -6.93 -56.83 5.03
N ASP B 247 -7.85 -56.34 4.21
CA ASP B 247 -8.13 -56.97 2.92
C ASP B 247 -7.31 -56.39 1.77
N GLY B 248 -5.99 -56.30 1.99
CA GLY B 248 -5.04 -55.87 0.98
C GLY B 248 -5.46 -54.71 0.10
N ASN B 249 -6.02 -53.67 0.72
CA ASN B 249 -6.57 -52.54 -0.02
C ASN B 249 -5.89 -51.22 0.27
N LYS B 250 -4.86 -51.20 1.12
CA LYS B 250 -4.20 -49.94 1.44
C LYS B 250 -2.82 -50.24 2.01
N THR B 251 -1.95 -49.23 1.95
CA THR B 251 -0.63 -49.28 2.56
C THR B 251 -0.45 -48.02 3.41
N VAL B 252 0.13 -48.20 4.59
CA VAL B 252 0.31 -47.11 5.55
C VAL B 252 1.79 -46.96 5.84
N ILE B 253 2.28 -45.72 5.84
CA ILE B 253 3.69 -45.43 6.03
C ILE B 253 3.81 -44.59 7.31
N ILE B 254 2.96 -44.90 8.29
CA ILE B 254 2.92 -44.13 9.53
C ILE B 254 4.27 -44.18 10.22
N THR B 255 4.76 -43.03 10.65
CA THR B 255 5.94 -42.92 11.49
C THR B 255 5.57 -42.18 12.77
N THR B 256 6.06 -42.68 13.90
CA THR B 256 5.69 -42.14 15.20
C THR B 256 6.86 -42.26 16.16
N HIS B 257 6.79 -41.49 17.24
CA HIS B 257 7.81 -41.50 18.29
C HIS B 257 7.40 -42.35 19.48
N TYR B 258 6.25 -43.02 19.43
CA TYR B 258 5.83 -43.98 20.44
C TYR B 258 6.26 -45.35 19.95
N ILE B 259 7.48 -45.75 20.31
CA ILE B 259 8.04 -46.99 19.79
C ILE B 259 7.24 -48.20 20.26
N GLU B 260 6.75 -48.16 21.51
CA GLU B 260 5.94 -49.28 22.00
C GLU B 260 4.63 -49.40 21.23
N GLU B 261 4.01 -48.28 20.89
CA GLU B 261 2.71 -48.31 20.23
C GLU B 261 2.79 -48.84 18.80
N ALA B 262 3.98 -48.90 18.21
CA ALA B 262 4.15 -49.32 16.82
C ALA B 262 4.42 -50.81 16.69
N ARG B 263 4.00 -51.62 17.66
CA ARG B 263 4.22 -53.06 17.59
C ARG B 263 3.24 -53.77 16.66
N GLN B 264 2.18 -53.10 16.25
CA GLN B 264 1.17 -53.70 15.38
C GLN B 264 1.54 -53.65 13.90
N ALA B 265 2.65 -53.00 13.56
CA ALA B 265 3.05 -52.89 12.16
C ALA B 265 3.51 -54.25 11.64
N HIS B 266 3.81 -54.28 10.34
CA HIS B 266 4.23 -55.50 9.66
C HIS B 266 5.65 -55.44 9.12
N THR B 267 6.13 -54.26 8.75
CA THR B 267 7.44 -54.10 8.11
C THR B 267 8.19 -52.95 8.77
N ILE B 268 8.29 -53.00 10.10
CA ILE B 268 8.91 -51.95 10.90
C ILE B 268 10.29 -51.59 10.36
N GLY B 269 10.48 -50.31 10.05
CA GLY B 269 11.78 -49.82 9.61
C GLY B 269 12.57 -49.20 10.74
N LEU B 270 13.83 -48.88 10.42
CA LEU B 270 14.71 -48.26 11.41
C LEU B 270 15.90 -47.62 10.70
N MET B 271 16.20 -46.36 11.05
CA MET B 271 17.27 -45.61 10.42
C MET B 271 18.33 -45.25 11.46
N ARG B 272 19.60 -45.35 11.07
CA ARG B 272 20.71 -45.04 11.96
C ARG B 272 21.48 -43.81 11.51
N SER B 273 22.01 -43.81 10.27
CA SER B 273 22.75 -42.66 9.75
C SER B 273 22.45 -42.55 8.25
N GLY B 274 21.43 -41.76 7.92
CA GLY B 274 21.13 -41.47 6.53
C GLY B 274 20.75 -42.64 5.68
N LYS B 275 20.41 -43.77 6.29
CA LYS B 275 20.03 -44.96 5.52
C LYS B 275 19.28 -45.92 6.43
N LEU B 276 18.47 -46.78 5.83
CA LEU B 276 17.75 -47.80 6.57
C LEU B 276 18.73 -48.80 7.18
N LEU B 277 18.55 -49.09 8.45
CA LEU B 277 19.37 -50.09 9.12
C LEU B 277 18.81 -51.49 8.97
N ALA B 278 17.51 -51.65 9.13
CA ALA B 278 16.86 -52.94 8.96
C ALA B 278 15.37 -52.71 8.71
N GLU B 279 14.76 -53.63 7.95
CA GLU B 279 13.32 -53.59 7.67
C GLU B 279 12.80 -55.01 7.80
N GLU B 280 12.40 -55.38 9.02
CA GLU B 280 11.89 -56.71 9.33
C GLU B 280 10.59 -56.56 10.11
N SER B 281 9.89 -57.68 10.24
CA SER B 281 8.68 -57.71 11.07
C SER B 281 9.05 -57.48 12.53
N PRO B 282 8.14 -56.87 13.31
CA PRO B 282 8.46 -56.63 14.73
C PRO B 282 8.77 -57.88 15.51
N HIS B 283 8.11 -58.99 15.21
CA HIS B 283 8.42 -60.27 15.87
C HIS B 283 9.64 -60.95 15.29
N VAL B 284 10.17 -60.45 14.17
CA VAL B 284 11.42 -60.94 13.62
C VAL B 284 12.59 -60.04 13.99
N LEU B 285 12.37 -58.73 14.12
CA LEU B 285 13.43 -57.83 14.60
C LEU B 285 13.93 -58.26 15.97
N LEU B 286 13.03 -58.74 16.83
CA LEU B 286 13.43 -59.28 18.12
C LEU B 286 14.16 -60.61 17.93
N SER B 287 14.91 -61.00 18.96
CA SER B 287 15.75 -62.19 19.01
C SER B 287 16.96 -62.09 18.08
N MET B 288 17.08 -61.02 17.31
CA MET B 288 18.24 -60.79 16.45
C MET B 288 19.03 -59.54 16.82
N TYR B 289 18.37 -58.53 17.37
CA TYR B 289 19.03 -57.31 17.82
C TYR B 289 18.87 -57.06 19.31
N GLY B 290 17.68 -57.29 19.86
CA GLY B 290 17.43 -57.12 21.28
C GLY B 290 16.85 -58.35 21.92
N CYS B 291 16.20 -58.18 23.08
CA CYS B 291 15.63 -59.31 23.81
C CYS B 291 14.11 -59.20 23.93
N GLN B 292 13.59 -58.09 24.44
CA GLN B 292 12.16 -57.95 24.67
C GLN B 292 11.74 -56.51 24.39
N SER B 293 10.44 -56.32 24.21
CA SER B 293 9.82 -55.01 23.99
C SER B 293 10.42 -54.42 22.71
N LEU B 294 10.52 -53.09 22.63
CA LEU B 294 11.09 -52.39 21.48
C LEU B 294 12.32 -51.64 21.97
N GLU B 295 13.47 -52.30 21.90
CA GLU B 295 14.75 -51.74 22.34
C GLU B 295 14.69 -51.24 23.77
N SER B 390 -9.45 -29.22 -13.50
CA SER B 390 -10.78 -29.74 -13.82
C SER B 390 -11.86 -28.87 -13.21
N TRP B 391 -13.12 -29.27 -13.39
CA TRP B 391 -14.24 -28.51 -12.86
C TRP B 391 -14.32 -28.59 -11.34
N GLY B 392 -13.99 -29.75 -10.76
CA GLY B 392 -14.07 -29.89 -9.32
C GLY B 392 -13.08 -29.00 -8.58
N LYS B 393 -11.83 -28.93 -9.07
CA LYS B 393 -10.83 -28.12 -8.42
C LYS B 393 -11.16 -26.64 -8.52
N ILE B 394 -11.69 -26.20 -9.66
CA ILE B 394 -12.02 -24.79 -9.85
C ILE B 394 -13.12 -24.37 -8.89
N LYS B 395 -14.18 -25.19 -8.79
CA LYS B 395 -15.28 -24.86 -7.90
C LYS B 395 -14.88 -24.94 -6.43
N ALA B 396 -13.99 -25.86 -6.08
CA ALA B 396 -13.60 -26.04 -4.68
C ALA B 396 -12.94 -24.78 -4.13
N LEU B 397 -11.91 -24.28 -4.82
CA LEU B 397 -11.25 -23.03 -4.43
C LEU B 397 -11.82 -21.82 -5.15
N LEU B 398 -13.16 -21.72 -5.16
CA LEU B 398 -13.83 -20.53 -5.67
C LEU B 398 -14.89 -20.11 -4.65
N GLN B 399 -15.41 -21.08 -3.90
CA GLN B 399 -16.27 -20.82 -2.77
C GLN B 399 -15.48 -20.52 -1.50
N LYS B 400 -14.16 -20.66 -1.54
CA LYS B 400 -13.29 -20.27 -0.45
C LYS B 400 -12.84 -18.82 -0.57
N ASN B 401 -12.55 -18.36 -1.78
CA ASN B 401 -12.26 -16.95 -2.00
C ASN B 401 -13.49 -16.09 -1.72
N PHE B 402 -14.66 -16.54 -2.17
CA PHE B 402 -15.88 -15.80 -1.92
C PHE B 402 -16.21 -15.78 -0.43
N LEU B 403 -15.99 -16.89 0.27
CA LEU B 403 -16.25 -16.94 1.70
C LEU B 403 -15.30 -16.03 2.48
N ARG B 404 -14.10 -15.79 1.94
CA ARG B 404 -13.14 -14.94 2.64
C ARG B 404 -13.65 -13.52 2.77
N MET B 405 -14.27 -12.99 1.71
CA MET B 405 -14.78 -11.62 1.76
C MET B 405 -15.98 -11.50 2.71
N TRP B 406 -16.84 -12.52 2.73
CA TRP B 406 -18.03 -12.48 3.57
C TRP B 406 -17.69 -12.55 5.06
N ARG B 407 -16.53 -13.08 5.42
CA ARG B 407 -16.18 -13.23 6.83
C ARG B 407 -15.86 -11.90 7.49
N ASN B 408 -15.57 -10.86 6.71
CA ASN B 408 -15.17 -9.56 7.22
C ASN B 408 -16.08 -8.45 6.69
N VAL B 409 -17.38 -8.72 6.64
CA VAL B 409 -18.34 -7.72 6.17
C VAL B 409 -18.22 -6.46 7.01
N GLY B 410 -18.19 -5.31 6.32
CA GLY B 410 -17.87 -4.05 6.96
C GLY B 410 -16.61 -3.47 6.36
N VAL B 411 -15.64 -4.34 6.10
CA VAL B 411 -14.46 -3.97 5.33
C VAL B 411 -14.70 -4.12 3.83
N MET B 412 -15.41 -5.19 3.44
CA MET B 412 -15.81 -5.34 2.05
C MET B 412 -16.74 -4.22 1.61
N LEU B 413 -17.59 -3.73 2.51
CA LEU B 413 -18.43 -2.58 2.19
C LEU B 413 -17.61 -1.29 2.13
N PHE B 414 -16.46 -1.24 2.81
CA PHE B 414 -15.63 -0.05 2.77
C PHE B 414 -15.04 0.16 1.37
N ILE B 415 -14.68 -0.93 0.69
CA ILE B 415 -14.12 -0.81 -0.66
C ILE B 415 -15.16 -0.31 -1.65
N PHE B 416 -16.45 -0.41 -1.32
CA PHE B 416 -17.51 0.13 -2.16
C PHE B 416 -17.84 1.58 -1.81
N ALA B 417 -17.30 2.11 -0.72
CA ALA B 417 -17.49 3.50 -0.34
C ALA B 417 -16.26 4.35 -0.61
N LEU B 418 -15.17 3.76 -1.07
CA LEU B 418 -13.95 4.49 -1.41
C LEU B 418 -14.06 5.18 -2.76
N PRO B 419 -14.48 4.51 -3.84
CA PRO B 419 -14.55 5.21 -5.14
C PRO B 419 -15.49 6.41 -5.13
N VAL B 420 -16.61 6.32 -4.42
CA VAL B 420 -17.54 7.45 -4.35
C VAL B 420 -16.93 8.60 -3.56
N MET B 421 -16.22 8.29 -2.48
CA MET B 421 -15.59 9.33 -1.68
C MET B 421 -14.37 9.92 -2.39
N GLN B 422 -13.63 9.09 -3.11
CA GLN B 422 -12.46 9.58 -3.86
C GLN B 422 -12.86 10.43 -5.06
N VAL B 423 -14.10 10.31 -5.54
CA VAL B 423 -14.56 11.05 -6.70
C VAL B 423 -15.23 12.36 -6.30
N ILE B 424 -16.02 12.35 -5.24
CA ILE B 424 -16.70 13.56 -4.78
C ILE B 424 -15.67 14.62 -4.38
N LEU B 425 -14.60 14.20 -3.71
CA LEU B 425 -13.56 15.13 -3.31
C LEU B 425 -12.88 15.75 -4.53
N PHE B 426 -12.62 14.95 -5.56
CA PHE B 426 -11.96 15.47 -6.76
C PHE B 426 -12.84 16.48 -7.48
N CYS B 427 -14.13 16.19 -7.62
CA CYS B 427 -15.02 17.07 -8.37
C CYS B 427 -15.36 18.35 -7.62
N LEU B 428 -15.23 18.35 -6.29
CA LEU B 428 -15.57 19.52 -5.49
C LEU B 428 -14.37 20.39 -5.15
N ALA B 429 -13.15 19.98 -5.51
CA ALA B 429 -11.96 20.72 -5.16
C ALA B 429 -11.20 21.22 -6.38
N ILE B 430 -10.90 20.35 -7.33
CA ILE B 430 -10.07 20.71 -8.48
C ILE B 430 -10.95 21.28 -9.58
N GLY B 431 -10.57 22.45 -10.09
CA GLY B 431 -11.27 23.04 -11.22
C GLY B 431 -11.92 24.36 -10.92
N ARG B 432 -12.57 24.48 -9.76
CA ARG B 432 -13.26 25.70 -9.41
C ARG B 432 -12.26 26.82 -9.11
N ASP B 433 -12.55 28.01 -9.63
CA ASP B 433 -11.65 29.13 -9.45
C ASP B 433 -11.76 29.73 -8.05
N PRO B 434 -10.70 30.39 -7.57
CA PRO B 434 -10.77 31.07 -6.28
C PRO B 434 -11.83 32.16 -6.27
N THR B 435 -12.49 32.32 -5.12
CA THR B 435 -13.54 33.31 -4.98
C THR B 435 -13.45 34.04 -3.63
N GLY B 436 -12.25 34.09 -3.05
CA GLY B 436 -12.09 34.74 -1.77
C GLY B 436 -10.84 35.57 -1.65
N LEU B 437 -10.33 36.08 -2.77
CA LEU B 437 -9.12 36.89 -2.78
C LEU B 437 -9.49 38.37 -2.84
N LYS B 438 -8.81 39.16 -2.02
CA LYS B 438 -9.12 40.57 -1.84
C LYS B 438 -8.16 41.44 -2.63
N LEU B 439 -8.36 42.75 -2.54
CA LEU B 439 -7.52 43.72 -3.25
C LEU B 439 -7.47 45.01 -2.45
N ALA B 440 -6.44 45.82 -2.73
CA ALA B 440 -6.22 47.10 -2.06
C ALA B 440 -6.36 48.22 -3.08
N ILE B 441 -7.50 48.90 -3.05
CA ILE B 441 -7.80 49.97 -4.00
C ILE B 441 -7.62 51.32 -3.30
N VAL B 442 -6.78 52.17 -3.88
CA VAL B 442 -6.43 53.45 -3.27
C VAL B 442 -6.79 54.61 -4.18
N ASN B 443 -7.89 54.47 -4.93
CA ASN B 443 -8.34 55.49 -5.88
C ASN B 443 -8.29 56.88 -5.27
N HIS B 444 -7.46 57.75 -5.85
CA HIS B 444 -7.23 59.10 -5.35
C HIS B 444 -8.13 60.13 -6.05
N GLU B 445 -9.44 59.91 -6.07
CA GLU B 445 -10.35 60.92 -6.60
C GLU B 445 -11.60 61.11 -5.77
N LYS B 446 -11.78 60.35 -4.70
CA LYS B 446 -12.94 60.47 -3.83
C LYS B 446 -12.50 60.45 -2.37
N ASN B 447 -13.29 61.08 -1.52
CA ASN B 447 -12.96 61.14 -0.10
C ASN B 447 -12.91 59.75 0.51
N TYR B 448 -11.93 59.52 1.37
CA TYR B 448 -11.69 58.21 1.97
C TYR B 448 -12.37 58.17 3.34
N THR B 449 -13.55 57.57 3.38
CA THR B 449 -14.29 57.38 4.62
C THR B 449 -14.37 55.89 4.94
N ASN B 450 -14.23 55.56 6.22
CA ASN B 450 -14.22 54.16 6.68
C ASN B 450 -13.09 53.38 6.01
N GLN B 451 -13.15 52.06 6.07
CA GLN B 451 -12.16 51.22 5.41
C GLN B 451 -12.77 50.40 4.28
N SER B 452 -13.82 49.62 4.56
CA SER B 452 -14.50 48.85 3.52
C SER B 452 -15.68 49.61 2.94
N TYR B 453 -15.43 50.84 2.50
CA TYR B 453 -16.48 51.68 1.93
C TYR B 453 -15.83 52.86 1.22
N GLN B 454 -16.44 53.25 0.10
CA GLN B 454 -16.05 54.43 -0.65
C GLN B 454 -17.14 54.75 -1.65
N GLU B 455 -17.34 56.04 -1.93
CA GLU B 455 -18.35 56.44 -2.89
C GLU B 455 -18.02 55.91 -4.28
N CYS B 456 -19.06 55.60 -5.05
CA CYS B 456 -18.88 55.07 -6.39
C CYS B 456 -19.87 55.66 -7.39
N SER B 457 -20.47 56.81 -7.09
CA SER B 457 -21.47 57.43 -7.95
C SER B 457 -20.76 58.10 -9.12
N PHE B 458 -20.57 57.36 -10.21
CA PHE B 458 -19.96 57.88 -11.41
C PHE B 458 -21.05 58.32 -12.39
N ASP B 459 -20.64 58.66 -13.61
CA ASP B 459 -21.55 59.17 -14.63
C ASP B 459 -21.79 58.11 -15.69
N TYR B 460 -23.05 57.97 -16.10
CA TYR B 460 -23.47 56.96 -17.08
C TYR B 460 -23.95 57.69 -18.32
N GLY B 461 -23.10 57.75 -19.34
CA GLY B 461 -23.47 58.40 -20.58
C GLY B 461 -22.24 58.83 -21.36
N CYS B 462 -22.49 59.71 -22.34
CA CYS B 462 -21.40 60.20 -23.19
C CYS B 462 -20.38 60.99 -22.40
N LYS B 463 -20.85 61.86 -21.50
CA LYS B 463 -19.94 62.69 -20.73
C LYS B 463 -19.11 61.82 -19.78
N PHE B 464 -17.79 61.89 -19.93
CA PHE B 464 -16.87 61.06 -19.16
C PHE B 464 -16.51 61.75 -17.86
N SER B 465 -16.74 61.07 -16.74
CA SER B 465 -16.42 61.60 -15.43
C SER B 465 -16.21 60.45 -14.47
N TYR B 466 -15.22 60.60 -13.59
CA TYR B 466 -14.90 59.58 -12.58
C TYR B 466 -14.62 58.22 -13.23
N LEU B 467 -13.81 58.25 -14.27
CA LEU B 467 -13.47 57.03 -15.00
C LEU B 467 -12.72 56.03 -14.13
N SER B 468 -12.06 56.49 -13.06
CA SER B 468 -11.37 55.56 -12.17
C SER B 468 -12.37 54.62 -11.51
N CYS B 469 -13.48 55.15 -11.00
CA CYS B 469 -14.55 54.30 -10.50
C CYS B 469 -15.57 54.00 -11.59
N ARG B 470 -15.07 53.60 -12.75
CA ARG B 470 -15.88 53.04 -13.82
C ARG B 470 -15.22 51.75 -14.29
N TYR B 471 -13.89 51.71 -14.23
CA TYR B 471 -13.19 50.44 -14.32
C TYR B 471 -13.52 49.56 -13.12
N LEU B 472 -13.58 50.15 -11.93
CA LEU B 472 -14.14 49.47 -10.78
C LEU B 472 -15.65 49.32 -10.97
N ASN B 473 -16.19 48.25 -10.40
CA ASN B 473 -17.54 47.74 -10.59
C ASN B 473 -17.75 47.18 -12.00
N ASN B 474 -16.77 47.33 -12.89
CA ASN B 474 -16.76 46.66 -14.18
C ASN B 474 -16.00 45.35 -14.14
N LEU B 475 -15.07 45.20 -13.20
CA LEU B 475 -14.39 43.94 -12.99
C LEU B 475 -15.34 42.95 -12.31
N ARG B 476 -14.84 41.74 -12.06
CA ARG B 476 -15.67 40.68 -11.53
C ARG B 476 -16.24 41.07 -10.16
N ASN B 477 -17.54 40.89 -10.00
CA ASN B 477 -18.23 41.26 -8.77
C ASN B 477 -18.23 40.17 -7.72
N SER B 478 -17.75 38.97 -8.06
CA SER B 478 -17.81 37.83 -7.15
C SER B 478 -16.44 37.36 -6.68
N THR B 479 -15.47 37.23 -7.57
CA THR B 479 -14.17 36.67 -7.22
C THR B 479 -13.20 37.69 -6.62
N ILE B 480 -13.52 38.98 -6.64
CA ILE B 480 -12.63 40.01 -6.16
C ILE B 480 -13.35 40.82 -5.09
N LEU B 481 -12.72 40.97 -3.93
CA LEU B 481 -13.24 41.75 -2.82
C LEU B 481 -12.46 43.05 -2.70
N LYS B 482 -13.16 44.16 -2.53
CA LYS B 482 -12.56 45.48 -2.55
C LYS B 482 -12.37 46.00 -1.13
N GLU B 483 -11.16 46.43 -0.81
CA GLU B 483 -10.85 47.13 0.42
C GLU B 483 -10.03 48.36 0.09
N TYR B 484 -10.29 49.47 0.79
CA TYR B 484 -9.78 50.77 0.41
C TYR B 484 -8.76 51.28 1.43
N TYR B 485 -7.68 51.86 0.91
CA TYR B 485 -6.62 52.47 1.69
C TYR B 485 -6.35 53.88 1.17
N PRO B 486 -5.87 54.79 2.02
CA PRO B 486 -5.74 56.19 1.60
C PRO B 486 -4.42 56.52 0.91
N ASP B 487 -3.38 55.73 1.15
CA ASP B 487 -2.04 56.04 0.67
C ASP B 487 -1.46 54.85 -0.06
N PRO B 488 -0.89 55.03 -1.26
CA PRO B 488 -0.21 53.91 -1.93
C PRO B 488 0.93 53.32 -1.12
N GLU B 489 1.63 54.14 -0.33
CA GLU B 489 2.66 53.61 0.56
C GLU B 489 2.08 52.76 1.68
N SER B 490 0.77 52.81 1.90
CA SER B 490 0.10 51.92 2.84
C SER B 490 -0.53 50.71 2.16
N ALA B 491 -0.90 50.84 0.88
CA ALA B 491 -1.44 49.69 0.15
C ALA B 491 -0.37 48.64 -0.07
N VAL B 492 0.82 49.07 -0.53
CA VAL B 492 1.93 48.14 -0.71
C VAL B 492 2.43 47.58 0.61
N ASP B 493 2.04 48.18 1.73
CA ASP B 493 2.39 47.64 3.04
C ASP B 493 1.43 46.52 3.42
N ALA B 494 0.13 46.73 3.21
CA ALA B 494 -0.86 45.74 3.61
C ALA B 494 -0.67 44.43 2.85
N VAL B 495 -0.45 44.51 1.54
CA VAL B 495 -0.22 43.29 0.76
C VAL B 495 1.08 42.62 1.17
N LYS B 496 2.07 43.41 1.59
CA LYS B 496 3.37 42.85 1.97
C LYS B 496 3.26 41.93 3.17
N GLN B 497 2.40 42.23 4.13
CA GLN B 497 2.24 41.42 5.33
C GLN B 497 1.00 40.53 5.23
N GLY B 498 0.67 40.09 4.02
CA GLY B 498 -0.38 39.10 3.82
C GLY B 498 -1.77 39.55 4.21
N HIS B 499 -2.15 40.79 3.91
CA HIS B 499 -3.50 41.27 4.17
C HIS B 499 -4.28 41.51 2.88
N ALA B 500 -3.73 41.17 1.73
CA ALA B 500 -4.37 41.32 0.44
C ALA B 500 -3.58 40.51 -0.58
N TRP B 501 -3.98 40.59 -1.85
CA TRP B 501 -3.28 39.90 -2.92
C TRP B 501 -2.76 40.86 -3.99
N GLY B 502 -2.97 42.15 -3.83
CA GLY B 502 -2.52 43.12 -4.81
C GLY B 502 -2.84 44.52 -4.34
N ALA B 503 -2.48 45.49 -5.16
CA ALA B 503 -2.72 46.89 -4.80
C ALA B 503 -2.81 47.72 -6.08
N LEU B 504 -4.02 48.14 -6.44
CA LEU B 504 -4.19 49.07 -7.54
C LEU B 504 -3.85 50.49 -7.09
N TYR B 505 -3.71 51.39 -8.05
CA TYR B 505 -3.38 52.78 -7.73
C TYR B 505 -3.85 53.66 -8.89
N PHE B 506 -4.84 54.51 -8.64
CA PHE B 506 -5.33 55.47 -9.62
C PHE B 506 -4.85 56.85 -9.25
N THR B 507 -4.16 57.51 -10.18
CA THR B 507 -3.61 58.84 -9.93
C THR B 507 -4.74 59.85 -9.74
N GLU B 508 -4.42 60.94 -9.06
CA GLU B 508 -5.41 61.98 -8.78
C GLU B 508 -6.05 62.49 -10.08
N ASN B 509 -5.23 62.75 -11.10
CA ASN B 509 -5.74 63.17 -12.41
C ASN B 509 -5.75 61.95 -13.33
N PHE B 510 -6.75 61.08 -13.12
CA PHE B 510 -6.90 59.88 -13.91
C PHE B 510 -7.89 60.06 -15.05
N THR B 511 -9.07 60.61 -14.77
CA THR B 511 -10.06 60.85 -15.83
C THR B 511 -9.52 61.85 -16.85
N ASP B 512 -8.86 62.91 -16.38
CA ASP B 512 -8.28 63.88 -17.30
C ASP B 512 -7.17 63.25 -18.14
N ALA B 513 -6.34 62.41 -17.53
CA ALA B 513 -5.24 61.79 -18.27
C ALA B 513 -5.75 60.72 -19.23
N LEU B 514 -6.86 60.07 -18.90
CA LEU B 514 -7.41 59.03 -19.77
C LEU B 514 -8.24 59.61 -20.91
N VAL B 515 -8.97 60.70 -20.66
CA VAL B 515 -9.76 61.31 -21.72
C VAL B 515 -8.88 61.99 -22.75
N ALA B 516 -7.65 62.36 -22.38
CA ALA B 516 -6.71 62.97 -23.30
C ALA B 516 -5.82 61.95 -24.01
N ARG B 517 -5.95 60.68 -23.66
CA ARG B 517 -5.19 59.61 -24.31
C ARG B 517 -5.97 58.90 -25.40
N MET B 518 -7.30 58.85 -25.28
CA MET B 518 -8.13 58.26 -26.33
C MET B 518 -8.53 59.28 -27.39
N ALA B 519 -8.76 60.53 -26.98
CA ALA B 519 -9.08 61.57 -27.95
C ALA B 519 -7.91 61.84 -28.89
N LEU B 520 -6.70 61.86 -28.35
CA LEU B 520 -5.49 62.08 -29.15
C LEU B 520 -4.87 60.73 -29.51
N GLY B 521 -4.63 60.52 -30.80
CA GLY B 521 -4.07 59.28 -31.30
C GLY B 521 -2.66 59.50 -31.83
N LYS B 522 -1.72 58.72 -31.28
CA LYS B 522 -0.32 58.74 -31.70
C LYS B 522 0.33 60.10 -31.47
N ASP B 523 -0.30 60.94 -30.63
CA ASP B 523 0.22 62.27 -30.33
C ASP B 523 0.18 62.55 -28.83
N ALA B 524 0.26 61.50 -28.01
CA ALA B 524 0.24 61.66 -26.57
C ALA B 524 1.66 61.83 -26.05
N ASP B 525 1.90 62.91 -25.32
CA ASP B 525 3.22 63.16 -24.78
C ASP B 525 3.55 62.16 -23.66
N PRO B 526 4.83 61.89 -23.42
CA PRO B 526 5.20 60.94 -22.36
C PRO B 526 4.62 61.29 -21.00
N GLU B 527 4.55 62.58 -20.66
CA GLU B 527 3.96 62.97 -19.38
C GLU B 527 2.48 62.63 -19.32
N THR B 528 1.75 62.86 -20.41
CA THR B 528 0.34 62.50 -20.46
C THR B 528 0.16 60.99 -20.35
N LEU B 529 0.97 60.22 -21.08
CA LEU B 529 0.89 58.77 -21.02
C LEU B 529 1.75 58.27 -19.86
N ASP B 530 1.59 58.90 -18.70
CA ASP B 530 2.19 58.40 -17.46
C ASP B 530 1.29 58.56 -16.25
N GLN B 531 0.12 59.18 -16.38
CA GLN B 531 -0.81 59.35 -15.27
C GLN B 531 -2.15 58.68 -15.51
N SER B 532 -2.43 58.23 -16.73
CA SER B 532 -3.62 57.44 -17.02
C SER B 532 -3.39 55.96 -16.81
N GLU B 533 -2.20 55.57 -16.34
CA GLU B 533 -1.90 54.17 -16.10
C GLU B 533 -2.45 53.74 -14.74
N VAL B 534 -2.83 52.46 -14.65
CA VAL B 534 -3.32 51.88 -13.42
C VAL B 534 -2.22 51.02 -12.81
N ARG B 535 -1.44 51.59 -11.90
CA ARG B 535 -0.33 50.86 -11.29
C ARG B 535 -0.86 49.78 -10.36
N VAL B 536 -0.40 48.55 -10.55
CA VAL B 536 -0.80 47.44 -9.70
C VAL B 536 0.43 46.63 -9.32
N TRP B 537 0.64 46.43 -8.03
CA TRP B 537 1.69 45.56 -7.52
C TRP B 537 1.05 44.24 -7.09
N LEU B 538 1.48 43.15 -7.70
CA LEU B 538 0.85 41.84 -7.51
C LEU B 538 1.74 40.96 -6.65
N ASP B 539 1.14 40.34 -5.62
CA ASP B 539 1.83 39.37 -4.79
C ASP B 539 1.69 38.00 -5.46
N MET B 540 2.48 37.81 -6.51
CA MET B 540 2.44 36.58 -7.30
C MET B 540 3.32 35.49 -6.69
N SER B 541 3.11 35.22 -5.41
CA SER B 541 3.84 34.17 -4.70
C SER B 541 3.09 32.85 -4.69
N ASN B 542 1.92 32.78 -5.31
CA ASN B 542 1.16 31.54 -5.40
C ASN B 542 1.22 30.88 -6.77
N GLN B 543 1.57 31.63 -7.82
CA GLN B 543 1.72 31.14 -9.19
C GLN B 543 0.46 30.50 -9.75
N GLN B 544 -0.66 30.55 -9.02
CA GLN B 544 -1.94 30.11 -9.52
C GLN B 544 -3.08 31.05 -9.21
N ILE B 545 -2.97 31.89 -8.18
CA ILE B 545 -3.94 32.94 -7.91
C ILE B 545 -3.53 34.24 -8.57
N GLY B 546 -2.24 34.57 -8.53
CA GLY B 546 -1.76 35.73 -9.24
C GLY B 546 -1.89 35.61 -10.75
N ILE B 547 -1.90 34.37 -11.26
CA ILE B 547 -2.12 34.17 -12.69
C ILE B 547 -3.54 34.58 -13.07
N ILE B 548 -4.53 34.18 -12.29
CA ILE B 548 -5.92 34.56 -12.57
C ILE B 548 -6.21 35.99 -12.16
N LEU B 549 -5.34 36.62 -11.36
CA LEU B 549 -5.53 38.02 -11.02
C LEU B 549 -5.07 38.93 -12.15
N GLN B 550 -3.90 38.64 -12.73
CA GLN B 550 -3.43 39.40 -13.88
C GLN B 550 -4.15 39.03 -15.17
N ARG B 551 -4.82 37.89 -15.20
CA ARG B 551 -5.67 37.51 -16.33
C ARG B 551 -7.05 38.14 -16.25
N ASP B 552 -7.43 38.69 -15.09
CA ASP B 552 -8.74 39.28 -14.89
C ASP B 552 -8.71 40.80 -14.98
N LEU B 553 -7.64 41.43 -14.45
CA LEU B 553 -7.57 42.89 -14.48
C LEU B 553 -7.54 43.42 -15.91
N GLN B 554 -6.72 42.81 -16.77
CA GLN B 554 -6.66 43.25 -18.16
C GLN B 554 -7.86 42.80 -18.96
N LEU B 555 -8.42 41.63 -18.64
CA LEU B 555 -9.63 41.18 -19.33
C LEU B 555 -10.83 42.05 -19.00
N SER B 556 -10.91 42.52 -17.75
CA SER B 556 -11.97 43.44 -17.37
C SER B 556 -11.84 44.80 -18.03
N TYR B 557 -10.63 45.17 -18.46
CA TYR B 557 -10.45 46.42 -19.19
C TYR B 557 -11.06 46.35 -20.58
N GLN B 558 -11.21 45.16 -21.15
CA GLN B 558 -11.84 45.01 -22.46
C GLN B 558 -13.29 45.49 -22.41
N ASP B 559 -14.04 45.06 -21.39
CA ASP B 559 -15.42 45.51 -21.25
C ASP B 559 -15.49 47.01 -21.00
N PHE B 560 -14.56 47.53 -20.19
CA PHE B 560 -14.51 48.96 -19.95
C PHE B 560 -14.21 49.73 -21.24
N ALA B 561 -13.29 49.20 -22.05
CA ALA B 561 -12.97 49.85 -23.32
C ALA B 561 -14.16 49.81 -24.28
N LYS B 562 -14.86 48.68 -24.35
CA LYS B 562 -16.03 48.59 -25.21
C LYS B 562 -17.17 49.47 -24.70
N ASP B 563 -17.30 49.61 -23.38
CA ASP B 563 -18.33 50.49 -22.83
C ASP B 563 -18.10 51.94 -23.23
N LEU B 564 -16.84 52.39 -23.22
CA LEU B 564 -16.54 53.76 -23.63
C LEU B 564 -16.83 53.97 -25.11
N LEU B 565 -16.46 53.00 -25.95
CA LEU B 565 -16.62 53.16 -27.39
C LEU B 565 -18.04 52.83 -27.83
N GLY B 566 -18.55 51.69 -27.42
CA GLY B 566 -19.82 51.19 -27.92
C GLY B 566 -21.05 51.89 -27.42
N ALA B 567 -20.91 52.86 -26.51
CA ALA B 567 -22.06 53.56 -25.96
C ALA B 567 -22.17 55.01 -26.41
N CYS B 568 -21.08 55.64 -26.80
CA CYS B 568 -21.11 57.06 -27.11
C CYS B 568 -20.67 57.42 -28.51
N GLU B 569 -19.58 56.82 -29.01
CA GLU B 569 -18.94 57.31 -30.23
C GLU B 569 -19.11 56.38 -31.42
N GLN B 570 -18.70 55.13 -31.33
CA GLN B 570 -18.62 54.26 -32.50
C GLN B 570 -19.00 52.85 -32.10
N ASN B 571 -18.76 51.90 -33.00
CA ASN B 571 -19.08 50.49 -32.81
C ASN B 571 -18.13 49.84 -31.81
N PRO B 572 -18.61 48.83 -31.05
CA PRO B 572 -17.79 48.15 -30.05
C PRO B 572 -16.89 47.05 -30.62
N ASP B 573 -16.15 47.39 -31.68
CA ASP B 573 -15.24 46.45 -32.31
C ASP B 573 -13.86 47.03 -32.62
N LEU B 574 -13.69 48.35 -32.54
CA LEU B 574 -12.38 48.94 -32.81
C LEU B 574 -11.35 48.50 -31.78
N ALA B 575 -11.74 48.44 -30.50
CA ALA B 575 -10.84 48.06 -29.42
C ALA B 575 -10.67 46.54 -29.39
N GLU B 576 -10.10 46.01 -30.46
CA GLU B 576 -9.86 44.58 -30.59
C GLU B 576 -8.50 44.35 -31.25
N ILE B 577 -7.76 43.38 -30.75
CA ILE B 577 -6.48 42.99 -31.33
C ILE B 577 -6.78 42.36 -32.69
N PRO B 578 -5.91 42.54 -33.70
CA PRO B 578 -6.17 41.89 -34.99
C PRO B 578 -6.19 40.38 -34.93
N ILE B 579 -5.61 39.77 -33.90
CA ILE B 579 -5.64 38.32 -33.76
C ILE B 579 -7.06 37.91 -33.37
N SER B 580 -7.77 37.26 -34.28
CA SER B 580 -9.11 36.78 -34.05
C SER B 580 -9.08 35.25 -33.95
N PHE B 581 -9.63 34.72 -32.86
CA PHE B 581 -9.50 33.30 -32.55
C PHE B 581 -10.66 32.47 -33.08
N LYS B 582 -11.64 33.09 -33.75
CA LYS B 582 -12.75 32.37 -34.37
C LYS B 582 -13.44 31.41 -33.40
N GLU B 583 -13.82 30.24 -33.90
CA GLU B 583 -14.47 29.22 -33.10
C GLU B 583 -13.63 27.96 -33.07
N PRO B 584 -13.36 27.39 -31.91
CA PRO B 584 -12.52 26.18 -31.84
C PRO B 584 -13.18 25.01 -32.56
N ILE B 585 -12.36 24.19 -33.21
CA ILE B 585 -12.87 23.06 -33.96
C ILE B 585 -13.39 21.97 -33.02
N TYR B 586 -12.64 21.65 -31.98
CA TYR B 586 -12.98 20.54 -31.09
C TYR B 586 -13.32 20.98 -29.68
N GLY B 587 -12.51 21.83 -29.07
CA GLY B 587 -12.69 22.23 -27.69
C GLY B 587 -13.64 23.39 -27.53
N SER B 588 -13.54 24.06 -26.39
CA SER B 588 -14.36 25.21 -26.07
C SER B 588 -13.47 26.43 -25.89
N ASN B 589 -14.07 27.62 -26.10
CA ASN B 589 -13.31 28.86 -26.01
C ASN B 589 -12.91 29.20 -24.58
N LYS B 590 -13.45 28.49 -23.58
CA LYS B 590 -13.13 28.74 -22.17
C LYS B 590 -12.66 27.42 -21.57
N PRO B 591 -11.38 27.08 -21.77
CA PRO B 591 -10.86 25.83 -21.18
C PRO B 591 -10.77 25.93 -19.66
N SER B 592 -10.88 24.77 -19.02
CA SER B 592 -10.80 24.67 -17.57
C SER B 592 -9.89 23.51 -17.19
N PHE B 593 -9.32 23.60 -15.99
CA PHE B 593 -8.43 22.57 -15.49
C PHE B 593 -9.15 21.30 -15.06
N THR B 594 -10.47 21.36 -14.87
CA THR B 594 -11.23 20.19 -14.45
C THR B 594 -11.65 19.30 -15.61
N ASP B 595 -11.55 19.79 -16.85
CA ASP B 595 -11.88 18.97 -18.01
C ASP B 595 -10.68 18.27 -18.60
N PHE B 596 -9.48 18.86 -18.48
CA PHE B 596 -8.27 18.23 -19.00
C PHE B 596 -7.79 17.10 -18.11
N VAL B 597 -7.96 17.23 -16.80
CA VAL B 597 -7.41 16.23 -15.88
C VAL B 597 -8.39 15.09 -15.59
N ALA B 598 -9.70 15.29 -15.78
CA ALA B 598 -10.65 14.24 -15.46
C ALA B 598 -10.47 12.99 -16.31
N PRO B 599 -10.21 13.08 -17.63
CA PRO B 599 -9.85 11.87 -18.38
C PRO B 599 -8.73 11.06 -17.75
N GLY B 600 -7.72 11.71 -17.18
CA GLY B 600 -6.59 11.00 -16.61
C GLY B 600 -6.76 10.52 -15.19
N VAL B 601 -7.86 10.89 -14.53
CA VAL B 601 -8.10 10.50 -13.15
C VAL B 601 -8.98 9.26 -13.11
N ILE B 602 -9.97 9.20 -14.00
CA ILE B 602 -10.87 8.05 -14.05
C ILE B 602 -10.11 6.79 -14.40
N LEU B 603 -9.14 6.88 -15.32
CA LEU B 603 -8.33 5.73 -15.68
C LEU B 603 -7.27 5.42 -14.63
N THR B 604 -7.01 6.34 -13.70
CA THR B 604 -6.00 6.15 -12.66
C THR B 604 -6.60 5.65 -11.36
N ILE B 605 -7.80 6.13 -10.99
CA ILE B 605 -8.45 5.64 -9.78
C ILE B 605 -8.75 4.15 -9.90
N VAL B 606 -9.26 3.72 -11.05
CA VAL B 606 -9.56 2.31 -11.26
C VAL B 606 -8.28 1.47 -11.22
N PHE B 607 -7.21 1.98 -11.82
CA PHE B 607 -5.96 1.23 -11.87
C PHE B 607 -5.40 0.99 -10.47
N PHE B 608 -5.42 2.01 -9.61
CA PHE B 608 -4.84 1.88 -8.28
C PHE B 608 -5.73 1.08 -7.33
N LEU B 609 -7.05 1.18 -7.48
CA LEU B 609 -7.94 0.38 -6.64
C LEU B 609 -7.78 -1.11 -6.93
N ALA B 610 -7.60 -1.46 -8.20
CA ALA B 610 -7.37 -2.86 -8.55
C ALA B 610 -6.05 -3.36 -7.99
N VAL B 611 -5.02 -2.51 -7.97
CA VAL B 611 -3.72 -2.89 -7.43
C VAL B 611 -3.84 -3.22 -5.95
N ALA B 612 -4.55 -2.39 -5.19
CA ALA B 612 -4.74 -2.66 -3.76
C ALA B 612 -5.55 -3.91 -3.53
N LEU B 613 -6.51 -4.21 -4.42
CA LEU B 613 -7.33 -5.41 -4.27
C LEU B 613 -6.47 -6.67 -4.36
N THR B 614 -5.81 -6.87 -5.48
CA THR B 614 -5.00 -8.07 -5.72
C THR B 614 -3.52 -7.80 -5.40
N SER B 615 -3.27 -7.35 -4.17
CA SER B 615 -1.91 -7.13 -3.70
C SER B 615 -1.46 -8.15 -2.67
N SER B 616 -2.39 -8.69 -1.88
CA SER B 616 -2.11 -9.73 -0.89
C SER B 616 -2.90 -10.99 -1.20
N ALA B 617 -3.10 -11.28 -2.48
CA ALA B 617 -3.86 -12.45 -2.90
C ALA B 617 -2.98 -13.70 -2.98
N LEU B 618 -1.85 -13.61 -3.68
CA LEU B 618 -0.93 -14.72 -3.82
C LEU B 618 0.06 -14.82 -2.66
N ILE B 619 0.01 -13.89 -1.70
CA ILE B 619 0.94 -13.90 -0.58
C ILE B 619 0.33 -14.47 0.70
N ILE B 620 -1.00 -14.60 0.77
CA ILE B 620 -1.64 -15.16 1.95
C ILE B 620 -1.87 -16.66 1.84
N GLU B 621 -1.49 -17.28 0.72
CA GLU B 621 -1.64 -18.73 0.59
C GLU B 621 -0.78 -19.46 1.59
N ARG B 622 0.49 -19.05 1.72
CA ARG B 622 1.36 -19.61 2.74
C ARG B 622 1.10 -19.01 4.13
N MET B 623 0.40 -17.87 4.18
CA MET B 623 0.10 -17.26 5.47
C MET B 623 -0.82 -18.14 6.30
N GLU B 624 -1.84 -18.72 5.68
CA GLU B 624 -2.87 -19.48 6.37
C GLU B 624 -2.71 -20.98 6.18
N GLY B 625 -1.57 -21.43 5.65
CA GLY B 625 -1.41 -22.84 5.41
C GLY B 625 -2.32 -23.33 4.30
N LEU B 626 -2.62 -24.63 4.35
CA LEU B 626 -3.52 -25.30 3.40
C LEU B 626 -3.03 -25.19 1.97
N LEU B 627 -1.73 -24.94 1.77
CA LEU B 627 -1.16 -24.80 0.44
C LEU B 627 -0.20 -25.93 0.09
N ASP B 628 0.79 -26.19 0.95
CA ASP B 628 1.75 -27.26 0.66
C ASP B 628 1.07 -28.62 0.63
N ARG B 629 0.10 -28.84 1.51
CA ARG B 629 -0.67 -30.08 1.49
C ARG B 629 -1.73 -30.10 0.39
N SER B 630 -2.01 -28.95 -0.23
CA SER B 630 -2.93 -28.90 -1.36
C SER B 630 -2.25 -29.14 -2.69
N TRP B 631 -0.92 -28.94 -2.77
CA TRP B 631 -0.20 -29.27 -4.00
C TRP B 631 -0.27 -30.77 -4.28
N VAL B 632 -0.19 -31.59 -3.24
CA VAL B 632 -0.28 -33.03 -3.40
C VAL B 632 -1.66 -33.43 -3.91
N ALA B 633 -2.69 -32.70 -3.49
CA ALA B 633 -4.06 -33.01 -3.88
C ALA B 633 -4.32 -32.80 -5.37
N GLY B 634 -3.34 -32.32 -6.13
CA GLY B 634 -3.49 -32.15 -7.56
C GLY B 634 -3.79 -30.74 -8.02
N VAL B 635 -3.79 -29.76 -7.12
CA VAL B 635 -4.07 -28.38 -7.51
C VAL B 635 -2.86 -27.85 -8.28
N THR B 636 -3.04 -27.65 -9.58
CA THR B 636 -1.97 -27.11 -10.40
C THR B 636 -1.74 -25.63 -10.04
N PRO B 637 -0.49 -25.15 -10.09
CA PRO B 637 -0.26 -23.73 -9.81
C PRO B 637 -0.99 -22.79 -10.77
N GLY B 638 -1.33 -23.24 -11.97
CA GLY B 638 -2.06 -22.41 -12.91
C GLY B 638 -3.53 -22.23 -12.61
N GLU B 639 -4.08 -22.96 -11.65
CA GLU B 639 -5.47 -22.83 -11.26
C GLU B 639 -5.69 -21.87 -10.11
N ILE B 640 -4.71 -21.74 -9.20
CA ILE B 640 -4.83 -20.77 -8.11
C ILE B 640 -4.82 -19.35 -8.68
N LEU B 641 -3.92 -19.07 -9.62
CA LEU B 641 -3.89 -17.75 -10.25
C LEU B 641 -5.14 -17.48 -11.07
N PHE B 642 -5.64 -18.49 -11.79
CA PHE B 642 -6.81 -18.29 -12.63
C PHE B 642 -8.04 -17.98 -11.81
N SER B 643 -8.25 -18.70 -10.70
CA SER B 643 -9.44 -18.47 -9.87
C SER B 643 -9.36 -17.16 -9.11
N HIS B 644 -8.16 -16.68 -8.80
CA HIS B 644 -8.02 -15.38 -8.16
C HIS B 644 -8.47 -14.26 -9.09
N VAL B 645 -8.24 -14.41 -10.38
CA VAL B 645 -8.68 -13.40 -11.34
C VAL B 645 -10.21 -13.31 -11.37
N VAL B 646 -10.89 -14.46 -11.38
CA VAL B 646 -12.34 -14.48 -11.53
C VAL B 646 -13.02 -13.85 -10.32
N THR B 647 -12.56 -14.20 -9.11
CA THR B 647 -13.25 -13.73 -7.90
C THR B 647 -13.05 -12.24 -7.69
N GLN B 648 -11.91 -11.70 -8.08
CA GLN B 648 -11.65 -10.27 -7.91
C GLN B 648 -12.18 -9.42 -9.06
N PHE B 649 -12.29 -10.01 -10.26
CA PHE B 649 -12.88 -9.27 -11.38
C PHE B 649 -14.36 -9.02 -11.16
N VAL B 650 -15.04 -9.91 -10.45
CA VAL B 650 -16.45 -9.70 -10.16
C VAL B 650 -16.64 -8.48 -9.27
N VAL B 651 -15.81 -8.34 -8.23
CA VAL B 651 -15.92 -7.18 -7.35
C VAL B 651 -15.25 -5.95 -7.94
N MET B 652 -14.34 -6.13 -8.91
CA MET B 652 -13.75 -4.98 -9.58
C MET B 652 -14.80 -4.20 -10.37
N CYS B 653 -15.67 -4.91 -11.08
CA CYS B 653 -16.73 -4.25 -11.83
C CYS B 653 -17.76 -3.57 -10.94
N GLY B 654 -17.85 -3.99 -9.68
CA GLY B 654 -18.80 -3.36 -8.76
C GLY B 654 -18.41 -1.95 -8.38
N GLN B 655 -17.11 -1.64 -8.41
CA GLN B 655 -16.62 -0.30 -8.11
C GLN B 655 -16.21 0.47 -9.35
N THR B 656 -15.97 -0.22 -10.48
CA THR B 656 -15.72 0.49 -11.72
C THR B 656 -16.95 1.24 -12.19
N ALA B 657 -18.13 0.62 -12.06
CA ALA B 657 -19.37 1.29 -12.44
C ALA B 657 -19.66 2.48 -11.53
N LEU B 658 -19.33 2.37 -10.23
CA LEU B 658 -19.54 3.48 -9.31
C LEU B 658 -18.69 4.69 -9.69
N VAL B 659 -17.46 4.44 -10.16
CA VAL B 659 -16.60 5.53 -10.60
C VAL B 659 -17.22 6.23 -11.81
N LEU B 660 -17.68 5.45 -12.77
CA LEU B 660 -18.25 6.03 -13.99
C LEU B 660 -19.59 6.70 -13.73
N ILE B 661 -20.43 6.10 -12.89
CA ILE B 661 -21.76 6.66 -12.63
C ILE B 661 -21.64 8.00 -11.91
N PHE B 662 -20.77 8.06 -10.89
CA PHE B 662 -20.62 9.28 -10.11
C PHE B 662 -19.82 10.36 -10.82
N MET B 663 -19.13 10.02 -11.91
CA MET B 663 -18.36 11.01 -12.66
C MET B 663 -19.07 11.50 -13.90
N ILE B 664 -20.10 10.80 -14.38
CA ILE B 664 -20.82 11.16 -15.58
C ILE B 664 -22.25 11.59 -15.27
N LEU B 665 -22.96 10.82 -14.43
CA LEU B 665 -24.36 11.13 -14.15
C LEU B 665 -24.50 12.22 -13.09
N VAL B 666 -23.95 11.98 -11.90
CA VAL B 666 -24.09 12.94 -10.80
C VAL B 666 -23.36 14.23 -11.12
N PHE B 667 -22.11 14.12 -11.57
CA PHE B 667 -21.30 15.28 -11.93
C PHE B 667 -21.20 15.37 -13.45
N GLY B 668 -21.48 16.55 -13.99
CA GLY B 668 -21.50 16.75 -15.42
C GLY B 668 -20.13 16.69 -16.08
N VAL B 669 -19.88 15.63 -16.85
CA VAL B 669 -18.67 15.48 -17.63
C VAL B 669 -19.08 15.13 -19.06
N GLN B 670 -18.54 15.88 -20.02
CA GLN B 670 -18.95 15.68 -21.41
C GLN B 670 -18.52 14.30 -21.92
N CYS B 671 -19.40 13.69 -22.71
CA CYS B 671 -19.17 12.36 -23.27
C CYS B 671 -19.57 12.35 -24.74
N LYS B 672 -19.05 13.32 -25.50
CA LYS B 672 -19.45 13.48 -26.90
C LYS B 672 -19.22 12.21 -27.70
N GLY B 673 -18.21 11.43 -27.35
CA GLY B 673 -17.93 10.19 -28.04
C GLY B 673 -18.87 9.07 -27.62
N ASP B 674 -18.59 7.88 -28.13
CA ASP B 674 -19.42 6.72 -27.84
C ASP B 674 -19.27 6.32 -26.38
N ILE B 675 -20.39 6.25 -25.67
CA ILE B 675 -20.36 5.88 -24.25
C ILE B 675 -20.02 4.40 -24.08
N GLY B 676 -20.40 3.55 -25.03
CA GLY B 676 -20.18 2.12 -24.87
C GLY B 676 -18.71 1.75 -24.80
N TRP B 677 -17.88 2.38 -25.63
CA TRP B 677 -16.46 2.05 -25.66
C TRP B 677 -15.68 2.63 -24.49
N VAL B 678 -16.25 3.63 -23.80
CA VAL B 678 -15.60 4.14 -22.60
C VAL B 678 -15.59 3.09 -21.50
N ILE B 679 -16.70 2.35 -21.37
CA ILE B 679 -16.78 1.30 -20.34
C ILE B 679 -15.79 0.20 -20.63
N VAL B 680 -15.69 -0.22 -21.90
CA VAL B 680 -14.81 -1.34 -22.26
C VAL B 680 -13.35 -1.00 -21.96
N LEU B 681 -12.93 0.21 -22.31
CA LEU B 681 -11.54 0.61 -22.08
C LEU B 681 -11.24 0.71 -20.59
N THR B 682 -12.19 1.21 -19.80
CA THR B 682 -11.95 1.40 -18.36
C THR B 682 -11.74 0.07 -17.65
N ILE B 683 -12.59 -0.93 -17.93
CA ILE B 683 -12.44 -2.22 -17.26
C ILE B 683 -11.22 -2.97 -17.77
N LEU B 684 -10.73 -2.67 -18.97
CA LEU B 684 -9.48 -3.26 -19.43
C LEU B 684 -8.29 -2.71 -18.66
N GLN B 685 -8.31 -1.41 -18.34
CA GLN B 685 -7.26 -0.82 -17.53
C GLN B 685 -7.29 -1.37 -16.11
N GLY B 686 -8.49 -1.56 -15.55
CA GLY B 686 -8.59 -2.17 -14.24
C GLY B 686 -8.10 -3.60 -14.21
N LEU B 687 -8.38 -4.36 -15.28
CA LEU B 687 -7.86 -5.72 -15.38
C LEU B 687 -6.34 -5.71 -15.46
N CYS B 688 -5.77 -4.75 -16.17
CA CYS B 688 -4.32 -4.60 -16.17
C CYS B 688 -3.81 -4.21 -14.77
N GLY B 689 -4.57 -3.39 -14.05
CA GLY B 689 -4.18 -3.02 -12.71
C GLY B 689 -4.15 -4.20 -11.75
N MET B 690 -5.17 -5.06 -11.82
CA MET B 690 -5.18 -6.23 -10.96
C MET B 690 -4.16 -7.28 -11.42
N CYS B 691 -3.80 -7.26 -12.70
CA CYS B 691 -2.73 -8.13 -13.18
C CYS B 691 -1.37 -7.61 -12.75
N PHE B 692 -1.23 -6.29 -12.57
CA PHE B 692 0.01 -5.72 -12.08
C PHE B 692 0.23 -6.02 -10.60
N GLY B 693 -0.83 -6.31 -9.85
CA GLY B 693 -0.69 -6.69 -8.46
C GLY B 693 -0.31 -8.13 -8.22
N PHE B 694 -0.42 -8.99 -9.24
CA PHE B 694 -0.07 -10.39 -9.07
C PHE B 694 1.43 -10.62 -9.22
N VAL B 695 2.07 -9.89 -10.13
CA VAL B 695 3.52 -10.01 -10.28
C VAL B 695 4.22 -9.49 -9.03
N ILE B 696 3.68 -8.42 -8.43
CA ILE B 696 4.24 -7.92 -7.18
C ILE B 696 4.10 -8.95 -6.08
N SER B 697 2.93 -9.57 -5.97
CA SER B 697 2.71 -10.59 -4.96
C SER B 697 3.57 -11.83 -5.22
N ALA B 698 3.71 -12.21 -6.48
CA ALA B 698 4.50 -13.40 -6.82
C ALA B 698 5.99 -13.17 -6.57
N ILE B 699 6.50 -12.00 -6.97
CA ILE B 699 7.93 -11.71 -6.81
C ILE B 699 8.26 -11.59 -5.32
N CYS B 700 7.46 -10.85 -4.58
CA CYS B 700 7.72 -10.66 -3.16
C CYS B 700 7.35 -11.92 -2.37
N GLU B 701 8.07 -12.13 -1.27
CA GLU B 701 7.83 -13.25 -0.38
C GLU B 701 7.29 -12.82 0.97
N LEU B 702 7.94 -11.87 1.64
CA LEU B 702 7.48 -11.41 2.93
C LEU B 702 6.24 -10.52 2.76
N GLU B 703 5.39 -10.53 3.79
CA GLU B 703 4.21 -9.66 3.77
C GLU B 703 4.60 -8.20 3.73
N ARG B 704 5.59 -7.80 4.54
CA ARG B 704 6.01 -6.41 4.60
C ARG B 704 6.80 -5.98 3.37
N ASN B 705 7.28 -6.93 2.57
CA ASN B 705 8.08 -6.60 1.40
C ASN B 705 7.24 -6.25 0.18
N ALA B 706 5.93 -6.53 0.21
CA ALA B 706 5.07 -6.29 -0.94
C ALA B 706 4.19 -5.06 -0.79
N ILE B 707 3.88 -4.66 0.44
CA ILE B 707 3.03 -3.47 0.64
C ILE B 707 3.73 -2.22 0.13
N GLN B 708 5.03 -2.09 0.40
CA GLN B 708 5.79 -0.91 0.03
C GLN B 708 6.11 -0.83 -1.45
N LEU B 709 6.08 -1.94 -2.18
CA LEU B 709 6.44 -1.92 -3.59
C LEU B 709 5.32 -1.33 -4.45
N ALA B 710 4.10 -1.83 -4.29
CA ALA B 710 2.96 -1.23 -4.97
C ALA B 710 2.72 0.19 -4.47
N LEU B 711 2.88 0.40 -3.16
CA LEU B 711 2.79 1.75 -2.60
C LEU B 711 3.90 2.65 -3.13
N GLY B 712 5.06 2.09 -3.43
CA GLY B 712 6.14 2.89 -4.00
C GLY B 712 5.96 3.26 -5.45
N SER B 713 4.95 2.70 -6.12
CA SER B 713 4.68 3.00 -7.52
C SER B 713 3.54 3.99 -7.70
N PHE B 714 3.13 4.67 -6.64
CA PHE B 714 2.05 5.66 -6.76
C PHE B 714 2.51 6.85 -7.58
N TYR B 715 3.52 7.57 -7.10
CA TYR B 715 3.96 8.79 -7.78
C TYR B 715 4.53 8.54 -9.17
N PRO B 716 5.43 7.56 -9.40
CA PRO B 716 6.06 7.46 -10.72
C PRO B 716 5.09 7.30 -11.88
N THR B 717 3.98 6.58 -11.69
CA THR B 717 2.98 6.47 -12.74
C THR B 717 2.07 7.69 -12.81
N LEU B 718 2.05 8.52 -11.77
CA LEU B 718 1.28 9.75 -11.80
C LEU B 718 2.01 10.90 -12.49
N LEU B 719 3.32 10.76 -12.70
CA LEU B 719 4.12 11.76 -13.39
C LEU B 719 4.55 11.35 -14.79
N LEU B 720 4.93 10.08 -14.97
CA LEU B 720 5.31 9.61 -16.29
C LEU B 720 4.12 9.63 -17.25
N SER B 721 2.94 9.28 -16.76
CA SER B 721 1.73 9.41 -17.56
C SER B 721 1.30 10.88 -17.63
N GLY B 722 0.50 11.19 -18.66
CA GLY B 722 0.01 12.53 -18.82
C GLY B 722 -1.29 12.75 -18.05
N VAL B 723 -1.19 13.33 -16.86
CA VAL B 723 -2.35 13.52 -16.00
C VAL B 723 -2.51 15.00 -15.67
N ILE B 724 -1.48 15.58 -15.04
CA ILE B 724 -1.51 16.97 -14.63
C ILE B 724 -0.64 17.86 -15.51
N TRP B 725 0.01 17.29 -16.53
CA TRP B 725 0.83 18.05 -17.44
C TRP B 725 0.86 17.32 -18.78
N PRO B 726 0.87 18.04 -19.90
CA PRO B 726 0.90 17.36 -21.20
C PRO B 726 2.16 16.52 -21.37
N ILE B 727 2.02 15.43 -22.12
CA ILE B 727 3.14 14.53 -22.38
C ILE B 727 4.22 15.16 -23.24
N GLU B 728 3.94 16.31 -23.86
CA GLU B 728 4.90 16.94 -24.75
C GLU B 728 5.96 17.77 -24.03
N GLY B 729 5.81 18.00 -22.72
CA GLY B 729 6.76 18.81 -22.00
C GLY B 729 8.05 18.09 -21.63
N MET B 730 8.04 16.77 -21.62
CA MET B 730 9.23 16.01 -21.25
C MET B 730 10.27 16.08 -22.36
N PRO B 731 11.53 15.82 -22.02
CA PRO B 731 12.59 15.81 -23.06
C PRO B 731 12.36 14.71 -24.09
N THR B 732 13.15 14.78 -25.16
CA THR B 732 12.97 13.90 -26.31
C THR B 732 13.30 12.44 -25.99
N VAL B 733 13.98 12.16 -24.89
CA VAL B 733 14.34 10.80 -24.52
C VAL B 733 13.36 10.22 -23.51
N LEU B 734 13.02 11.00 -22.47
CA LEU B 734 12.08 10.53 -21.47
C LEU B 734 10.69 10.33 -22.08
N ARG B 735 10.28 11.23 -22.98
CA ARG B 735 8.97 11.10 -23.62
C ARG B 735 8.89 9.81 -24.44
N TYR B 736 9.95 9.49 -25.19
CA TYR B 736 9.95 8.27 -25.98
C TYR B 736 9.86 7.03 -25.11
N VAL B 737 10.58 7.03 -23.98
CA VAL B 737 10.51 5.90 -23.06
C VAL B 737 9.15 5.84 -22.38
N SER B 738 8.56 7.00 -22.08
CA SER B 738 7.30 7.08 -21.36
C SER B 738 6.08 6.91 -22.27
N THR B 739 6.26 6.28 -23.43
CA THR B 739 5.15 5.95 -24.31
C THR B 739 4.71 4.48 -24.17
N PHE B 740 5.66 3.58 -23.95
CA PHE B 740 5.35 2.15 -23.80
C PHE B 740 5.02 1.80 -22.35
N LEU B 741 4.08 2.51 -21.76
CA LEU B 741 3.60 2.29 -20.41
C LEU B 741 2.11 2.06 -20.43
N PRO B 742 1.57 1.34 -19.44
CA PRO B 742 0.14 1.00 -19.49
C PRO B 742 -0.80 2.20 -19.50
N LEU B 743 -0.44 3.30 -18.84
CA LEU B 743 -1.37 4.41 -18.64
C LEU B 743 -1.16 5.57 -19.61
N THR B 744 0.04 5.73 -20.18
CA THR B 744 0.29 6.88 -21.03
C THR B 744 -0.47 6.82 -22.33
N LEU B 745 -0.61 5.63 -22.92
CA LEU B 745 -1.29 5.46 -24.20
C LEU B 745 -2.78 5.22 -24.04
N ALA B 746 -3.28 5.11 -22.80
CA ALA B 746 -4.70 4.95 -22.55
C ALA B 746 -5.40 6.26 -22.24
N THR B 747 -4.76 7.15 -21.48
CA THR B 747 -5.34 8.45 -21.22
C THR B 747 -5.46 9.27 -22.51
N THR B 748 -4.43 9.20 -23.36
CA THR B 748 -4.48 9.91 -24.63
C THR B 748 -5.60 9.38 -25.51
N SER B 749 -5.78 8.06 -25.55
CA SER B 749 -6.88 7.48 -26.31
C SER B 749 -8.23 7.88 -25.72
N LEU B 750 -8.34 7.87 -24.39
CA LEU B 750 -9.59 8.27 -23.76
C LEU B 750 -9.84 9.77 -23.87
N ARG B 751 -8.77 10.58 -23.93
CA ARG B 751 -8.93 12.02 -24.13
C ARG B 751 -9.43 12.34 -25.53
N ALA B 752 -9.21 11.46 -26.49
CA ALA B 752 -9.70 11.64 -27.85
C ALA B 752 -11.09 11.07 -28.07
N MET B 753 -11.70 10.53 -27.02
CA MET B 753 -13.05 9.97 -27.09
C MET B 753 -14.06 10.76 -26.27
N LEU B 754 -13.66 11.26 -25.10
CA LEU B 754 -14.60 12.03 -24.27
C LEU B 754 -14.84 13.42 -24.83
N THR B 755 -13.79 14.08 -25.34
CA THR B 755 -13.89 15.46 -25.80
C THR B 755 -14.02 15.56 -27.32
N ARG B 756 -13.07 14.98 -28.06
CA ARG B 756 -13.08 15.11 -29.51
C ARG B 756 -14.28 14.40 -30.13
N GLY B 757 -14.62 13.21 -29.62
CA GLY B 757 -15.74 12.45 -30.13
C GLY B 757 -15.38 11.42 -31.18
N TRP B 758 -14.10 11.06 -31.33
CA TRP B 758 -13.70 10.08 -32.32
C TRP B 758 -14.24 8.70 -31.96
N SER B 759 -14.02 7.74 -32.86
CA SER B 759 -14.45 6.37 -32.69
C SER B 759 -13.23 5.46 -32.63
N ILE B 760 -13.49 4.15 -32.52
CA ILE B 760 -12.40 3.18 -32.39
C ILE B 760 -11.58 3.11 -33.68
N ALA B 761 -12.21 3.36 -34.82
CA ALA B 761 -11.53 3.20 -36.11
C ALA B 761 -10.37 4.18 -36.27
N GLU B 762 -10.34 5.26 -35.51
CA GLU B 762 -9.25 6.22 -35.64
C GLU B 762 -7.93 5.62 -35.14
N PRO B 763 -6.82 5.91 -35.80
CA PRO B 763 -5.53 5.32 -35.37
C PRO B 763 -5.13 5.69 -33.96
N ALA B 764 -5.52 6.88 -33.49
CA ALA B 764 -5.11 7.34 -32.16
C ALA B 764 -5.95 6.75 -31.04
N VAL B 765 -7.03 6.03 -31.36
CA VAL B 765 -7.95 5.51 -30.36
C VAL B 765 -7.68 4.04 -30.07
N TYR B 766 -7.57 3.21 -31.10
CA TYR B 766 -7.36 1.78 -30.86
C TYR B 766 -5.94 1.44 -30.43
N TYR B 767 -5.03 2.41 -30.47
CA TYR B 767 -3.69 2.17 -29.92
C TYR B 767 -3.75 1.95 -28.42
N GLY B 768 -4.66 2.65 -27.72
CA GLY B 768 -4.80 2.43 -26.29
C GLY B 768 -5.26 1.02 -25.96
N PHE B 769 -6.20 0.49 -26.75
CA PHE B 769 -6.63 -0.89 -26.55
C PHE B 769 -5.51 -1.87 -26.87
N LEU B 770 -4.72 -1.58 -27.92
CA LEU B 770 -3.64 -2.48 -28.29
C LEU B 770 -2.51 -2.43 -27.28
N ALA B 771 -2.24 -1.27 -26.70
CA ALA B 771 -1.16 -1.11 -25.74
C ALA B 771 -1.55 -1.47 -24.32
N THR B 772 -2.85 -1.69 -24.06
CA THR B 772 -3.31 -2.13 -22.76
C THR B 772 -3.63 -3.61 -22.71
N ILE B 773 -3.67 -4.28 -23.86
CA ILE B 773 -3.88 -5.73 -23.89
C ILE B 773 -2.54 -6.47 -23.86
N ILE B 774 -1.51 -5.92 -24.50
CA ILE B 774 -0.19 -6.54 -24.48
C ILE B 774 0.35 -6.59 -23.05
N TRP B 775 0.18 -5.49 -22.30
CA TRP B 775 0.65 -5.46 -20.93
C TRP B 775 -0.13 -6.43 -20.04
N ILE B 776 -1.40 -6.67 -20.35
CA ILE B 776 -2.16 -7.68 -19.61
C ILE B 776 -1.55 -9.06 -19.82
N VAL B 777 -1.22 -9.39 -21.06
CA VAL B 777 -0.58 -10.68 -21.34
C VAL B 777 0.80 -10.74 -20.70
N ALA B 778 1.57 -9.66 -20.83
CA ALA B 778 2.93 -9.65 -20.29
C ALA B 778 2.92 -9.75 -18.77
N PHE B 779 1.95 -9.13 -18.10
CA PHE B 779 1.84 -9.23 -16.64
C PHE B 779 1.30 -10.57 -16.19
N LEU B 780 0.81 -11.40 -17.11
CA LEU B 780 0.29 -12.71 -16.76
C LEU B 780 1.32 -13.83 -16.95
N THR B 781 2.06 -13.81 -18.06
CA THR B 781 3.09 -14.82 -18.27
C THR B 781 4.21 -14.70 -17.24
N ILE B 782 4.58 -13.46 -16.90
CA ILE B 782 5.62 -13.24 -15.91
C ILE B 782 5.19 -13.76 -14.54
N SER B 783 3.94 -13.49 -14.16
CA SER B 783 3.42 -13.98 -12.89
C SER B 783 3.31 -15.50 -12.91
N MET B 784 2.86 -16.08 -14.03
CA MET B 784 2.75 -17.53 -14.13
C MET B 784 4.13 -18.19 -14.08
N LEU B 785 5.13 -17.59 -14.73
CA LEU B 785 6.47 -18.16 -14.72
C LEU B 785 7.05 -18.20 -13.32
N VAL B 786 6.85 -17.14 -12.54
CA VAL B 786 7.36 -17.10 -11.18
C VAL B 786 6.70 -18.17 -10.32
N LEU B 787 5.37 -18.30 -10.44
CA LEU B 787 4.65 -19.31 -9.67
C LEU B 787 5.12 -20.72 -10.03
N ARG B 788 5.30 -20.99 -11.32
CA ARG B 788 5.79 -22.30 -11.74
C ARG B 788 7.24 -22.52 -11.31
N PHE B 789 8.03 -21.45 -11.24
CA PHE B 789 9.43 -21.57 -10.83
C PHE B 789 9.54 -22.09 -9.41
N LYS B 790 8.70 -21.60 -8.50
CA LYS B 790 8.71 -22.04 -7.12
C LYS B 790 7.33 -22.49 -6.68
PG ATP C . -5.88 -31.37 24.22
O1G ATP C . -5.15 -32.06 25.31
O2G ATP C . -6.91 -32.25 23.51
O3G ATP C . -4.96 -30.74 23.16
PB ATP C . -6.74 -29.17 26.04
O1B ATP C . -6.85 -29.92 27.31
O2B ATP C . -5.53 -28.25 25.91
O3B ATP C . -6.73 -30.15 24.79
PA ATP C . -8.49 -26.79 25.98
O1A ATP C . -7.83 -25.88 25.02
O2A ATP C . -8.24 -26.46 27.45
O3A ATP C . -8.04 -28.29 25.75
O5' ATP C . -10.05 -26.84 25.73
C5' ATP C . -10.93 -25.84 26.26
C4' ATP C . -12.34 -26.14 25.84
O4' ATP C . -12.95 -24.95 25.29
C3' ATP C . -12.50 -27.18 24.73
O3' ATP C . -13.78 -27.79 24.77
C2' ATP C . -12.30 -26.34 23.47
O2' ATP C . -13.01 -26.88 22.36
C1' ATP C . -12.89 -24.98 23.88
N9 ATP C . -12.10 -23.84 23.43
C8 ATP C . -10.74 -23.73 23.41
N7 ATP C . -10.29 -22.58 22.95
C5 ATP C . -11.45 -21.89 22.65
C6 ATP C . -11.68 -20.59 22.13
N6 ATP C . -10.69 -19.75 21.80
N1 ATP C . -12.96 -20.20 21.95
C2 ATP C . -13.94 -21.05 22.27
N3 ATP C . -13.85 -22.28 22.77
C4 ATP C . -12.57 -22.64 22.94
MG MG D . -1.65 -29.28 26.62
PG ATP E . 12.57 -35.18 14.53
O1G ATP E . 12.17 -36.60 14.66
O2G ATP E . 13.61 -34.74 15.56
O3G ATP E . 11.40 -34.21 14.54
PB ATP E . 13.17 -35.38 11.61
O1B ATP E . 13.46 -36.82 11.44
O2B ATP E . 11.80 -34.92 11.10
O3B ATP E . 13.29 -34.93 13.11
PA ATP E . 14.48 -33.82 9.46
O1A ATP E . 13.46 -32.79 9.17
O2A ATP E . 14.52 -34.97 8.46
O3A ATP E . 14.26 -34.45 10.90
O5' ATP E . 15.92 -33.20 9.55
C5' ATP E . 17.10 -34.02 9.49
C4' ATP E . 18.33 -33.15 9.38
O4' ATP E . 18.14 -32.17 8.33
C3' ATP E . 18.69 -32.36 10.63
O3' ATP E . 20.10 -32.28 10.80
C2' ATP E . 18.07 -30.99 10.36
O2' ATP E . 18.78 -29.95 11.04
C1' ATP E . 18.26 -30.87 8.85
N9 ATP E . 17.29 -30.01 8.19
C8 ATP E . 15.92 -30.11 8.27
N7 ATP E . 15.28 -29.21 7.56
C5 ATP E . 16.29 -28.46 6.99
C6 ATP E . 16.28 -27.36 6.12
N6 ATP E . 15.16 -26.77 5.67
N1 ATP E . 17.47 -26.85 5.73
C2 ATP E . 18.59 -27.42 6.18
N3 ATP E . 18.72 -28.47 6.99
C4 ATP E . 17.53 -28.95 7.36
MG MG F . 7.95 -35.86 11.57
#